data_2CTK
#
_entry.id   2CTK
#
_entity_poly.entity_id   1
_entity_poly.type   'polypeptide(L)'
_entity_poly.pdbx_seq_one_letter_code
;GSSGSSGKEALEALVPVTIEVEVPFDLHRYVIGQKGSGIRKMMDEFEVNIHVPAPELQSDIIAITGLAANLDRAKAGLLE
RVKELQAEQEDRALRSFKSGPSSG
;
_entity_poly.pdbx_strand_id   A
#
# COMPACT_ATOMS: atom_id res chain seq x y z
N GLY A 1 5.03 -26.28 -8.54
CA GLY A 1 6.43 -25.94 -8.38
C GLY A 1 6.65 -24.83 -7.37
N SER A 2 6.00 -24.96 -6.22
CA SER A 2 6.13 -23.95 -5.16
C SER A 2 6.18 -24.62 -3.79
N SER A 3 7.15 -24.21 -2.98
CA SER A 3 7.32 -24.76 -1.65
C SER A 3 8.26 -23.90 -0.81
N GLY A 4 8.25 -24.10 0.50
CA GLY A 4 9.10 -23.35 1.39
C GLY A 4 8.32 -22.41 2.29
N SER A 5 8.88 -22.09 3.45
CA SER A 5 8.22 -21.21 4.40
C SER A 5 9.19 -20.81 5.52
N SER A 6 9.35 -19.50 5.72
CA SER A 6 10.24 -19.00 6.76
C SER A 6 9.99 -17.51 7.00
N GLY A 7 10.00 -17.13 8.27
CA GLY A 7 9.78 -15.73 8.62
C GLY A 7 10.05 -15.46 10.09
N LYS A 8 11.31 -15.57 10.50
CA LYS A 8 11.70 -15.33 11.88
C LYS A 8 12.00 -13.85 12.11
N GLU A 9 11.66 -13.36 13.30
CA GLU A 9 11.89 -11.96 13.65
C GLU A 9 11.93 -11.77 15.16
N ALA A 10 12.96 -11.10 15.65
CA ALA A 10 13.11 -10.85 17.07
C ALA A 10 13.34 -9.37 17.35
N LEU A 11 12.27 -8.66 17.68
CA LEU A 11 12.36 -7.24 17.97
C LEU A 11 11.31 -6.82 19.00
N GLU A 12 11.74 -6.12 20.04
CA GLU A 12 10.84 -5.67 21.09
C GLU A 12 11.06 -4.19 21.39
N ALA A 13 10.01 -3.39 21.20
CA ALA A 13 10.07 -1.96 21.44
C ALA A 13 8.71 -1.40 21.82
N LEU A 14 8.68 -0.13 22.22
CA LEU A 14 7.43 0.53 22.60
C LEU A 14 7.04 1.59 21.59
N VAL A 15 8.01 2.42 21.21
CA VAL A 15 7.77 3.49 20.24
C VAL A 15 7.73 2.94 18.82
N PRO A 16 6.78 3.45 18.01
CA PRO A 16 6.62 3.03 16.62
C PRO A 16 7.77 3.51 15.74
N VAL A 17 7.69 3.19 14.45
CA VAL A 17 8.71 3.59 13.49
C VAL A 17 8.11 3.86 12.12
N THR A 18 8.74 4.77 11.37
CA THR A 18 8.27 5.11 10.04
C THR A 18 8.98 4.29 8.96
N ILE A 19 8.23 3.82 7.98
CA ILE A 19 8.79 3.02 6.90
C ILE A 19 8.54 3.68 5.55
N GLU A 20 8.95 3.00 4.48
CA GLU A 20 8.77 3.52 3.13
C GLU A 20 8.15 2.47 2.22
N VAL A 21 7.09 2.85 1.52
CA VAL A 21 6.41 1.93 0.62
C VAL A 21 6.36 2.49 -0.80
N GLU A 22 6.71 1.66 -1.77
CA GLU A 22 6.71 2.07 -3.17
C GLU A 22 5.29 2.08 -3.73
N VAL A 23 4.84 3.27 -4.14
CA VAL A 23 3.50 3.41 -4.70
C VAL A 23 3.42 4.62 -5.63
N PRO A 24 2.80 4.42 -6.80
CA PRO A 24 2.64 5.48 -7.80
C PRO A 24 1.67 6.57 -7.36
N PHE A 25 2.09 7.82 -7.46
CA PHE A 25 1.25 8.94 -7.06
C PHE A 25 -0.07 8.94 -7.84
N ASP A 26 -0.08 8.22 -8.96
CA ASP A 26 -1.27 8.13 -9.79
C ASP A 26 -2.37 7.32 -9.09
N LEU A 27 -1.97 6.56 -8.06
CA LEU A 27 -2.91 5.75 -7.31
C LEU A 27 -3.31 6.43 -6.01
N HIS A 28 -2.40 7.22 -5.45
CA HIS A 28 -2.66 7.93 -4.21
C HIS A 28 -4.09 8.46 -4.18
N ARG A 29 -4.40 9.38 -5.08
CA ARG A 29 -5.73 9.97 -5.16
C ARG A 29 -6.80 8.91 -4.93
N TYR A 30 -6.54 7.70 -5.41
CA TYR A 30 -7.49 6.60 -5.25
C TYR A 30 -7.37 5.97 -3.87
N VAL A 31 -6.14 5.92 -3.35
CA VAL A 31 -5.90 5.34 -2.04
C VAL A 31 -6.48 6.21 -0.93
N ILE A 32 -6.17 7.50 -0.97
CA ILE A 32 -6.67 8.44 0.03
C ILE A 32 -8.18 8.50 0.01
N GLY A 33 -8.75 8.83 -1.15
CA GLY A 33 -10.19 8.92 -1.28
C GLY A 33 -10.68 10.36 -1.37
N GLN A 34 -11.98 10.52 -1.59
CA GLN A 34 -12.56 11.86 -1.69
C GLN A 34 -11.99 12.79 -0.64
N LYS A 35 -11.92 12.31 0.59
CA LYS A 35 -11.39 13.10 1.70
C LYS A 35 -10.25 12.37 2.40
N GLY A 36 -10.47 11.08 2.69
CA GLY A 36 -9.45 10.29 3.35
C GLY A 36 -10.03 9.17 4.19
N SER A 37 -11.07 8.53 3.66
CA SER A 37 -11.73 7.45 4.38
C SER A 37 -11.07 6.11 4.05
N GLY A 38 -11.00 5.78 2.76
CA GLY A 38 -10.40 4.54 2.34
C GLY A 38 -9.22 4.14 3.21
N ILE A 39 -8.33 5.10 3.48
CA ILE A 39 -7.16 4.85 4.31
C ILE A 39 -7.54 4.72 5.78
N ARG A 40 -8.53 5.50 6.20
CA ARG A 40 -8.99 5.47 7.59
C ARG A 40 -9.29 4.05 8.03
N LYS A 41 -9.78 3.23 7.11
CA LYS A 41 -10.10 1.84 7.40
C LYS A 41 -8.87 1.08 7.85
N MET A 42 -7.72 1.41 7.27
CA MET A 42 -6.46 0.76 7.62
C MET A 42 -5.95 1.26 8.96
N MET A 43 -5.66 2.55 9.03
CA MET A 43 -5.15 3.15 10.26
C MET A 43 -5.96 2.67 11.47
N ASP A 44 -7.22 2.34 11.24
CA ASP A 44 -8.10 1.88 12.31
C ASP A 44 -8.01 0.36 12.46
N GLU A 45 -7.81 -0.33 11.34
CA GLU A 45 -7.72 -1.78 11.34
C GLU A 45 -6.32 -2.22 11.74
N PHE A 46 -5.32 -1.85 10.94
CA PHE A 46 -3.94 -2.21 11.21
C PHE A 46 -3.38 -1.40 12.37
N GLU A 47 -4.17 -0.44 12.86
CA GLU A 47 -3.75 0.41 13.96
C GLU A 47 -2.41 1.07 13.67
N VAL A 48 -2.34 1.75 12.53
CA VAL A 48 -1.10 2.43 12.13
C VAL A 48 -1.41 3.82 11.58
N ASN A 49 -0.36 4.52 11.15
CA ASN A 49 -0.51 5.86 10.60
C ASN A 49 0.13 5.95 9.22
N ILE A 50 -0.69 6.25 8.22
CA ILE A 50 -0.20 6.37 6.84
C ILE A 50 -0.17 7.83 6.40
N HIS A 51 0.96 8.24 5.84
CA HIS A 51 1.11 9.62 5.36
C HIS A 51 1.50 9.64 3.89
N VAL A 52 0.73 10.38 3.09
CA VAL A 52 0.98 10.49 1.67
C VAL A 52 1.65 11.82 1.33
N PRO A 53 2.64 11.77 0.42
CA PRO A 53 3.37 12.96 -0.01
C PRO A 53 2.51 13.90 -0.86
N ALA A 54 2.64 15.20 -0.60
CA ALA A 54 1.87 16.20 -1.35
C ALA A 54 2.14 16.09 -2.84
N PRO A 55 1.25 16.70 -3.64
CA PRO A 55 1.38 16.69 -5.10
C PRO A 55 2.56 17.52 -5.60
N GLU A 56 2.88 18.58 -4.86
CA GLU A 56 3.99 19.45 -5.22
C GLU A 56 5.33 18.75 -5.04
N LEU A 57 5.29 17.58 -4.40
CA LEU A 57 6.50 16.80 -4.15
C LEU A 57 6.70 15.76 -5.25
N GLN A 58 5.60 15.28 -5.81
CA GLN A 58 5.66 14.29 -6.88
C GLN A 58 6.41 13.04 -6.41
N SER A 59 6.22 12.69 -5.13
CA SER A 59 6.89 11.52 -4.57
C SER A 59 5.97 10.30 -4.62
N ASP A 60 6.55 9.14 -4.92
CA ASP A 60 5.79 7.90 -5.00
C ASP A 60 6.11 7.00 -3.82
N ILE A 61 6.73 7.55 -2.79
CA ILE A 61 7.10 6.79 -1.61
C ILE A 61 6.25 7.20 -0.40
N ILE A 62 5.31 6.35 -0.03
CA ILE A 62 4.44 6.62 1.10
C ILE A 62 5.10 6.23 2.41
N ALA A 63 4.94 7.09 3.42
CA ALA A 63 5.52 6.83 4.74
C ALA A 63 4.48 6.29 5.71
N ILE A 64 4.79 5.18 6.36
CA ILE A 64 3.88 4.57 7.31
C ILE A 64 4.52 4.46 8.69
N THR A 65 3.90 5.08 9.67
CA THR A 65 4.41 5.05 11.04
C THR A 65 3.67 4.03 11.89
N GLY A 66 4.42 3.31 12.74
CA GLY A 66 3.81 2.31 13.58
C GLY A 66 4.80 1.24 14.01
N LEU A 67 4.36 0.32 14.87
CA LEU A 67 5.20 -0.75 15.35
C LEU A 67 5.60 -1.69 14.22
N ALA A 68 6.88 -2.05 14.18
CA ALA A 68 7.39 -2.95 13.14
C ALA A 68 6.39 -4.07 12.86
N ALA A 69 5.67 -4.50 13.89
CA ALA A 69 4.68 -5.57 13.74
C ALA A 69 3.50 -5.09 12.91
N ASN A 70 3.02 -3.90 13.21
CA ASN A 70 1.88 -3.34 12.49
C ASN A 70 2.28 -2.92 11.07
N LEU A 71 3.49 -2.39 10.94
CA LEU A 71 3.99 -1.95 9.65
C LEU A 71 4.01 -3.10 8.64
N ASP A 72 4.28 -4.30 9.15
CA ASP A 72 4.33 -5.49 8.31
C ASP A 72 2.94 -5.80 7.74
N ARG A 73 1.99 -6.02 8.62
CA ARG A 73 0.62 -6.33 8.22
C ARG A 73 0.06 -5.24 7.30
N ALA A 74 0.29 -3.99 7.69
CA ALA A 74 -0.18 -2.85 6.91
C ALA A 74 0.50 -2.79 5.54
N LYS A 75 1.82 -2.71 5.55
CA LYS A 75 2.60 -2.65 4.32
C LYS A 75 2.17 -3.76 3.37
N ALA A 76 1.85 -4.93 3.92
CA ALA A 76 1.44 -6.07 3.11
C ALA A 76 0.10 -5.81 2.44
N GLY A 77 -0.77 -5.06 3.11
CA GLY A 77 -2.07 -4.75 2.56
C GLY A 77 -1.99 -3.78 1.39
N LEU A 78 -1.17 -2.74 1.54
CA LEU A 78 -1.01 -1.74 0.49
C LEU A 78 -0.39 -2.36 -0.76
N LEU A 79 0.80 -2.94 -0.60
CA LEU A 79 1.50 -3.58 -1.71
C LEU A 79 0.52 -4.37 -2.59
N GLU A 80 -0.28 -5.20 -1.95
CA GLU A 80 -1.27 -6.01 -2.67
C GLU A 80 -2.36 -5.14 -3.28
N ARG A 81 -2.75 -4.09 -2.56
CA ARG A 81 -3.78 -3.17 -3.02
C ARG A 81 -3.32 -2.44 -4.28
N VAL A 82 -2.03 -2.12 -4.34
CA VAL A 82 -1.47 -1.41 -5.49
C VAL A 82 -1.41 -2.32 -6.71
N LYS A 83 -0.96 -3.56 -6.52
CA LYS A 83 -0.85 -4.52 -7.60
C LYS A 83 -2.23 -4.88 -8.14
N GLU A 84 -3.21 -4.95 -7.25
CA GLU A 84 -4.58 -5.29 -7.64
C GLU A 84 -5.28 -4.08 -8.25
N LEU A 85 -4.93 -2.90 -7.77
CA LEU A 85 -5.53 -1.66 -8.27
C LEU A 85 -5.07 -1.37 -9.69
N GLN A 86 -3.75 -1.31 -9.87
CA GLN A 86 -3.18 -1.04 -11.19
C GLN A 86 -3.64 -2.07 -12.21
N ALA A 87 -3.66 -3.34 -11.79
CA ALA A 87 -4.09 -4.42 -12.68
C ALA A 87 -5.45 -4.13 -13.29
N GLU A 88 -6.28 -3.41 -12.55
CA GLU A 88 -7.62 -3.07 -13.03
C GLU A 88 -7.59 -1.77 -13.84
N GLN A 89 -7.33 -0.66 -13.15
CA GLN A 89 -7.27 0.64 -13.82
C GLN A 89 -6.43 0.57 -15.08
N GLU A 90 -5.45 -0.32 -15.09
CA GLU A 90 -4.57 -0.50 -16.24
C GLU A 90 -5.17 -1.46 -17.26
N ASP A 91 -5.77 -2.53 -16.75
CA ASP A 91 -6.39 -3.53 -17.61
C ASP A 91 -7.21 -2.88 -18.71
N ARG A 92 -8.17 -2.05 -18.30
CA ARG A 92 -9.04 -1.36 -19.25
C ARG A 92 -8.21 -0.58 -20.26
N ALA A 93 -7.03 -0.15 -19.86
CA ALA A 93 -6.14 0.61 -20.72
C ALA A 93 -5.33 -0.31 -21.63
N LEU A 94 -5.02 -1.51 -21.12
CA LEU A 94 -4.25 -2.48 -21.89
C LEU A 94 -4.95 -2.80 -23.21
N ARG A 95 -6.18 -3.28 -23.12
CA ARG A 95 -6.96 -3.63 -24.30
C ARG A 95 -7.28 -2.39 -25.12
N SER A 96 -6.28 -1.89 -25.85
CA SER A 96 -6.46 -0.70 -26.67
C SER A 96 -6.87 -1.08 -28.09
N PHE A 97 -8.12 -1.51 -28.25
CA PHE A 97 -8.62 -1.91 -29.56
C PHE A 97 -8.25 -0.88 -30.62
N LYS A 98 -7.20 -1.19 -31.38
CA LYS A 98 -6.74 -0.30 -32.44
C LYS A 98 -5.79 -1.02 -33.39
N SER A 99 -5.42 -0.35 -34.47
CA SER A 99 -4.52 -0.93 -35.47
C SER A 99 -3.17 -1.28 -34.84
N GLY A 100 -2.43 -2.15 -35.50
CA GLY A 100 -1.13 -2.55 -35.00
C GLY A 100 -1.13 -3.99 -34.48
N PRO A 101 0.08 -4.57 -34.37
CA PRO A 101 0.24 -5.95 -33.88
C PRO A 101 -0.08 -6.08 -32.40
N SER A 102 -1.00 -6.99 -32.07
CA SER A 102 -1.39 -7.21 -30.69
C SER A 102 -1.50 -8.70 -30.38
N SER A 103 -0.82 -9.13 -29.33
CA SER A 103 -0.84 -10.54 -28.93
C SER A 103 -2.22 -10.95 -28.41
N GLY A 104 -2.46 -12.25 -28.35
CA GLY A 104 -3.73 -12.75 -27.86
C GLY A 104 -3.57 -13.83 -26.82
N GLY A 1 7.45 -24.75 -7.56
CA GLY A 1 6.70 -24.61 -6.33
C GLY A 1 7.24 -23.49 -5.46
N SER A 2 6.33 -22.64 -4.96
CA SER A 2 6.72 -21.52 -4.12
C SER A 2 7.20 -22.02 -2.76
N SER A 3 8.44 -22.50 -2.72
CA SER A 3 9.03 -23.00 -1.47
C SER A 3 10.19 -22.13 -1.03
N GLY A 4 10.12 -21.65 0.22
CA GLY A 4 11.18 -20.81 0.74
C GLY A 4 10.68 -19.43 1.17
N SER A 5 10.10 -19.37 2.36
CA SER A 5 9.56 -18.13 2.88
C SER A 5 10.67 -17.29 3.53
N SER A 6 10.76 -16.03 3.10
CA SER A 6 11.79 -15.13 3.63
C SER A 6 11.15 -14.01 4.44
N GLY A 7 11.98 -13.28 5.19
CA GLY A 7 11.48 -12.19 6.00
C GLY A 7 11.16 -12.62 7.43
N LYS A 8 12.00 -12.20 8.36
CA LYS A 8 11.81 -12.54 9.76
C LYS A 8 12.51 -11.53 10.67
N GLU A 9 11.92 -11.29 11.84
CA GLU A 9 12.49 -10.34 12.80
C GLU A 9 12.12 -10.75 14.23
N ALA A 10 13.03 -10.45 15.16
CA ALA A 10 12.82 -10.78 16.57
C ALA A 10 13.18 -9.60 17.46
N LEU A 11 12.16 -8.87 17.91
CA LEU A 11 12.38 -7.72 18.77
C LEU A 11 11.05 -7.18 19.31
N GLU A 12 11.12 -6.08 20.05
CA GLU A 12 9.92 -5.46 20.61
C GLU A 12 10.21 -4.05 21.10
N ALA A 13 9.63 -3.06 20.41
CA ALA A 13 9.82 -1.67 20.78
C ALA A 13 8.49 -0.99 21.12
N LEU A 14 8.52 -0.11 22.10
CA LEU A 14 7.31 0.60 22.52
C LEU A 14 6.97 1.72 21.54
N VAL A 15 7.99 2.40 21.05
CA VAL A 15 7.80 3.49 20.09
C VAL A 15 7.78 2.97 18.66
N PRO A 16 6.83 3.48 17.86
CA PRO A 16 6.68 3.09 16.45
C PRO A 16 7.84 3.57 15.58
N VAL A 17 7.80 3.21 14.30
CA VAL A 17 8.85 3.62 13.36
C VAL A 17 8.25 3.95 12.00
N THR A 18 9.01 4.72 11.21
CA THR A 18 8.56 5.11 9.88
C THR A 18 9.22 4.25 8.81
N ILE A 19 8.41 3.80 7.85
CA ILE A 19 8.91 2.97 6.76
C ILE A 19 8.60 3.59 5.40
N GLU A 20 9.10 2.97 4.34
CA GLU A 20 8.87 3.45 2.99
C GLU A 20 8.17 2.40 2.13
N VAL A 21 7.18 2.83 1.36
CA VAL A 21 6.43 1.91 0.50
C VAL A 21 6.36 2.46 -0.92
N GLU A 22 6.95 1.73 -1.86
CA GLU A 22 6.94 2.14 -3.27
C GLU A 22 5.53 2.05 -3.84
N VAL A 23 4.96 3.20 -4.18
CA VAL A 23 3.62 3.26 -4.75
C VAL A 23 3.48 4.42 -5.71
N PRO A 24 2.81 4.19 -6.84
CA PRO A 24 2.58 5.22 -7.86
C PRO A 24 1.61 6.30 -7.40
N PHE A 25 2.03 7.55 -7.50
CA PHE A 25 1.20 8.67 -7.07
C PHE A 25 -0.16 8.62 -7.77
N ASP A 26 -0.17 8.18 -9.02
CA ASP A 26 -1.41 8.07 -9.78
C ASP A 26 -2.48 7.31 -9.00
N LEU A 27 -2.04 6.54 -8.00
CA LEU A 27 -2.96 5.77 -7.18
C LEU A 27 -3.28 6.51 -5.89
N HIS A 28 -2.30 7.24 -5.36
CA HIS A 28 -2.48 8.00 -4.13
C HIS A 28 -3.88 8.60 -4.06
N ARG A 29 -4.21 9.40 -5.06
CA ARG A 29 -5.52 10.05 -5.11
C ARG A 29 -6.63 9.06 -4.80
N TYR A 30 -6.48 7.83 -5.30
CA TYR A 30 -7.48 6.79 -5.07
C TYR A 30 -7.34 6.20 -3.67
N VAL A 31 -6.09 5.98 -3.25
CA VAL A 31 -5.82 5.42 -1.94
C VAL A 31 -6.42 6.29 -0.83
N ILE A 32 -6.09 7.58 -0.86
CA ILE A 32 -6.59 8.52 0.14
C ILE A 32 -8.10 8.69 0.02
N GLY A 33 -8.55 9.18 -1.13
CA GLY A 33 -9.96 9.38 -1.36
C GLY A 33 -10.41 10.79 -1.01
N GLN A 34 -11.39 11.29 -1.77
CA GLN A 34 -11.90 12.64 -1.54
C GLN A 34 -12.13 12.90 -0.05
N LYS A 35 -12.82 11.96 0.61
CA LYS A 35 -13.10 12.09 2.03
C LYS A 35 -11.96 11.50 2.87
N GLY A 36 -11.69 10.22 2.67
CA GLY A 36 -10.62 9.57 3.41
C GLY A 36 -11.11 8.34 4.15
N SER A 37 -11.71 7.41 3.42
CA SER A 37 -12.22 6.18 4.02
C SER A 37 -11.23 5.04 3.86
N GLY A 38 -10.95 4.67 2.60
CA GLY A 38 -10.01 3.60 2.34
C GLY A 38 -8.87 3.56 3.35
N ILE A 39 -8.04 4.59 3.34
CA ILE A 39 -6.91 4.67 4.25
C ILE A 39 -7.36 4.51 5.71
N ARG A 40 -8.42 5.23 6.07
CA ARG A 40 -8.95 5.18 7.42
C ARG A 40 -9.17 3.73 7.86
N LYS A 41 -9.91 2.98 7.04
CA LYS A 41 -10.20 1.58 7.33
C LYS A 41 -8.93 0.84 7.76
N MET A 42 -7.86 1.05 7.01
CA MET A 42 -6.59 0.39 7.31
C MET A 42 -6.01 0.91 8.63
N MET A 43 -5.72 2.21 8.68
CA MET A 43 -5.17 2.81 9.89
C MET A 43 -5.90 2.33 11.12
N ASP A 44 -7.23 2.34 11.07
CA ASP A 44 -8.06 1.91 12.19
C ASP A 44 -7.86 0.42 12.45
N GLU A 45 -7.70 -0.35 11.37
CA GLU A 45 -7.52 -1.79 11.48
C GLU A 45 -6.17 -2.13 12.13
N PHE A 46 -5.11 -1.64 11.52
CA PHE A 46 -3.76 -1.88 12.04
C PHE A 46 -3.35 -0.78 13.02
N GLU A 47 -4.31 0.04 13.42
CA GLU A 47 -4.05 1.13 14.35
C GLU A 47 -2.74 1.83 14.01
N VAL A 48 -2.46 1.96 12.72
CA VAL A 48 -1.24 2.61 12.25
C VAL A 48 -1.54 3.98 11.67
N ASN A 49 -0.51 4.64 11.14
CA ASN A 49 -0.66 5.96 10.55
C ASN A 49 0.02 6.03 9.18
N ILE A 50 -0.78 6.26 8.15
CA ILE A 50 -0.24 6.34 6.79
C ILE A 50 -0.18 7.79 6.32
N HIS A 51 0.98 8.18 5.79
CA HIS A 51 1.18 9.54 5.30
C HIS A 51 1.61 9.53 3.84
N VAL A 52 0.86 10.27 3.01
CA VAL A 52 1.17 10.34 1.58
C VAL A 52 1.75 11.71 1.22
N PRO A 53 2.77 11.70 0.35
CA PRO A 53 3.43 12.92 -0.10
C PRO A 53 2.55 13.77 -1.01
N ALA A 54 2.48 15.06 -0.71
CA ALA A 54 1.67 15.98 -1.50
C ALA A 54 2.03 15.91 -2.99
N PRO A 55 1.17 16.49 -3.84
CA PRO A 55 1.39 16.50 -5.28
C PRO A 55 2.55 17.40 -5.69
N GLU A 56 2.94 18.31 -4.80
CA GLU A 56 4.03 19.23 -5.07
C GLU A 56 5.38 18.53 -4.89
N LEU A 57 5.42 17.55 -4.00
CA LEU A 57 6.64 16.79 -3.73
C LEU A 57 6.96 15.84 -4.87
N GLN A 58 5.92 15.45 -5.62
CA GLN A 58 6.09 14.54 -6.74
C GLN A 58 6.87 13.30 -6.33
N SER A 59 6.41 12.64 -5.27
CA SER A 59 7.07 11.44 -4.76
C SER A 59 6.10 10.26 -4.77
N ASP A 60 6.64 9.07 -5.06
CA ASP A 60 5.83 7.86 -5.09
C ASP A 60 6.14 6.96 -3.90
N ILE A 61 6.86 7.51 -2.92
CA ILE A 61 7.22 6.77 -1.72
C ILE A 61 6.34 7.17 -0.54
N ILE A 62 5.46 6.27 -0.14
CA ILE A 62 4.56 6.54 0.99
C ILE A 62 5.20 6.12 2.30
N ALA A 63 4.99 6.93 3.34
CA ALA A 63 5.54 6.65 4.66
C ALA A 63 4.47 6.13 5.60
N ILE A 64 4.75 5.00 6.25
CA ILE A 64 3.80 4.40 7.18
C ILE A 64 4.40 4.28 8.58
N THR A 65 3.78 4.95 9.55
CA THR A 65 4.25 4.91 10.92
C THR A 65 3.50 3.86 11.74
N GLY A 66 4.25 3.10 12.54
CA GLY A 66 3.65 2.07 13.36
C GLY A 66 4.66 1.08 13.88
N LEU A 67 4.21 0.18 14.74
CA LEU A 67 5.09 -0.84 15.32
C LEU A 67 5.55 -1.82 14.25
N ALA A 68 6.82 -2.22 14.33
CA ALA A 68 7.39 -3.16 13.37
C ALA A 68 6.36 -4.20 12.95
N ALA A 69 5.59 -4.69 13.92
CA ALA A 69 4.57 -5.69 13.65
C ALA A 69 3.46 -5.13 12.76
N ASN A 70 2.89 -4.01 13.17
CA ASN A 70 1.82 -3.36 12.42
C ASN A 70 2.30 -3.00 11.02
N LEU A 71 3.48 -2.40 10.94
CA LEU A 71 4.05 -2.00 9.65
C LEU A 71 3.98 -3.14 8.65
N ASP A 72 4.30 -4.35 9.10
CA ASP A 72 4.26 -5.53 8.23
C ASP A 72 2.87 -5.76 7.69
N ARG A 73 1.90 -5.88 8.60
CA ARG A 73 0.51 -6.11 8.21
C ARG A 73 0.00 -4.99 7.31
N ALA A 74 0.07 -3.76 7.81
CA ALA A 74 -0.38 -2.61 7.05
C ALA A 74 0.31 -2.53 5.69
N LYS A 75 1.64 -2.44 5.71
CA LYS A 75 2.42 -2.36 4.48
C LYS A 75 1.93 -3.38 3.47
N ALA A 76 1.69 -4.60 3.93
CA ALA A 76 1.22 -5.67 3.06
C ALA A 76 -0.10 -5.30 2.40
N GLY A 77 -0.99 -4.67 3.16
CA GLY A 77 -2.28 -4.27 2.63
C GLY A 77 -2.14 -3.26 1.50
N LEU A 78 -1.22 -2.32 1.66
CA LEU A 78 -1.00 -1.29 0.64
C LEU A 78 -0.39 -1.89 -0.62
N LEU A 79 0.79 -2.49 -0.47
CA LEU A 79 1.48 -3.11 -1.60
C LEU A 79 0.50 -3.94 -2.44
N GLU A 80 -0.30 -4.76 -1.77
CA GLU A 80 -1.28 -5.60 -2.45
C GLU A 80 -2.35 -4.75 -3.13
N ARG A 81 -2.79 -3.70 -2.44
CA ARG A 81 -3.81 -2.81 -2.98
C ARG A 81 -3.38 -2.23 -4.32
N VAL A 82 -2.10 -1.90 -4.43
CA VAL A 82 -1.55 -1.32 -5.65
C VAL A 82 -1.53 -2.35 -6.78
N LYS A 83 -0.87 -3.48 -6.53
CA LYS A 83 -0.78 -4.55 -7.52
C LYS A 83 -2.17 -4.91 -8.06
N GLU A 84 -3.17 -4.82 -7.20
CA GLU A 84 -4.54 -5.15 -7.59
C GLU A 84 -5.20 -3.97 -8.29
N LEU A 85 -4.96 -2.77 -7.76
CA LEU A 85 -5.52 -1.55 -8.34
C LEU A 85 -5.03 -1.34 -9.76
N GLN A 86 -3.71 -1.30 -9.92
CA GLN A 86 -3.11 -1.11 -11.23
C GLN A 86 -3.64 -2.12 -12.24
N ALA A 87 -3.71 -3.38 -11.81
CA ALA A 87 -4.21 -4.45 -12.67
C ALA A 87 -5.58 -4.09 -13.25
N GLU A 88 -6.29 -3.20 -12.58
CA GLU A 88 -7.61 -2.78 -13.02
C GLU A 88 -7.51 -1.57 -13.96
N GLN A 89 -7.16 -0.43 -13.39
CA GLN A 89 -7.03 0.81 -14.17
C GLN A 89 -6.17 0.57 -15.41
N GLU A 90 -5.41 -0.51 -15.40
CA GLU A 90 -4.53 -0.84 -16.52
C GLU A 90 -5.27 -1.71 -17.54
N ASP A 91 -6.01 -2.69 -17.04
CA ASP A 91 -6.77 -3.60 -17.90
C ASP A 91 -7.45 -2.82 -19.03
N ARG A 92 -8.20 -1.79 -18.66
CA ARG A 92 -8.91 -0.98 -19.64
C ARG A 92 -7.94 -0.38 -20.65
N ALA A 93 -6.71 -0.13 -20.21
CA ALA A 93 -5.69 0.43 -21.08
C ALA A 93 -5.10 -0.63 -22.01
N LEU A 94 -4.79 -1.79 -21.45
CA LEU A 94 -4.22 -2.89 -22.22
C LEU A 94 -5.03 -3.14 -23.49
N ARG A 95 -6.33 -3.37 -23.33
CA ARG A 95 -7.21 -3.62 -24.46
C ARG A 95 -7.22 -2.42 -25.41
N SER A 96 -7.21 -2.70 -26.72
CA SER A 96 -7.21 -1.64 -27.72
C SER A 96 -8.32 -1.89 -28.75
N PHE A 97 -9.30 -1.01 -28.78
CA PHE A 97 -10.41 -1.12 -29.72
C PHE A 97 -10.60 0.17 -30.51
N LYS A 98 -11.57 0.17 -31.41
CA LYS A 98 -11.85 1.34 -32.23
C LYS A 98 -12.58 2.41 -31.43
N SER A 99 -13.67 2.01 -30.78
CA SER A 99 -14.47 2.94 -29.99
C SER A 99 -14.84 2.31 -28.65
N GLY A 100 -15.02 3.16 -27.64
CA GLY A 100 -15.38 2.67 -26.32
C GLY A 100 -14.73 3.46 -25.21
N PRO A 101 -15.34 4.60 -24.85
CA PRO A 101 -14.82 5.48 -23.80
C PRO A 101 -14.95 4.86 -22.41
N SER A 102 -16.13 4.29 -22.12
CA SER A 102 -16.38 3.67 -20.83
C SER A 102 -17.28 2.44 -20.99
N SER A 103 -17.46 1.69 -19.90
CA SER A 103 -18.28 0.49 -19.92
C SER A 103 -19.66 0.77 -19.35
N GLY A 104 -20.68 0.71 -20.19
CA GLY A 104 -22.04 0.95 -19.75
C GLY A 104 -23.06 0.70 -20.84
N GLY A 1 14.16 -38.73 28.17
CA GLY A 1 14.94 -37.68 27.55
C GLY A 1 14.20 -37.00 26.41
N SER A 2 14.08 -35.67 26.50
CA SER A 2 13.39 -34.91 25.47
C SER A 2 13.65 -33.42 25.64
N SER A 3 13.45 -32.67 24.55
CA SER A 3 13.66 -31.22 24.58
C SER A 3 13.21 -30.58 23.27
N GLY A 4 13.19 -29.26 23.25
CA GLY A 4 12.77 -28.53 22.06
C GLY A 4 12.81 -27.04 22.24
N SER A 5 13.82 -26.40 21.63
CA SER A 5 13.97 -24.96 21.73
C SER A 5 13.80 -24.29 20.37
N SER A 6 13.10 -23.16 20.35
CA SER A 6 12.86 -22.43 19.11
C SER A 6 12.90 -20.93 19.35
N GLY A 7 12.98 -20.17 18.26
CA GLY A 7 13.02 -18.71 18.38
C GLY A 7 12.90 -18.03 17.03
N LYS A 8 11.76 -18.24 16.37
CA LYS A 8 11.52 -17.64 15.07
C LYS A 8 11.68 -16.12 15.13
N GLU A 9 10.79 -15.47 15.87
CA GLU A 9 10.84 -14.02 16.02
C GLU A 9 10.59 -13.61 17.46
N ALA A 10 11.24 -12.53 17.88
CA ALA A 10 11.09 -12.03 19.25
C ALA A 10 11.76 -10.67 19.40
N LEU A 11 10.94 -9.62 19.52
CA LEU A 11 11.45 -8.26 19.67
C LEU A 11 10.47 -7.41 20.48
N GLU A 12 11.02 -6.54 21.32
CA GLU A 12 10.19 -5.65 22.15
C GLU A 12 10.45 -4.19 21.81
N ALA A 13 9.45 -3.55 21.20
CA ALA A 13 9.56 -2.15 20.82
C ALA A 13 8.40 -1.33 21.38
N LEU A 14 8.72 -0.31 22.17
CA LEU A 14 7.70 0.55 22.76
C LEU A 14 7.34 1.70 21.82
N VAL A 15 8.37 2.25 21.17
CA VAL A 15 8.15 3.37 20.25
C VAL A 15 8.06 2.87 18.81
N PRO A 16 7.10 3.43 18.05
CA PRO A 16 6.88 3.07 16.66
C PRO A 16 8.01 3.53 15.75
N VAL A 17 7.90 3.23 14.46
CA VAL A 17 8.90 3.62 13.48
C VAL A 17 8.28 3.96 12.14
N THR A 18 8.97 4.75 11.34
CA THR A 18 8.48 5.14 10.03
C THR A 18 9.15 4.33 8.92
N ILE A 19 8.33 3.75 8.05
CA ILE A 19 8.84 2.95 6.94
C ILE A 19 8.60 3.64 5.61
N GLU A 20 8.95 2.95 4.52
CA GLU A 20 8.77 3.49 3.18
C GLU A 20 8.26 2.42 2.23
N VAL A 21 7.20 2.74 1.49
CA VAL A 21 6.61 1.80 0.54
C VAL A 21 6.66 2.37 -0.88
N GLU A 22 6.76 1.47 -1.86
CA GLU A 22 6.81 1.89 -3.26
C GLU A 22 5.41 1.92 -3.87
N VAL A 23 4.91 3.13 -4.11
CA VAL A 23 3.58 3.30 -4.69
C VAL A 23 3.53 4.54 -5.57
N PRO A 24 2.96 4.38 -6.78
CA PRO A 24 2.83 5.48 -7.74
C PRO A 24 1.82 6.52 -7.30
N PHE A 25 2.18 7.79 -7.44
CA PHE A 25 1.31 8.89 -7.05
C PHE A 25 0.00 8.85 -7.84
N ASP A 26 0.03 8.15 -8.97
CA ASP A 26 -1.15 8.04 -9.82
C ASP A 26 -2.23 7.20 -9.14
N LEU A 27 -1.87 6.54 -8.05
CA LEU A 27 -2.81 5.72 -7.30
C LEU A 27 -3.24 6.40 -6.01
N HIS A 28 -2.34 7.21 -5.45
CA HIS A 28 -2.63 7.93 -4.22
C HIS A 28 -4.05 8.46 -4.21
N ARG A 29 -4.41 9.19 -5.28
CA ARG A 29 -5.74 9.76 -5.40
C ARG A 29 -6.81 8.71 -5.10
N TYR A 30 -6.57 7.47 -5.53
CA TYR A 30 -7.51 6.38 -5.32
C TYR A 30 -7.34 5.79 -3.92
N VAL A 31 -6.10 5.68 -3.48
CA VAL A 31 -5.80 5.14 -2.15
C VAL A 31 -6.46 5.96 -1.06
N ILE A 32 -6.16 7.25 -1.04
CA ILE A 32 -6.72 8.15 -0.04
C ILE A 32 -8.24 8.22 -0.15
N GLY A 33 -8.73 8.65 -1.31
CA GLY A 33 -10.16 8.75 -1.53
C GLY A 33 -10.65 10.17 -1.44
N GLN A 34 -11.82 10.42 -2.05
CA GLN A 34 -12.41 11.75 -2.04
C GLN A 34 -12.45 12.32 -0.62
N LYS A 35 -12.97 11.54 0.31
CA LYS A 35 -13.06 11.95 1.71
C LYS A 35 -11.85 11.49 2.50
N GLY A 36 -11.49 10.21 2.35
CA GLY A 36 -10.36 9.67 3.05
C GLY A 36 -10.71 8.45 3.88
N SER A 37 -11.66 7.65 3.38
CA SER A 37 -12.11 6.45 4.08
C SER A 37 -11.21 5.26 3.72
N GLY A 38 -10.96 5.09 2.44
CA GLY A 38 -10.12 4.00 1.98
C GLY A 38 -9.02 3.66 2.97
N ILE A 39 -8.04 4.56 3.09
CA ILE A 39 -6.93 4.34 4.00
C ILE A 39 -7.41 4.21 5.43
N ARG A 40 -8.25 5.15 5.86
CA ARG A 40 -8.79 5.13 7.22
C ARG A 40 -9.03 3.69 7.70
N LYS A 41 -9.67 2.90 6.85
CA LYS A 41 -9.96 1.51 7.18
C LYS A 41 -8.69 0.78 7.63
N MET A 42 -7.64 0.90 6.83
CA MET A 42 -6.36 0.26 7.16
C MET A 42 -5.78 0.81 8.46
N MET A 43 -5.67 2.13 8.53
CA MET A 43 -5.13 2.79 9.72
C MET A 43 -5.84 2.30 10.98
N ASP A 44 -7.16 2.15 10.89
CA ASP A 44 -7.96 1.69 12.02
C ASP A 44 -7.75 0.20 12.26
N GLU A 45 -7.80 -0.57 11.18
CA GLU A 45 -7.62 -2.02 11.28
C GLU A 45 -6.24 -2.35 11.85
N PHE A 46 -5.20 -1.97 11.13
CA PHE A 46 -3.83 -2.23 11.57
C PHE A 46 -3.41 -1.26 12.67
N GLU A 47 -4.32 -0.36 13.03
CA GLU A 47 -4.05 0.62 14.08
C GLU A 47 -2.73 1.33 13.83
N VAL A 48 -2.53 1.78 12.58
CA VAL A 48 -1.31 2.48 12.21
C VAL A 48 -1.62 3.83 11.58
N ASN A 49 -0.57 4.56 11.20
CA ASN A 49 -0.74 5.87 10.60
C ASN A 49 0.04 5.95 9.28
N ILE A 50 -0.70 6.11 8.19
CA ILE A 50 -0.10 6.21 6.86
C ILE A 50 -0.05 7.64 6.36
N HIS A 51 1.12 8.08 5.93
CA HIS A 51 1.29 9.44 5.44
C HIS A 51 1.63 9.44 3.94
N VAL A 52 0.91 10.25 3.18
CA VAL A 52 1.13 10.34 1.74
C VAL A 52 1.75 11.68 1.36
N PRO A 53 2.73 11.65 0.44
CA PRO A 53 3.41 12.85 -0.02
C PRO A 53 2.51 13.74 -0.87
N ALA A 54 2.65 15.06 -0.70
CA ALA A 54 1.86 16.02 -1.44
C ALA A 54 2.19 15.97 -2.93
N PRO A 55 1.29 16.51 -3.75
CA PRO A 55 1.46 16.55 -5.21
C PRO A 55 2.57 17.51 -5.63
N GLU A 56 2.93 18.42 -4.75
CA GLU A 56 3.98 19.39 -5.03
C GLU A 56 5.36 18.76 -4.89
N LEU A 57 5.44 17.68 -4.13
CA LEU A 57 6.70 16.99 -3.91
C LEU A 57 6.95 15.94 -5.00
N GLN A 58 5.87 15.53 -5.66
CA GLN A 58 5.97 14.53 -6.72
C GLN A 58 6.75 13.32 -6.26
N SER A 59 6.36 12.77 -5.10
CA SER A 59 7.02 11.59 -4.55
C SER A 59 6.16 10.35 -4.71
N ASP A 60 6.79 9.24 -5.08
CA ASP A 60 6.08 7.98 -5.28
C ASP A 60 6.37 7.01 -4.12
N ILE A 61 6.82 7.56 -3.01
CA ILE A 61 7.15 6.75 -1.84
C ILE A 61 6.31 7.16 -0.63
N ILE A 62 5.47 6.24 -0.15
CA ILE A 62 4.62 6.51 1.00
C ILE A 62 5.30 6.09 2.29
N ALA A 63 5.14 6.90 3.33
CA ALA A 63 5.73 6.62 4.63
C ALA A 63 4.67 6.17 5.64
N ILE A 64 4.90 5.03 6.27
CA ILE A 64 3.96 4.49 7.25
C ILE A 64 4.57 4.44 8.64
N THR A 65 3.85 4.96 9.62
CA THR A 65 4.34 4.97 11.00
C THR A 65 3.59 3.95 11.86
N GLY A 66 4.32 3.24 12.69
CA GLY A 66 3.70 2.24 13.56
C GLY A 66 4.70 1.22 14.08
N LEU A 67 4.23 0.33 14.93
CA LEU A 67 5.09 -0.70 15.51
C LEU A 67 5.55 -1.69 14.44
N ALA A 68 6.82 -2.05 14.47
CA ALA A 68 7.38 -2.98 13.51
C ALA A 68 6.37 -4.07 13.16
N ALA A 69 5.59 -4.50 14.15
CA ALA A 69 4.59 -5.54 13.95
C ALA A 69 3.45 -5.03 13.08
N ASN A 70 2.89 -3.89 13.44
CA ASN A 70 1.78 -3.31 12.69
C ASN A 70 2.22 -2.95 11.28
N LEU A 71 3.40 -2.33 11.17
CA LEU A 71 3.93 -1.94 9.87
C LEU A 71 3.90 -3.09 8.89
N ASP A 72 4.17 -4.29 9.39
CA ASP A 72 4.17 -5.49 8.55
C ASP A 72 2.80 -5.72 7.93
N ARG A 73 1.75 -5.55 8.74
CA ARG A 73 0.39 -5.74 8.27
C ARG A 73 -0.02 -4.62 7.32
N ALA A 74 0.13 -3.39 7.78
CA ALA A 74 -0.22 -2.21 6.97
C ALA A 74 0.49 -2.26 5.62
N LYS A 75 1.82 -2.32 5.66
CA LYS A 75 2.61 -2.35 4.43
C LYS A 75 2.07 -3.40 3.46
N ALA A 76 1.69 -4.54 3.99
CA ALA A 76 1.15 -5.62 3.17
C ALA A 76 -0.18 -5.22 2.54
N GLY A 77 -0.96 -4.43 3.26
CA GLY A 77 -2.24 -3.99 2.76
C GLY A 77 -2.10 -3.01 1.60
N LEU A 78 -1.10 -2.14 1.68
CA LEU A 78 -0.87 -1.16 0.63
C LEU A 78 -0.34 -1.82 -0.63
N LEU A 79 0.71 -2.63 -0.48
CA LEU A 79 1.31 -3.32 -1.61
C LEU A 79 0.25 -4.07 -2.41
N GLU A 80 -0.59 -4.83 -1.71
CA GLU A 80 -1.65 -5.60 -2.35
C GLU A 80 -2.70 -4.67 -2.96
N ARG A 81 -2.83 -3.47 -2.41
CA ARG A 81 -3.79 -2.50 -2.91
C ARG A 81 -3.32 -1.91 -4.24
N VAL A 82 -2.01 -1.76 -4.39
CA VAL A 82 -1.44 -1.21 -5.61
C VAL A 82 -1.54 -2.21 -6.76
N LYS A 83 -1.25 -3.48 -6.47
CA LYS A 83 -1.30 -4.52 -7.47
C LYS A 83 -2.73 -4.74 -7.97
N GLU A 84 -3.69 -4.64 -7.04
CA GLU A 84 -5.09 -4.81 -7.37
C GLU A 84 -5.67 -3.55 -8.01
N LEU A 85 -5.45 -2.42 -7.35
CA LEU A 85 -5.93 -1.13 -7.84
C LEU A 85 -5.57 -0.93 -9.31
N GLN A 86 -4.29 -1.16 -9.63
CA GLN A 86 -3.82 -1.00 -11.00
C GLN A 86 -4.44 -2.05 -11.92
N ALA A 87 -4.65 -3.24 -11.38
CA ALA A 87 -5.24 -4.33 -12.15
C ALA A 87 -6.61 -3.94 -12.70
N GLU A 88 -7.16 -2.84 -12.17
CA GLU A 88 -8.46 -2.36 -12.61
C GLU A 88 -8.33 -1.39 -13.78
N GLN A 89 -7.63 -0.29 -13.56
CA GLN A 89 -7.43 0.71 -14.60
C GLN A 89 -6.73 0.10 -15.81
N GLU A 90 -6.12 -1.06 -15.62
CA GLU A 90 -5.42 -1.75 -16.70
C GLU A 90 -6.38 -2.65 -17.47
N ASP A 91 -7.27 -3.31 -16.76
CA ASP A 91 -8.24 -4.21 -17.37
C ASP A 91 -8.69 -3.67 -18.73
N ARG A 92 -9.23 -2.46 -18.72
CA ARG A 92 -9.71 -1.83 -19.94
C ARG A 92 -8.56 -1.58 -20.92
N ALA A 93 -7.42 -1.16 -20.39
CA ALA A 93 -6.24 -0.90 -21.21
C ALA A 93 -5.84 -2.13 -22.00
N LEU A 94 -5.58 -3.23 -21.29
CA LEU A 94 -5.18 -4.47 -21.93
C LEU A 94 -6.15 -4.84 -23.05
N ARG A 95 -7.44 -4.79 -22.74
CA ARG A 95 -8.48 -5.12 -23.71
C ARG A 95 -8.08 -4.66 -25.10
N SER A 96 -8.34 -5.50 -26.10
CA SER A 96 -8.01 -5.18 -27.49
C SER A 96 -8.84 -4.00 -27.98
N PHE A 97 -8.36 -2.79 -27.70
CA PHE A 97 -9.05 -1.58 -28.12
C PHE A 97 -9.69 -1.77 -29.49
N LYS A 98 -10.89 -1.21 -29.66
CA LYS A 98 -11.61 -1.32 -30.92
C LYS A 98 -12.80 -0.35 -30.95
N SER A 99 -12.68 0.70 -31.76
CA SER A 99 -13.73 1.70 -31.87
C SER A 99 -14.86 1.19 -32.77
N GLY A 100 -16.09 1.28 -32.26
CA GLY A 100 -17.24 0.82 -33.02
C GLY A 100 -18.07 1.97 -33.56
N PRO A 101 -18.95 1.66 -34.53
CA PRO A 101 -19.81 2.67 -35.17
C PRO A 101 -20.89 3.18 -34.22
N SER A 102 -20.74 4.43 -33.79
CA SER A 102 -21.70 5.04 -32.87
C SER A 102 -22.16 4.05 -31.83
N SER A 103 -21.24 3.25 -31.32
CA SER A 103 -21.54 2.24 -30.31
C SER A 103 -20.40 2.08 -29.31
N GLY A 104 -20.63 2.51 -28.08
CA GLY A 104 -19.60 2.41 -27.05
C GLY A 104 -18.83 1.11 -27.14
N GLY A 1 15.60 -0.03 -12.21
CA GLY A 1 14.26 -0.19 -11.65
C GLY A 1 14.17 -1.40 -10.73
N SER A 2 14.96 -1.38 -9.66
CA SER A 2 14.96 -2.49 -8.70
C SER A 2 15.09 -1.97 -7.27
N SER A 3 14.01 -2.06 -6.51
CA SER A 3 14.01 -1.59 -5.12
C SER A 3 13.00 -2.38 -4.29
N GLY A 4 13.45 -2.90 -3.16
CA GLY A 4 12.57 -3.66 -2.29
C GLY A 4 13.34 -4.64 -1.41
N SER A 5 13.09 -4.57 -0.11
CA SER A 5 13.75 -5.45 0.84
C SER A 5 12.97 -6.75 1.03
N SER A 6 13.68 -7.81 1.40
CA SER A 6 13.05 -9.11 1.62
C SER A 6 13.60 -9.79 2.87
N GLY A 7 13.03 -10.93 3.22
CA GLY A 7 13.48 -11.66 4.39
C GLY A 7 12.55 -11.47 5.57
N LYS A 8 12.87 -12.13 6.69
CA LYS A 8 12.06 -12.04 7.89
C LYS A 8 12.38 -10.75 8.66
N GLU A 9 11.71 -10.57 9.80
CA GLU A 9 11.91 -9.38 10.62
C GLU A 9 11.41 -9.62 12.05
N ALA A 10 12.19 -9.21 13.03
CA ALA A 10 11.82 -9.36 14.42
C ALA A 10 12.39 -8.24 15.27
N LEU A 11 11.51 -7.36 15.76
CA LEU A 11 11.93 -6.23 16.58
C LEU A 11 10.77 -5.74 17.45
N GLU A 12 11.09 -5.39 18.69
CA GLU A 12 10.08 -4.91 19.62
C GLU A 12 10.52 -3.60 20.28
N ALA A 13 9.72 -2.55 20.09
CA ALA A 13 10.04 -1.25 20.66
C ALA A 13 8.76 -0.48 20.99
N LEU A 14 8.65 -0.03 22.24
CA LEU A 14 7.47 0.71 22.69
C LEU A 14 7.12 1.80 21.69
N VAL A 15 8.13 2.47 21.15
CA VAL A 15 7.92 3.53 20.19
C VAL A 15 7.84 2.98 18.77
N PRO A 16 6.88 3.49 17.98
CA PRO A 16 6.67 3.07 16.60
C PRO A 16 7.81 3.51 15.67
N VAL A 17 7.70 3.15 14.40
CA VAL A 17 8.71 3.52 13.42
C VAL A 17 8.08 3.79 12.05
N THR A 18 8.74 4.62 11.26
CA THR A 18 8.25 4.97 9.93
C THR A 18 8.93 4.14 8.86
N ILE A 19 8.17 3.69 7.87
CA ILE A 19 8.71 2.90 6.78
C ILE A 19 8.45 3.56 5.43
N GLU A 20 8.87 2.89 4.36
CA GLU A 20 8.69 3.41 3.01
C GLU A 20 8.02 2.38 2.11
N VAL A 21 6.93 2.76 1.47
CA VAL A 21 6.21 1.87 0.58
C VAL A 21 6.17 2.42 -0.85
N GLU A 22 6.63 1.61 -1.80
CA GLU A 22 6.65 2.01 -3.20
C GLU A 22 5.25 2.05 -3.79
N VAL A 23 4.75 3.25 -4.06
CA VAL A 23 3.41 3.41 -4.62
C VAL A 23 3.33 4.66 -5.50
N PRO A 24 2.79 4.49 -6.71
CA PRO A 24 2.64 5.60 -7.66
C PRO A 24 1.59 6.61 -7.22
N PHE A 25 1.93 7.90 -7.29
CA PHE A 25 1.02 8.97 -6.90
C PHE A 25 -0.27 8.89 -7.70
N ASP A 26 -0.24 8.17 -8.82
CA ASP A 26 -1.41 8.03 -9.67
C ASP A 26 -2.48 7.19 -8.98
N LEU A 27 -2.10 6.53 -7.89
CA LEU A 27 -3.02 5.70 -7.14
C LEU A 27 -3.46 6.39 -5.85
N HIS A 28 -2.59 7.25 -5.32
CA HIS A 28 -2.88 7.98 -4.09
C HIS A 28 -4.32 8.49 -4.10
N ARG A 29 -4.62 9.36 -5.07
CA ARG A 29 -5.96 9.92 -5.17
C ARG A 29 -7.03 8.85 -4.98
N TYR A 30 -6.71 7.62 -5.40
CA TYR A 30 -7.65 6.51 -5.28
C TYR A 30 -7.57 5.90 -3.88
N VAL A 31 -6.39 5.93 -3.29
CA VAL A 31 -6.18 5.37 -1.95
C VAL A 31 -6.77 6.29 -0.89
N ILE A 32 -6.28 7.53 -0.84
CA ILE A 32 -6.75 8.49 0.14
C ILE A 32 -8.27 8.52 0.20
N GLY A 33 -8.90 8.74 -0.96
CA GLY A 33 -10.35 8.79 -1.02
C GLY A 33 -10.92 10.05 -0.40
N GLN A 34 -12.21 10.26 -0.58
CA GLN A 34 -12.89 11.43 -0.03
C GLN A 34 -12.70 11.51 1.49
N LYS A 35 -12.30 12.69 1.97
CA LYS A 35 -12.09 12.89 3.39
C LYS A 35 -11.25 11.77 3.99
N GLY A 36 -10.19 11.39 3.27
CA GLY A 36 -9.33 10.33 3.75
C GLY A 36 -10.09 9.19 4.42
N SER A 37 -11.12 8.70 3.74
CA SER A 37 -11.94 7.62 4.27
C SER A 37 -11.42 6.26 3.82
N GLY A 38 -10.82 6.23 2.63
CA GLY A 38 -10.28 4.99 2.12
C GLY A 38 -9.11 4.48 2.93
N ILE A 39 -8.33 5.39 3.49
CA ILE A 39 -7.18 5.03 4.30
C ILE A 39 -7.56 4.87 5.77
N ARG A 40 -8.44 5.75 6.23
CA ARG A 40 -8.90 5.72 7.62
C ARG A 40 -9.25 4.30 8.04
N LYS A 41 -9.63 3.47 7.07
CA LYS A 41 -10.00 2.09 7.33
C LYS A 41 -8.79 1.29 7.80
N MET A 42 -7.67 1.46 7.10
CA MET A 42 -6.44 0.75 7.45
C MET A 42 -5.88 1.25 8.78
N MET A 43 -5.64 2.56 8.87
CA MET A 43 -5.11 3.16 10.08
C MET A 43 -5.87 2.67 11.31
N ASP A 44 -7.14 2.31 11.12
CA ASP A 44 -7.97 1.82 12.21
C ASP A 44 -7.80 0.32 12.40
N GLU A 45 -7.78 -0.41 11.27
CA GLU A 45 -7.62 -1.86 11.31
C GLU A 45 -6.23 -2.24 11.82
N PHE A 46 -5.21 -1.76 11.13
CA PHE A 46 -3.82 -2.06 11.51
C PHE A 46 -3.35 -1.12 12.61
N GLU A 47 -4.26 -0.28 13.09
CA GLU A 47 -3.93 0.67 14.15
C GLU A 47 -2.62 1.40 13.85
N VAL A 48 -2.45 1.80 12.59
CA VAL A 48 -1.25 2.50 12.17
C VAL A 48 -1.58 3.86 11.56
N ASN A 49 -0.55 4.58 11.13
CA ASN A 49 -0.74 5.89 10.53
C ASN A 49 -0.04 5.98 9.18
N ILE A 50 -0.83 6.15 8.12
CA ILE A 50 -0.29 6.25 6.77
C ILE A 50 -0.18 7.69 6.32
N HIS A 51 0.96 8.05 5.75
CA HIS A 51 1.18 9.42 5.27
C HIS A 51 1.48 9.42 3.78
N VAL A 52 0.78 10.29 3.05
CA VAL A 52 0.97 10.41 1.60
C VAL A 52 1.68 11.70 1.24
N PRO A 53 2.62 11.62 0.28
CA PRO A 53 3.38 12.78 -0.18
C PRO A 53 2.53 13.76 -0.97
N ALA A 54 2.71 15.05 -0.71
CA ALA A 54 1.97 16.09 -1.40
C ALA A 54 2.18 16.01 -2.91
N PRO A 55 1.23 16.57 -3.67
CA PRO A 55 1.28 16.57 -5.14
C PRO A 55 2.37 17.49 -5.66
N GLU A 56 2.92 18.33 -4.78
CA GLU A 56 3.97 19.26 -5.16
C GLU A 56 5.35 18.62 -5.00
N LEU A 57 5.39 17.44 -4.40
CA LEU A 57 6.64 16.72 -4.20
C LEU A 57 6.86 15.69 -5.29
N GLN A 58 5.76 15.20 -5.88
CA GLN A 58 5.84 14.21 -6.94
C GLN A 58 6.56 12.95 -6.46
N SER A 59 6.33 12.59 -5.20
CA SER A 59 6.96 11.40 -4.62
C SER A 59 6.08 10.17 -4.82
N ASP A 60 6.71 9.05 -5.15
CA ASP A 60 5.99 7.81 -5.37
C ASP A 60 6.24 6.83 -4.22
N ILE A 61 6.63 7.37 -3.07
CA ILE A 61 6.90 6.55 -1.89
C ILE A 61 6.06 7.01 -0.70
N ILE A 62 5.18 6.13 -0.23
CA ILE A 62 4.32 6.44 0.90
C ILE A 62 4.98 6.05 2.22
N ALA A 63 4.87 6.93 3.22
CA ALA A 63 5.46 6.67 4.53
C ALA A 63 4.41 6.16 5.50
N ILE A 64 4.69 5.02 6.13
CA ILE A 64 3.76 4.43 7.09
C ILE A 64 4.42 4.31 8.47
N THR A 65 3.72 4.81 9.48
CA THR A 65 4.22 4.76 10.85
C THR A 65 3.49 3.70 11.66
N GLY A 66 4.23 3.03 12.53
CA GLY A 66 3.63 1.99 13.36
C GLY A 66 4.65 1.00 13.88
N LEU A 67 4.24 0.16 14.81
CA LEU A 67 5.13 -0.84 15.39
C LEU A 67 5.61 -1.84 14.34
N ALA A 68 6.89 -2.18 14.39
CA ALA A 68 7.47 -3.11 13.43
C ALA A 68 6.47 -4.22 13.08
N ALA A 69 5.68 -4.64 14.07
CA ALA A 69 4.70 -5.69 13.84
C ALA A 69 3.55 -5.19 12.96
N ASN A 70 3.01 -4.03 13.31
CA ASN A 70 1.91 -3.44 12.55
C ASN A 70 2.36 -3.07 11.14
N LEU A 71 3.53 -2.44 11.04
CA LEU A 71 4.07 -2.04 9.75
C LEU A 71 4.06 -3.19 8.76
N ASP A 72 4.30 -4.40 9.26
CA ASP A 72 4.30 -5.59 8.43
C ASP A 72 2.92 -5.85 7.85
N ARG A 73 1.91 -5.89 8.72
CA ARG A 73 0.55 -6.14 8.30
C ARG A 73 0.08 -5.06 7.32
N ALA A 74 0.13 -3.81 7.76
CA ALA A 74 -0.29 -2.69 6.91
C ALA A 74 0.46 -2.69 5.59
N LYS A 75 1.78 -2.56 5.67
CA LYS A 75 2.62 -2.53 4.47
C LYS A 75 2.24 -3.66 3.51
N ALA A 76 1.99 -4.84 4.07
CA ALA A 76 1.61 -5.99 3.27
C ALA A 76 0.26 -5.77 2.60
N GLY A 77 -0.61 -5.01 3.26
CA GLY A 77 -1.92 -4.74 2.71
C GLY A 77 -1.88 -3.76 1.56
N LEU A 78 -1.11 -2.69 1.73
CA LEU A 78 -1.00 -1.66 0.70
C LEU A 78 -0.35 -2.24 -0.56
N LEU A 79 0.81 -2.87 -0.40
CA LEU A 79 1.51 -3.47 -1.52
C LEU A 79 0.56 -4.25 -2.41
N GLU A 80 -0.23 -5.13 -1.80
CA GLU A 80 -1.19 -5.93 -2.55
C GLU A 80 -2.26 -5.06 -3.19
N ARG A 81 -2.72 -4.05 -2.46
CA ARG A 81 -3.73 -3.14 -2.97
C ARG A 81 -3.23 -2.37 -4.18
N VAL A 82 -1.94 -2.02 -4.17
CA VAL A 82 -1.34 -1.29 -5.27
C VAL A 82 -1.20 -2.17 -6.51
N LYS A 83 -0.65 -3.36 -6.33
CA LYS A 83 -0.47 -4.30 -7.44
C LYS A 83 -1.81 -4.58 -8.12
N GLU A 84 -2.88 -4.60 -7.34
CA GLU A 84 -4.21 -4.86 -7.87
C GLU A 84 -4.80 -3.61 -8.52
N LEU A 85 -4.79 -2.51 -7.77
CA LEU A 85 -5.32 -1.24 -8.26
C LEU A 85 -4.72 -0.89 -9.62
N GLN A 86 -3.44 -1.21 -9.80
CA GLN A 86 -2.75 -0.94 -11.05
C GLN A 86 -3.06 -1.99 -12.09
N ALA A 87 -3.46 -3.18 -11.62
CA ALA A 87 -3.79 -4.28 -12.52
C ALA A 87 -5.23 -4.18 -13.00
N GLU A 88 -6.05 -3.45 -12.25
CA GLU A 88 -7.45 -3.28 -12.60
C GLU A 88 -7.65 -2.04 -13.48
N GLN A 89 -6.95 -0.97 -13.15
CA GLN A 89 -7.04 0.27 -13.91
C GLN A 89 -6.36 0.14 -15.27
N GLU A 90 -5.54 -0.90 -15.42
CA GLU A 90 -4.83 -1.15 -16.67
C GLU A 90 -5.65 -2.05 -17.58
N ASP A 91 -6.35 -3.01 -16.99
CA ASP A 91 -7.17 -3.95 -17.75
C ASP A 91 -8.22 -3.20 -18.56
N ARG A 92 -8.89 -2.24 -17.92
CA ARG A 92 -9.92 -1.46 -18.57
C ARG A 92 -9.31 -0.37 -19.46
N ALA A 93 -8.25 0.25 -18.97
CA ALA A 93 -7.57 1.30 -19.72
C ALA A 93 -7.02 0.77 -21.03
N LEU A 94 -6.40 -0.41 -20.98
CA LEU A 94 -5.83 -1.02 -22.18
C LEU A 94 -6.72 -0.78 -23.39
N ARG A 95 -8.04 -0.85 -23.18
CA ARG A 95 -9.00 -0.64 -24.26
C ARG A 95 -8.49 0.40 -25.24
N SER A 96 -8.21 1.60 -24.74
CA SER A 96 -7.72 2.69 -25.59
C SER A 96 -6.21 2.79 -25.52
N PHE A 97 -5.54 2.47 -26.62
CA PHE A 97 -4.09 2.53 -26.69
C PHE A 97 -3.62 3.55 -27.72
N LYS A 98 -2.64 4.37 -27.33
CA LYS A 98 -2.11 5.39 -28.22
C LYS A 98 -0.63 5.16 -28.49
N SER A 99 0.12 4.83 -27.44
CA SER A 99 1.55 4.59 -27.56
C SER A 99 1.86 3.80 -28.83
N GLY A 100 1.13 2.70 -29.03
CA GLY A 100 1.34 1.88 -30.20
C GLY A 100 0.40 2.23 -31.33
N PRO A 101 0.88 2.10 -32.58
CA PRO A 101 0.09 2.40 -33.77
C PRO A 101 -1.02 1.40 -34.00
N SER A 102 -2.06 1.82 -34.72
CA SER A 102 -3.20 0.95 -35.00
C SER A 102 -3.14 0.44 -36.44
N SER A 103 -3.06 1.36 -37.39
CA SER A 103 -3.00 1.00 -38.80
C SER A 103 -1.55 0.78 -39.25
N GLY A 104 -1.35 -0.27 -40.04
CA GLY A 104 -0.01 -0.58 -40.52
C GLY A 104 0.41 -1.99 -40.18
N GLY A 1 10.41 -39.96 14.07
CA GLY A 1 10.86 -38.63 14.43
C GLY A 1 9.72 -37.61 14.41
N SER A 2 10.08 -36.33 14.28
CA SER A 2 9.09 -35.26 14.25
C SER A 2 9.64 -34.04 13.53
N SER A 3 8.97 -33.64 12.46
CA SER A 3 9.39 -32.49 11.68
C SER A 3 8.67 -31.23 12.14
N GLY A 4 9.29 -30.07 11.90
CA GLY A 4 8.69 -28.82 12.30
C GLY A 4 9.30 -28.26 13.58
N SER A 5 9.45 -26.94 13.64
CA SER A 5 10.03 -26.29 14.80
C SER A 5 9.58 -24.83 14.89
N SER A 6 9.08 -24.45 16.07
CA SER A 6 8.61 -23.09 16.28
C SER A 6 9.58 -22.07 15.70
N GLY A 7 10.83 -22.14 16.15
CA GLY A 7 11.84 -21.23 15.67
C GLY A 7 12.33 -20.28 16.75
N LYS A 8 13.58 -19.86 16.64
CA LYS A 8 14.18 -18.95 17.61
C LYS A 8 13.82 -17.50 17.28
N GLU A 9 13.14 -16.83 18.21
CA GLU A 9 12.74 -15.44 18.02
C GLU A 9 12.62 -14.73 19.35
N ALA A 10 13.11 -13.49 19.40
CA ALA A 10 13.07 -12.69 20.61
C ALA A 10 13.34 -11.22 20.32
N LEU A 11 12.36 -10.37 20.62
CA LEU A 11 12.48 -8.93 20.39
C LEU A 11 11.34 -8.17 21.04
N GLU A 12 11.56 -6.88 21.28
CA GLU A 12 10.54 -6.04 21.90
C GLU A 12 10.74 -4.57 21.52
N ALA A 13 9.63 -3.90 21.19
CA ALA A 13 9.69 -2.50 20.80
C ALA A 13 8.41 -1.78 21.20
N LEU A 14 8.55 -0.71 21.98
CA LEU A 14 7.40 0.07 22.43
C LEU A 14 7.05 1.16 21.41
N VAL A 15 7.98 2.07 21.20
CA VAL A 15 7.79 3.17 20.27
C VAL A 15 7.73 2.66 18.82
N PRO A 16 6.77 3.18 18.05
CA PRO A 16 6.59 2.80 16.65
C PRO A 16 7.73 3.29 15.75
N VAL A 17 7.65 2.97 14.47
CA VAL A 17 8.66 3.38 13.51
C VAL A 17 8.05 3.67 12.15
N THR A 18 8.69 4.56 11.39
CA THR A 18 8.21 4.92 10.07
C THR A 18 8.89 4.09 8.98
N ILE A 19 8.11 3.67 7.99
CA ILE A 19 8.64 2.86 6.90
C ILE A 19 8.40 3.54 5.55
N GLU A 20 8.87 2.90 4.48
CA GLU A 20 8.71 3.45 3.14
C GLU A 20 8.12 2.39 2.20
N VAL A 21 7.11 2.79 1.43
CA VAL A 21 6.46 1.88 0.49
C VAL A 21 6.50 2.45 -0.93
N GLU A 22 6.69 1.56 -1.90
CA GLU A 22 6.76 1.97 -3.30
C GLU A 22 5.36 2.02 -3.92
N VAL A 23 4.86 3.22 -4.13
CA VAL A 23 3.54 3.40 -4.72
C VAL A 23 3.49 4.65 -5.60
N PRO A 24 2.98 4.48 -6.84
CA PRO A 24 2.87 5.58 -7.79
C PRO A 24 1.82 6.60 -7.40
N PHE A 25 2.15 7.88 -7.54
CA PHE A 25 1.22 8.95 -7.19
C PHE A 25 -0.04 8.88 -8.02
N ASP A 26 -0.01 8.06 -9.06
CA ASP A 26 -1.17 7.89 -9.93
C ASP A 26 -2.25 7.05 -9.26
N LEU A 27 -1.90 6.44 -8.12
CA LEU A 27 -2.84 5.62 -7.37
C LEU A 27 -3.24 6.31 -6.07
N HIS A 28 -2.38 7.20 -5.59
CA HIS A 28 -2.65 7.93 -4.35
C HIS A 28 -4.10 8.37 -4.28
N ARG A 29 -4.51 9.17 -5.26
CA ARG A 29 -5.89 9.67 -5.30
C ARG A 29 -6.89 8.54 -5.05
N TYR A 30 -6.51 7.32 -5.45
CA TYR A 30 -7.38 6.17 -5.26
C TYR A 30 -7.17 5.55 -3.88
N VAL A 31 -5.96 5.66 -3.37
CA VAL A 31 -5.63 5.11 -2.06
C VAL A 31 -6.28 5.93 -0.94
N ILE A 32 -6.08 7.24 -0.99
CA ILE A 32 -6.65 8.15 0.01
C ILE A 32 -8.17 8.03 0.05
N GLY A 33 -8.82 8.43 -1.04
CA GLY A 33 -10.26 8.38 -1.12
C GLY A 33 -10.90 9.75 -1.23
N GLN A 34 -12.23 9.77 -1.31
CA GLN A 34 -12.95 11.04 -1.43
C GLN A 34 -12.79 11.87 -0.17
N LYS A 35 -12.98 11.25 0.99
CA LYS A 35 -12.85 11.94 2.27
C LYS A 35 -11.83 11.25 3.16
N GLY A 36 -10.72 10.83 2.56
CA GLY A 36 -9.67 10.15 3.32
C GLY A 36 -10.21 8.99 4.14
N SER A 37 -11.21 8.30 3.60
CA SER A 37 -11.82 7.17 4.28
C SER A 37 -11.13 5.87 3.88
N GLY A 38 -10.73 5.78 2.62
CA GLY A 38 -10.07 4.60 2.12
C GLY A 38 -8.90 4.18 2.99
N ILE A 39 -8.03 5.14 3.31
CA ILE A 39 -6.87 4.87 4.14
C ILE A 39 -7.26 4.74 5.61
N ARG A 40 -8.03 5.70 6.10
CA ARG A 40 -8.47 5.69 7.49
C ARG A 40 -8.87 4.28 7.92
N LYS A 41 -9.56 3.58 7.05
CA LYS A 41 -10.00 2.21 7.34
C LYS A 41 -8.85 1.37 7.86
N MET A 42 -7.76 1.34 7.10
CA MET A 42 -6.58 0.57 7.48
C MET A 42 -5.94 1.14 8.75
N MET A 43 -5.77 2.46 8.78
CA MET A 43 -5.17 3.12 9.93
C MET A 43 -5.91 2.75 11.22
N ASP A 44 -7.17 2.36 11.08
CA ASP A 44 -7.99 1.97 12.23
C ASP A 44 -7.88 0.47 12.48
N GLU A 45 -7.63 -0.29 11.42
CA GLU A 45 -7.51 -1.74 11.53
C GLU A 45 -6.14 -2.14 12.05
N PHE A 46 -5.09 -1.68 11.37
CA PHE A 46 -3.73 -1.98 11.78
C PHE A 46 -3.27 -1.06 12.91
N GLU A 47 -4.10 -0.06 13.22
CA GLU A 47 -3.78 0.90 14.27
C GLU A 47 -2.51 1.67 13.94
N VAL A 48 -2.24 1.82 12.65
CA VAL A 48 -1.05 2.53 12.20
C VAL A 48 -1.43 3.89 11.60
N ASN A 49 -0.43 4.60 11.08
CA ASN A 49 -0.65 5.90 10.48
C ASN A 49 0.04 6.01 9.13
N ILE A 50 -0.75 6.11 8.07
CA ILE A 50 -0.22 6.22 6.72
C ILE A 50 -0.18 7.67 6.26
N HIS A 51 0.98 8.10 5.75
CA HIS A 51 1.14 9.46 5.27
C HIS A 51 1.51 9.47 3.79
N VAL A 52 0.79 10.28 3.01
CA VAL A 52 1.04 10.38 1.58
C VAL A 52 1.63 11.75 1.22
N PRO A 53 2.61 11.75 0.32
CA PRO A 53 3.27 12.98 -0.14
C PRO A 53 2.36 13.85 -0.98
N ALA A 54 2.36 15.15 -0.71
CA ALA A 54 1.53 16.09 -1.46
C ALA A 54 1.83 16.02 -2.94
N PRO A 55 0.95 16.63 -3.75
CA PRO A 55 1.10 16.65 -5.21
C PRO A 55 2.27 17.53 -5.66
N GLU A 56 2.64 18.48 -4.81
CA GLU A 56 3.74 19.39 -5.12
C GLU A 56 5.09 18.70 -4.89
N LEU A 57 5.09 17.65 -4.08
CA LEU A 57 6.30 16.90 -3.79
C LEU A 57 6.65 15.93 -4.92
N GLN A 58 5.62 15.52 -5.66
CA GLN A 58 5.80 14.59 -6.77
C GLN A 58 6.60 13.37 -6.33
N SER A 59 6.20 12.78 -5.20
CA SER A 59 6.88 11.60 -4.68
C SER A 59 6.02 10.35 -4.85
N ASP A 60 6.68 9.22 -5.08
CA ASP A 60 5.97 7.95 -5.28
C ASP A 60 6.27 6.99 -4.12
N ILE A 61 6.71 7.54 -3.00
CA ILE A 61 7.02 6.74 -1.82
C ILE A 61 6.17 7.15 -0.63
N ILE A 62 5.34 6.23 -0.16
CA ILE A 62 4.47 6.49 0.98
C ILE A 62 5.15 6.09 2.29
N ALA A 63 4.94 6.89 3.32
CA ALA A 63 5.53 6.62 4.63
C ALA A 63 4.46 6.14 5.61
N ILE A 64 4.73 5.01 6.25
CA ILE A 64 3.79 4.44 7.22
C ILE A 64 4.43 4.34 8.61
N THR A 65 3.74 4.85 9.61
CA THR A 65 4.23 4.81 10.98
C THR A 65 3.51 3.75 11.81
N GLY A 66 4.27 3.02 12.62
CA GLY A 66 3.69 1.98 13.44
C GLY A 66 4.72 0.99 13.95
N LEU A 67 4.29 0.07 14.80
CA LEU A 67 5.18 -0.94 15.35
C LEU A 67 5.62 -1.93 14.27
N ALA A 68 6.89 -2.30 14.28
CA ALA A 68 7.42 -3.24 13.31
C ALA A 68 6.40 -4.32 12.97
N ALA A 69 5.72 -4.82 14.00
CA ALA A 69 4.72 -5.86 13.81
C ALA A 69 3.54 -5.35 12.98
N ASN A 70 3.09 -4.14 13.29
CA ASN A 70 1.98 -3.54 12.57
C ASN A 70 2.38 -3.18 11.14
N LEU A 71 3.52 -2.51 11.00
CA LEU A 71 4.02 -2.11 9.70
C LEU A 71 3.96 -3.26 8.71
N ASP A 72 4.35 -4.45 9.17
CA ASP A 72 4.34 -5.65 8.34
C ASP A 72 2.95 -5.92 7.81
N ARG A 73 1.96 -5.94 8.72
CA ARG A 73 0.58 -6.20 8.33
C ARG A 73 0.04 -5.08 7.44
N ALA A 74 0.12 -3.85 7.93
CA ALA A 74 -0.36 -2.70 7.18
C ALA A 74 0.32 -2.61 5.82
N LYS A 75 1.65 -2.50 5.84
CA LYS A 75 2.42 -2.39 4.61
C LYS A 75 1.95 -3.43 3.59
N ALA A 76 1.74 -4.65 4.05
CA ALA A 76 1.28 -5.73 3.16
C ALA A 76 -0.03 -5.35 2.47
N GLY A 77 -0.88 -4.63 3.20
CA GLY A 77 -2.16 -4.22 2.63
C GLY A 77 -2.00 -3.27 1.47
N LEU A 78 -1.19 -2.24 1.66
CA LEU A 78 -0.95 -1.25 0.62
C LEU A 78 -0.32 -1.89 -0.61
N LEU A 79 0.77 -2.62 -0.40
CA LEU A 79 1.47 -3.29 -1.49
C LEU A 79 0.49 -4.07 -2.37
N GLU A 80 -0.30 -4.93 -1.75
CA GLU A 80 -1.28 -5.73 -2.47
C GLU A 80 -2.34 -4.84 -3.11
N ARG A 81 -2.70 -3.75 -2.42
CA ARG A 81 -3.70 -2.82 -2.91
C ARG A 81 -3.22 -2.14 -4.20
N VAL A 82 -1.92 -1.94 -4.29
CA VAL A 82 -1.33 -1.29 -5.46
C VAL A 82 -1.33 -2.23 -6.67
N LYS A 83 -0.90 -3.46 -6.45
CA LYS A 83 -0.84 -4.46 -7.52
C LYS A 83 -2.24 -4.73 -8.06
N GLU A 84 -3.24 -4.61 -7.19
CA GLU A 84 -4.63 -4.84 -7.59
C GLU A 84 -5.25 -3.59 -8.19
N LEU A 85 -5.02 -2.46 -7.54
CA LEU A 85 -5.55 -1.18 -8.01
C LEU A 85 -5.14 -0.90 -9.45
N GLN A 86 -3.84 -1.01 -9.72
CA GLN A 86 -3.31 -0.78 -11.06
C GLN A 86 -3.95 -1.73 -12.06
N ALA A 87 -4.23 -2.96 -11.62
CA ALA A 87 -4.85 -3.96 -12.49
C ALA A 87 -6.22 -3.51 -12.96
N GLU A 88 -6.85 -2.63 -12.18
CA GLU A 88 -8.18 -2.12 -12.52
C GLU A 88 -8.07 -0.85 -13.35
N GLN A 89 -7.42 0.16 -12.80
CA GLN A 89 -7.24 1.44 -13.48
C GLN A 89 -6.71 1.22 -14.90
N GLU A 90 -5.99 0.13 -15.10
CA GLU A 90 -5.42 -0.20 -16.40
C GLU A 90 -6.41 -1.00 -17.23
N ASP A 91 -7.10 -1.94 -16.59
CA ASP A 91 -8.08 -2.78 -17.26
C ASP A 91 -8.93 -1.97 -18.23
N ARG A 92 -9.51 -0.88 -17.74
CA ARG A 92 -10.33 0.00 -18.56
C ARG A 92 -9.62 0.36 -19.85
N ALA A 93 -8.31 0.51 -19.77
CA ALA A 93 -7.51 0.86 -20.94
C ALA A 93 -7.17 -0.37 -21.77
N LEU A 94 -6.88 -1.48 -21.09
CA LEU A 94 -6.54 -2.72 -21.77
C LEU A 94 -7.62 -3.11 -22.76
N ARG A 95 -8.86 -3.21 -22.27
CA ARG A 95 -9.99 -3.58 -23.12
C ARG A 95 -9.81 -4.99 -23.68
N SER A 96 -9.30 -5.89 -22.85
CA SER A 96 -9.07 -7.26 -23.27
C SER A 96 -9.89 -8.23 -22.42
N PHE A 97 -11.03 -8.67 -22.93
CA PHE A 97 -11.90 -9.59 -22.21
C PHE A 97 -11.12 -10.82 -21.76
N LYS A 98 -11.09 -11.05 -20.45
CA LYS A 98 -10.38 -12.18 -19.88
C LYS A 98 -11.16 -12.76 -18.70
N SER A 99 -10.88 -14.03 -18.39
CA SER A 99 -11.55 -14.71 -17.29
C SER A 99 -10.59 -14.94 -16.13
N GLY A 100 -11.05 -14.68 -14.91
CA GLY A 100 -10.23 -14.86 -13.74
C GLY A 100 -10.91 -15.70 -12.67
N PRO A 101 -10.81 -17.02 -12.81
CA PRO A 101 -11.42 -17.97 -11.86
C PRO A 101 -10.72 -17.96 -10.51
N SER A 102 -11.43 -17.53 -9.48
CA SER A 102 -10.88 -17.47 -8.13
C SER A 102 -10.58 -18.86 -7.60
N SER A 103 -10.02 -18.93 -6.40
CA SER A 103 -9.68 -20.21 -5.78
C SER A 103 -10.60 -20.51 -4.61
N GLY A 104 -10.47 -21.70 -4.04
CA GLY A 104 -11.30 -22.08 -2.91
C GLY A 104 -10.50 -22.24 -1.63
N GLY A 1 18.63 0.87 -9.16
CA GLY A 1 19.29 -0.18 -9.92
C GLY A 1 19.58 -1.41 -9.08
N SER A 2 18.54 -2.02 -8.54
CA SER A 2 18.69 -3.21 -7.71
C SER A 2 17.80 -4.34 -8.22
N SER A 3 18.43 -5.40 -8.73
CA SER A 3 17.70 -6.54 -9.26
C SER A 3 17.50 -7.59 -8.17
N GLY A 4 16.27 -7.66 -7.64
CA GLY A 4 15.96 -8.61 -6.60
C GLY A 4 16.92 -8.53 -5.43
N SER A 5 16.60 -7.66 -4.48
CA SER A 5 17.45 -7.48 -3.30
C SER A 5 16.61 -7.50 -2.02
N SER A 6 16.69 -8.61 -1.28
CA SER A 6 15.94 -8.74 -0.04
C SER A 6 16.68 -8.12 1.12
N GLY A 7 15.95 -7.66 2.13
CA GLY A 7 16.55 -7.04 3.29
C GLY A 7 15.79 -7.33 4.57
N LYS A 8 16.06 -8.48 5.18
CA LYS A 8 15.40 -8.87 6.42
C LYS A 8 15.66 -7.85 7.52
N GLU A 9 14.82 -7.88 8.55
CA GLU A 9 14.97 -6.96 9.67
C GLU A 9 14.09 -7.39 10.85
N ALA A 10 14.51 -7.04 12.06
CA ALA A 10 13.77 -7.39 13.26
C ALA A 10 14.08 -6.41 14.40
N LEU A 11 13.08 -5.65 14.81
CA LEU A 11 13.24 -4.68 15.88
C LEU A 11 11.96 -4.55 16.70
N GLU A 12 12.12 -4.45 18.02
CA GLU A 12 10.97 -4.32 18.91
C GLU A 12 11.16 -3.16 19.88
N ALA A 13 10.26 -2.18 19.81
CA ALA A 13 10.33 -1.01 20.67
C ALA A 13 8.94 -0.46 20.97
N LEU A 14 8.70 -0.09 22.23
CA LEU A 14 7.42 0.45 22.64
C LEU A 14 6.93 1.51 21.65
N VAL A 15 7.85 2.33 21.17
CA VAL A 15 7.52 3.39 20.21
C VAL A 15 7.53 2.86 18.79
N PRO A 16 6.54 3.29 18.00
CA PRO A 16 6.42 2.88 16.59
C PRO A 16 7.52 3.45 15.71
N VAL A 17 7.47 3.14 14.42
CA VAL A 17 8.46 3.63 13.47
C VAL A 17 7.83 3.88 12.11
N THR A 18 8.52 4.65 11.27
CA THR A 18 8.04 4.97 9.94
C THR A 18 8.75 4.13 8.88
N ILE A 19 7.99 3.67 7.89
CA ILE A 19 8.54 2.85 6.81
C ILE A 19 8.31 3.50 5.46
N GLU A 20 8.75 2.83 4.41
CA GLU A 20 8.59 3.33 3.05
C GLU A 20 7.96 2.29 2.14
N VAL A 21 6.91 2.68 1.42
CA VAL A 21 6.22 1.78 0.52
C VAL A 21 6.16 2.35 -0.90
N GLU A 22 6.66 1.59 -1.86
CA GLU A 22 6.65 2.03 -3.25
C GLU A 22 5.23 2.08 -3.81
N VAL A 23 4.77 3.29 -4.11
CA VAL A 23 3.43 3.48 -4.66
C VAL A 23 3.36 4.71 -5.55
N PRO A 24 2.80 4.54 -6.76
CA PRO A 24 2.67 5.62 -7.73
C PRO A 24 1.64 6.66 -7.31
N PHE A 25 2.00 7.94 -7.43
CA PHE A 25 1.11 9.02 -7.06
C PHE A 25 -0.21 8.93 -7.82
N ASP A 26 -0.17 8.29 -8.98
CA ASP A 26 -1.36 8.12 -9.81
C ASP A 26 -2.41 7.26 -9.10
N LEU A 27 -2.00 6.66 -7.99
CA LEU A 27 -2.90 5.80 -7.21
C LEU A 27 -3.37 6.51 -5.95
N HIS A 28 -2.51 7.36 -5.40
CA HIS A 28 -2.85 8.11 -4.18
C HIS A 28 -4.29 8.57 -4.21
N ARG A 29 -4.62 9.43 -5.17
CA ARG A 29 -5.97 9.95 -5.31
C ARG A 29 -7.00 8.87 -5.03
N TYR A 30 -6.71 7.65 -5.48
CA TYR A 30 -7.62 6.52 -5.29
C TYR A 30 -7.48 5.95 -3.88
N VAL A 31 -6.24 5.82 -3.43
CA VAL A 31 -5.96 5.28 -2.10
C VAL A 31 -6.60 6.15 -1.02
N ILE A 32 -6.21 7.42 -0.98
CA ILE A 32 -6.74 8.36 0.01
C ILE A 32 -8.23 8.58 -0.20
N GLY A 33 -8.62 8.88 -1.44
CA GLY A 33 -10.01 9.12 -1.75
C GLY A 33 -10.45 10.53 -1.44
N GLN A 34 -11.58 10.95 -2.00
CA GLN A 34 -12.10 12.29 -1.77
C GLN A 34 -11.83 12.74 -0.34
N LYS A 35 -12.05 11.84 0.61
CA LYS A 35 -11.84 12.15 2.02
C LYS A 35 -10.84 11.18 2.64
N GLY A 36 -10.52 11.40 3.91
CA GLY A 36 -9.57 10.53 4.60
C GLY A 36 -10.25 9.33 5.22
N SER A 37 -11.23 8.77 4.53
CA SER A 37 -11.96 7.60 5.02
C SER A 37 -11.35 6.32 4.48
N GLY A 38 -11.20 6.24 3.16
CA GLY A 38 -10.63 5.06 2.54
C GLY A 38 -9.45 4.51 3.32
N ILE A 39 -8.38 5.28 3.39
CA ILE A 39 -7.18 4.87 4.11
C ILE A 39 -7.49 4.59 5.58
N ARG A 40 -8.34 5.43 6.17
CA ARG A 40 -8.72 5.27 7.57
C ARG A 40 -8.87 3.80 7.94
N LYS A 41 -9.74 3.10 7.21
CA LYS A 41 -9.98 1.69 7.45
C LYS A 41 -8.68 0.98 7.87
N MET A 42 -7.62 1.22 7.12
CA MET A 42 -6.32 0.60 7.41
C MET A 42 -5.74 1.16 8.71
N MET A 43 -5.62 2.49 8.78
CA MET A 43 -5.08 3.13 9.96
C MET A 43 -5.75 2.61 11.23
N ASP A 44 -7.03 2.27 11.12
CA ASP A 44 -7.78 1.75 12.25
C ASP A 44 -7.53 0.26 12.43
N GLU A 45 -7.65 -0.49 11.33
CA GLU A 45 -7.43 -1.93 11.38
C GLU A 45 -6.02 -2.27 11.85
N PHE A 46 -5.03 -1.78 11.10
CA PHE A 46 -3.63 -2.03 11.43
C PHE A 46 -3.15 -1.06 12.52
N GLU A 47 -4.09 -0.32 13.09
CA GLU A 47 -3.76 0.64 14.13
C GLU A 47 -2.49 1.41 13.79
N VAL A 48 -2.40 1.87 12.56
CA VAL A 48 -1.22 2.62 12.10
C VAL A 48 -1.62 3.95 11.48
N ASN A 49 -0.63 4.71 11.03
CA ASN A 49 -0.89 6.01 10.41
C ASN A 49 -0.15 6.11 9.07
N ILE A 50 -0.91 6.21 7.99
CA ILE A 50 -0.35 6.33 6.66
C ILE A 50 -0.22 7.79 6.24
N HIS A 51 0.95 8.16 5.74
CA HIS A 51 1.19 9.53 5.30
C HIS A 51 1.58 9.56 3.82
N VAL A 52 0.85 10.37 3.05
CA VAL A 52 1.12 10.49 1.62
C VAL A 52 1.75 11.85 1.29
N PRO A 53 2.75 11.83 0.39
CA PRO A 53 3.45 13.04 -0.02
C PRO A 53 2.58 13.96 -0.87
N ALA A 54 2.73 15.26 -0.66
CA ALA A 54 1.96 16.24 -1.41
C ALA A 54 2.27 16.18 -2.89
N PRO A 55 1.35 16.71 -3.72
CA PRO A 55 1.51 16.73 -5.18
C PRO A 55 2.62 17.67 -5.63
N GLU A 56 3.08 18.52 -4.72
CA GLU A 56 4.14 19.47 -5.04
C GLU A 56 5.51 18.81 -4.94
N LEU A 57 5.55 17.63 -4.32
CA LEU A 57 6.80 16.89 -4.16
C LEU A 57 6.96 15.84 -5.26
N GLN A 58 5.85 15.48 -5.90
CA GLN A 58 5.86 14.49 -6.97
C GLN A 58 6.63 13.24 -6.54
N SER A 59 6.28 12.72 -5.36
CA SER A 59 6.95 11.53 -4.83
C SER A 59 6.04 10.30 -4.98
N ASP A 60 6.66 9.15 -5.17
CA ASP A 60 5.92 7.90 -5.32
C ASP A 60 6.20 6.95 -4.16
N ILE A 61 6.65 7.51 -3.04
CA ILE A 61 6.95 6.71 -1.86
C ILE A 61 6.10 7.14 -0.67
N ILE A 62 5.27 6.22 -0.20
CA ILE A 62 4.39 6.51 0.94
C ILE A 62 5.06 6.10 2.25
N ALA A 63 4.85 6.92 3.28
CA ALA A 63 5.43 6.65 4.60
C ALA A 63 4.36 6.19 5.58
N ILE A 64 4.58 5.02 6.17
CA ILE A 64 3.63 4.46 7.13
C ILE A 64 4.25 4.38 8.52
N THR A 65 3.52 4.87 9.51
CA THR A 65 3.98 4.85 10.90
C THR A 65 3.31 3.74 11.69
N GLY A 66 4.07 3.12 12.60
CA GLY A 66 3.52 2.06 13.42
C GLY A 66 4.60 1.10 13.90
N LEU A 67 4.22 0.21 14.81
CA LEU A 67 5.16 -0.77 15.37
C LEU A 67 5.61 -1.75 14.29
N ALA A 68 6.89 -2.12 14.34
CA ALA A 68 7.46 -3.06 13.36
C ALA A 68 6.45 -4.14 13.00
N ALA A 69 5.70 -4.62 14.00
CA ALA A 69 4.70 -5.65 13.77
C ALA A 69 3.57 -5.13 12.88
N ASN A 70 2.99 -4.01 13.27
CA ASN A 70 1.89 -3.40 12.51
C ASN A 70 2.35 -3.03 11.11
N LEU A 71 3.50 -2.39 11.02
CA LEU A 71 4.06 -1.97 9.74
C LEU A 71 4.03 -3.12 8.73
N ASP A 72 4.38 -4.31 9.20
CA ASP A 72 4.38 -5.50 8.34
C ASP A 72 2.98 -5.81 7.83
N ARG A 73 2.03 -5.93 8.76
CA ARG A 73 0.65 -6.23 8.39
C ARG A 73 0.10 -5.17 7.44
N ALA A 74 0.13 -3.91 7.89
CA ALA A 74 -0.37 -2.81 7.07
C ALA A 74 0.32 -2.76 5.72
N LYS A 75 1.65 -2.75 5.74
CA LYS A 75 2.43 -2.72 4.50
C LYS A 75 2.02 -3.86 3.57
N ALA A 76 1.96 -5.07 4.11
CA ALA A 76 1.59 -6.24 3.32
C ALA A 76 0.21 -6.05 2.69
N GLY A 77 -0.57 -5.14 3.25
CA GLY A 77 -1.90 -4.88 2.71
C GLY A 77 -1.89 -3.92 1.55
N LEU A 78 -1.11 -2.84 1.68
CA LEU A 78 -1.01 -1.84 0.63
C LEU A 78 -0.34 -2.42 -0.61
N LEU A 79 0.81 -3.05 -0.42
CA LEU A 79 1.56 -3.65 -1.51
C LEU A 79 0.63 -4.44 -2.43
N GLU A 80 -0.25 -5.23 -1.83
CA GLU A 80 -1.19 -6.05 -2.60
C GLU A 80 -2.30 -5.17 -3.20
N ARG A 81 -2.73 -4.17 -2.44
CA ARG A 81 -3.78 -3.27 -2.89
C ARG A 81 -3.33 -2.50 -4.13
N VAL A 82 -2.06 -2.13 -4.16
CA VAL A 82 -1.50 -1.38 -5.29
C VAL A 82 -1.38 -2.27 -6.53
N LYS A 83 -0.76 -3.43 -6.35
CA LYS A 83 -0.57 -4.37 -7.45
C LYS A 83 -1.90 -4.72 -8.10
N GLU A 84 -2.94 -4.86 -7.28
CA GLU A 84 -4.27 -5.20 -7.78
C GLU A 84 -4.92 -3.98 -8.43
N LEU A 85 -4.89 -2.85 -7.73
CA LEU A 85 -5.49 -1.62 -8.24
C LEU A 85 -4.94 -1.28 -9.62
N GLN A 86 -3.61 -1.25 -9.72
CA GLN A 86 -2.96 -0.93 -10.99
C GLN A 86 -3.43 -1.88 -12.09
N ALA A 87 -4.01 -3.01 -11.70
CA ALA A 87 -4.50 -4.00 -12.65
C ALA A 87 -5.94 -3.70 -13.05
N GLU A 88 -6.77 -3.32 -12.06
CA GLU A 88 -8.17 -3.01 -12.32
C GLU A 88 -8.31 -1.66 -13.03
N GLN A 89 -7.61 -0.65 -12.51
CA GLN A 89 -7.65 0.68 -13.09
C GLN A 89 -7.04 0.70 -14.49
N GLU A 90 -6.23 -0.32 -14.78
CA GLU A 90 -5.59 -0.44 -16.09
C GLU A 90 -6.41 -1.29 -17.03
N ASP A 91 -6.86 -2.44 -16.54
CA ASP A 91 -7.67 -3.36 -17.34
C ASP A 91 -8.58 -2.60 -18.29
N ARG A 92 -9.49 -1.81 -17.73
CA ARG A 92 -10.42 -1.03 -18.54
C ARG A 92 -9.69 -0.32 -19.68
N ALA A 93 -8.51 0.21 -19.38
CA ALA A 93 -7.70 0.91 -20.37
C ALA A 93 -7.10 -0.07 -21.38
N LEU A 94 -6.74 -1.25 -20.89
CA LEU A 94 -6.14 -2.27 -21.74
C LEU A 94 -6.94 -2.43 -23.04
N ARG A 95 -8.25 -2.54 -22.91
CA ARG A 95 -9.11 -2.69 -24.07
C ARG A 95 -8.51 -3.66 -25.08
N SER A 96 -8.09 -4.82 -24.60
CA SER A 96 -7.48 -5.83 -25.46
C SER A 96 -7.35 -7.16 -24.72
N PHE A 97 -7.91 -8.21 -25.31
CA PHE A 97 -7.86 -9.54 -24.70
C PHE A 97 -6.45 -9.87 -24.21
N LYS A 98 -6.36 -10.75 -23.23
CA LYS A 98 -5.08 -11.15 -22.67
C LYS A 98 -5.18 -12.52 -22.01
N SER A 99 -4.11 -13.30 -22.14
CA SER A 99 -4.08 -14.64 -21.55
C SER A 99 -3.68 -14.58 -20.08
N GLY A 100 -4.42 -13.78 -19.31
CA GLY A 100 -4.14 -13.64 -17.90
C GLY A 100 -5.38 -13.35 -17.08
N PRO A 101 -5.82 -12.09 -17.08
CA PRO A 101 -7.00 -11.65 -16.34
C PRO A 101 -8.29 -12.20 -16.94
N SER A 102 -8.16 -12.90 -18.06
CA SER A 102 -9.32 -13.47 -18.74
C SER A 102 -8.99 -14.86 -19.30
N SER A 103 -9.79 -15.84 -18.90
CA SER A 103 -9.59 -17.22 -19.35
C SER A 103 -10.45 -17.52 -20.57
N GLY A 104 -9.90 -18.29 -21.50
CA GLY A 104 -10.63 -18.65 -22.70
C GLY A 104 -11.51 -19.86 -22.51
N GLY A 1 13.39 -11.54 -5.79
CA GLY A 1 12.89 -12.59 -6.67
C GLY A 1 13.09 -13.97 -6.09
N SER A 2 12.45 -14.24 -4.95
CA SER A 2 12.56 -15.53 -4.30
C SER A 2 11.60 -15.62 -3.11
N SER A 3 10.77 -16.66 -3.11
CA SER A 3 9.80 -16.87 -2.03
C SER A 3 10.51 -17.23 -0.73
N GLY A 4 10.14 -16.54 0.35
CA GLY A 4 10.75 -16.80 1.63
C GLY A 4 11.93 -15.90 1.93
N SER A 5 11.94 -15.29 3.10
CA SER A 5 13.03 -14.40 3.49
C SER A 5 14.10 -15.15 4.27
N SER A 6 15.35 -14.70 4.11
CA SER A 6 16.47 -15.34 4.79
C SER A 6 16.80 -14.61 6.09
N GLY A 7 17.63 -15.25 6.92
CA GLY A 7 18.01 -14.64 8.18
C GLY A 7 16.83 -14.07 8.94
N LYS A 8 16.24 -14.87 9.81
CA LYS A 8 15.09 -14.44 10.60
C LYS A 8 15.48 -13.30 11.54
N GLU A 9 14.47 -12.65 12.12
CA GLU A 9 14.69 -11.54 13.03
C GLU A 9 13.78 -11.64 14.25
N ALA A 10 14.01 -10.77 15.22
CA ALA A 10 13.20 -10.76 16.44
C ALA A 10 13.52 -9.53 17.30
N LEU A 11 12.59 -8.59 17.34
CA LEU A 11 12.78 -7.38 18.13
C LEU A 11 11.44 -6.83 18.62
N GLU A 12 11.43 -6.30 19.84
CA GLU A 12 10.21 -5.74 20.42
C GLU A 12 10.46 -4.33 20.96
N ALA A 13 9.79 -3.35 20.37
CA ALA A 13 9.94 -1.97 20.80
C ALA A 13 8.58 -1.35 21.12
N LEU A 14 8.55 -0.53 22.17
CA LEU A 14 7.32 0.13 22.58
C LEU A 14 6.96 1.26 21.63
N VAL A 15 7.95 2.06 21.26
CA VAL A 15 7.73 3.18 20.35
C VAL A 15 7.68 2.70 18.90
N PRO A 16 6.72 3.24 18.13
CA PRO A 16 6.54 2.88 16.72
C PRO A 16 7.66 3.41 15.84
N VAL A 17 7.59 3.12 14.55
CA VAL A 17 8.60 3.56 13.60
C VAL A 17 8.00 3.83 12.22
N THR A 18 8.66 4.67 11.45
CA THR A 18 8.19 5.02 10.12
C THR A 18 8.87 4.16 9.05
N ILE A 19 8.12 3.84 7.99
CA ILE A 19 8.66 3.03 6.91
C ILE A 19 8.40 3.68 5.56
N GLU A 20 8.76 2.97 4.49
CA GLU A 20 8.58 3.49 3.13
C GLU A 20 7.95 2.43 2.23
N VAL A 21 6.90 2.82 1.51
CA VAL A 21 6.22 1.89 0.61
C VAL A 21 6.15 2.46 -0.81
N GLU A 22 6.70 1.72 -1.76
CA GLU A 22 6.71 2.15 -3.15
C GLU A 22 5.30 2.15 -3.73
N VAL A 23 4.78 3.34 -4.04
CA VAL A 23 3.44 3.47 -4.59
C VAL A 23 3.34 4.70 -5.49
N PRO A 24 2.80 4.51 -6.70
CA PRO A 24 2.64 5.59 -7.68
C PRO A 24 1.57 6.58 -7.26
N PHE A 25 1.87 7.87 -7.39
CA PHE A 25 0.93 8.92 -7.02
C PHE A 25 -0.37 8.77 -7.79
N ASP A 26 -0.30 8.13 -8.95
CA ASP A 26 -1.47 7.93 -9.80
C ASP A 26 -2.51 7.08 -9.07
N LEU A 27 -2.10 6.46 -7.97
CA LEU A 27 -3.00 5.62 -7.18
C LEU A 27 -3.47 6.36 -5.92
N HIS A 28 -2.61 7.22 -5.39
CA HIS A 28 -2.94 7.98 -4.19
C HIS A 28 -4.38 8.46 -4.24
N ARG A 29 -4.71 9.26 -5.25
CA ARG A 29 -6.05 9.80 -5.41
C ARG A 29 -7.10 8.72 -5.12
N TYR A 30 -6.80 7.49 -5.51
CA TYR A 30 -7.71 6.37 -5.29
C TYR A 30 -7.59 5.83 -3.87
N VAL A 31 -6.36 5.79 -3.36
CA VAL A 31 -6.10 5.29 -2.02
C VAL A 31 -6.69 6.23 -0.97
N ILE A 32 -6.22 7.48 -0.98
CA ILE A 32 -6.70 8.48 -0.02
C ILE A 32 -8.21 8.69 -0.16
N GLY A 33 -8.67 8.83 -1.40
CA GLY A 33 -10.08 9.04 -1.65
C GLY A 33 -10.65 10.20 -0.85
N GLN A 34 -11.89 10.06 -0.41
CA GLN A 34 -12.55 11.11 0.37
C GLN A 34 -11.65 11.58 1.52
N LYS A 35 -12.15 12.55 2.28
CA LYS A 35 -11.40 13.08 3.41
C LYS A 35 -10.82 11.95 4.26
N GLY A 36 -9.61 11.52 3.92
CA GLY A 36 -8.97 10.45 4.66
C GLY A 36 -9.95 9.42 5.17
N SER A 37 -10.90 9.04 4.32
CA SER A 37 -11.92 8.05 4.68
C SER A 37 -11.54 6.66 4.17
N GLY A 38 -11.00 6.62 2.95
CA GLY A 38 -10.62 5.36 2.36
C GLY A 38 -9.43 4.73 3.05
N ILE A 39 -8.47 5.56 3.46
CA ILE A 39 -7.27 5.08 4.15
C ILE A 39 -7.58 4.77 5.61
N ARG A 40 -8.41 5.59 6.23
CA ARG A 40 -8.77 5.41 7.63
C ARG A 40 -8.94 3.92 7.94
N LYS A 41 -9.65 3.21 7.07
CA LYS A 41 -9.88 1.79 7.26
C LYS A 41 -8.65 1.09 7.82
N MET A 42 -7.52 1.25 7.14
CA MET A 42 -6.27 0.65 7.58
C MET A 42 -5.83 1.23 8.92
N MET A 43 -5.59 2.54 8.95
CA MET A 43 -5.16 3.22 10.17
C MET A 43 -5.98 2.74 11.37
N ASP A 44 -7.22 2.34 11.11
CA ASP A 44 -8.10 1.86 12.16
C ASP A 44 -7.94 0.35 12.38
N GLU A 45 -7.73 -0.37 11.28
CA GLU A 45 -7.57 -1.82 11.34
C GLU A 45 -6.15 -2.17 11.80
N PHE A 46 -5.16 -1.75 11.01
CA PHE A 46 -3.77 -2.03 11.35
C PHE A 46 -3.25 -1.08 12.41
N GLU A 47 -4.17 -0.33 13.02
CA GLU A 47 -3.81 0.62 14.06
C GLU A 47 -2.48 1.30 13.74
N VAL A 48 -2.39 1.88 12.55
CA VAL A 48 -1.18 2.56 12.11
C VAL A 48 -1.49 3.94 11.53
N ASN A 49 -0.46 4.67 11.15
CA ASN A 49 -0.63 6.00 10.58
C ASN A 49 0.04 6.09 9.21
N ILE A 50 -0.77 6.35 8.19
CA ILE A 50 -0.26 6.47 6.83
C ILE A 50 -0.15 7.94 6.41
N HIS A 51 0.95 8.27 5.74
CA HIS A 51 1.19 9.63 5.28
C HIS A 51 1.60 9.64 3.81
N VAL A 52 0.85 10.37 2.99
CA VAL A 52 1.14 10.46 1.57
C VAL A 52 1.75 11.82 1.22
N PRO A 53 2.77 11.82 0.37
CA PRO A 53 3.46 13.04 -0.08
C PRO A 53 2.59 13.90 -0.98
N ALA A 54 2.58 15.20 -0.72
CA ALA A 54 1.78 16.13 -1.52
C ALA A 54 2.12 16.01 -3.01
N PRO A 55 1.21 16.52 -3.86
CA PRO A 55 1.38 16.47 -5.31
C PRO A 55 2.50 17.39 -5.79
N GLU A 56 2.88 18.35 -4.94
CA GLU A 56 3.93 19.29 -5.29
C GLU A 56 5.30 18.64 -5.16
N LEU A 57 5.38 17.56 -4.40
CA LEU A 57 6.64 16.85 -4.19
C LEU A 57 6.87 15.83 -5.30
N GLN A 58 5.78 15.36 -5.89
CA GLN A 58 5.86 14.37 -6.97
C GLN A 58 6.60 13.12 -6.51
N SER A 59 6.34 12.72 -5.27
CA SER A 59 6.98 11.54 -4.71
C SER A 59 6.06 10.32 -4.80
N ASP A 60 6.64 9.18 -5.16
CA ASP A 60 5.87 7.95 -5.29
C ASP A 60 6.14 7.01 -4.12
N ILE A 61 6.59 7.58 -3.00
CA ILE A 61 6.88 6.80 -1.80
C ILE A 61 6.03 7.26 -0.62
N ILE A 62 5.28 6.33 -0.06
CA ILE A 62 4.42 6.63 1.09
C ILE A 62 5.08 6.22 2.40
N ALA A 63 4.95 7.08 3.41
CA ALA A 63 5.53 6.80 4.71
C ALA A 63 4.48 6.28 5.69
N ILE A 64 4.76 5.15 6.31
CA ILE A 64 3.84 4.55 7.27
C ILE A 64 4.47 4.42 8.65
N THR A 65 3.77 4.90 9.67
CA THR A 65 4.27 4.84 11.03
C THR A 65 3.52 3.79 11.85
N GLY A 66 4.26 3.07 12.69
CA GLY A 66 3.64 2.04 13.51
C GLY A 66 4.65 1.03 14.01
N LEU A 67 4.18 0.09 14.84
CA LEU A 67 5.06 -0.94 15.39
C LEU A 67 5.55 -1.89 14.30
N ALA A 68 6.83 -2.21 14.33
CA ALA A 68 7.41 -3.11 13.35
C ALA A 68 6.45 -4.23 12.96
N ALA A 69 5.77 -4.79 13.96
CA ALA A 69 4.82 -5.86 13.74
C ALA A 69 3.67 -5.38 12.86
N ASN A 70 3.14 -4.20 13.17
CA ASN A 70 2.03 -3.63 12.40
C ASN A 70 2.48 -3.25 11.00
N LEU A 71 3.59 -2.52 10.91
CA LEU A 71 4.13 -2.09 9.63
C LEU A 71 4.14 -3.24 8.63
N ASP A 72 4.45 -4.44 9.11
CA ASP A 72 4.51 -5.62 8.27
C ASP A 72 3.11 -5.95 7.72
N ARG A 73 2.16 -6.14 8.62
CA ARG A 73 0.80 -6.46 8.24
C ARG A 73 0.21 -5.38 7.32
N ALA A 74 0.23 -4.14 7.80
CA ALA A 74 -0.28 -3.01 7.03
C ALA A 74 0.39 -2.93 5.67
N LYS A 75 1.70 -2.73 5.67
CA LYS A 75 2.46 -2.63 4.43
C LYS A 75 2.04 -3.72 3.44
N ALA A 76 1.80 -4.92 3.96
CA ALA A 76 1.39 -6.04 3.13
C ALA A 76 0.06 -5.74 2.43
N GLY A 77 -0.86 -5.12 3.15
CA GLY A 77 -2.15 -4.79 2.58
C GLY A 77 -2.05 -3.76 1.47
N LEU A 78 -1.18 -2.77 1.65
CA LEU A 78 -0.99 -1.73 0.66
C LEU A 78 -0.31 -2.27 -0.59
N LEU A 79 0.82 -2.94 -0.40
CA LEU A 79 1.57 -3.51 -1.52
C LEU A 79 0.65 -4.31 -2.43
N GLU A 80 -0.25 -5.09 -1.84
CA GLU A 80 -1.18 -5.90 -2.60
C GLU A 80 -2.26 -5.02 -3.25
N ARG A 81 -2.65 -3.96 -2.56
CA ARG A 81 -3.66 -3.05 -3.07
C ARG A 81 -3.17 -2.35 -4.34
N VAL A 82 -1.88 -2.03 -4.38
CA VAL A 82 -1.29 -1.36 -5.54
C VAL A 82 -1.13 -2.32 -6.70
N LYS A 83 -0.71 -3.54 -6.40
CA LYS A 83 -0.52 -4.56 -7.42
C LYS A 83 -1.85 -4.99 -8.03
N GLU A 84 -2.92 -4.85 -7.26
CA GLU A 84 -4.25 -5.21 -7.72
C GLU A 84 -4.97 -4.01 -8.31
N LEU A 85 -4.69 -2.83 -7.77
CA LEU A 85 -5.30 -1.61 -8.26
C LEU A 85 -4.79 -1.25 -9.65
N GLN A 86 -3.47 -1.14 -9.78
CA GLN A 86 -2.85 -0.81 -11.06
C GLN A 86 -3.23 -1.82 -12.13
N ALA A 87 -3.47 -3.05 -11.70
CA ALA A 87 -3.85 -4.12 -12.63
C ALA A 87 -5.19 -3.83 -13.28
N GLU A 88 -5.97 -2.95 -12.67
CA GLU A 88 -7.29 -2.59 -13.19
C GLU A 88 -7.19 -1.35 -14.08
N GLN A 89 -6.84 -0.22 -13.48
CA GLN A 89 -6.72 1.03 -14.22
C GLN A 89 -5.91 0.83 -15.50
N GLU A 90 -4.95 -0.10 -15.45
CA GLU A 90 -4.12 -0.39 -16.61
C GLU A 90 -4.80 -1.39 -17.54
N ASP A 91 -5.37 -2.44 -16.96
CA ASP A 91 -6.06 -3.47 -17.73
C ASP A 91 -6.79 -2.85 -18.92
N ARG A 92 -7.59 -1.83 -18.65
CA ARG A 92 -8.35 -1.16 -19.71
C ARG A 92 -7.41 -0.55 -20.75
N ALA A 93 -6.34 0.08 -20.28
CA ALA A 93 -5.37 0.70 -21.17
C ALA A 93 -4.74 -0.33 -22.10
N LEU A 94 -4.31 -1.44 -21.53
CA LEU A 94 -3.69 -2.52 -22.31
C LEU A 94 -4.63 -3.00 -23.41
N ARG A 95 -5.93 -2.93 -23.15
CA ARG A 95 -6.93 -3.36 -24.12
C ARG A 95 -6.72 -4.82 -24.50
N SER A 96 -6.27 -5.62 -23.54
CA SER A 96 -6.04 -7.04 -23.78
C SER A 96 -7.33 -7.75 -24.18
N PHE A 97 -7.24 -8.56 -25.24
CA PHE A 97 -8.39 -9.31 -25.73
C PHE A 97 -8.43 -10.70 -25.14
N LYS A 98 -9.64 -11.18 -24.85
CA LYS A 98 -9.82 -12.51 -24.28
C LYS A 98 -11.16 -13.11 -24.71
N SER A 99 -11.15 -14.39 -25.04
CA SER A 99 -12.35 -15.08 -25.47
C SER A 99 -13.48 -14.90 -24.45
N GLY A 100 -14.34 -13.92 -24.71
CA GLY A 100 -15.45 -13.66 -23.80
C GLY A 100 -16.69 -13.18 -24.52
N PRO A 101 -17.82 -13.15 -23.82
CA PRO A 101 -19.10 -12.71 -24.39
C PRO A 101 -19.12 -11.21 -24.64
N SER A 102 -18.13 -10.50 -24.11
CA SER A 102 -18.04 -9.06 -24.29
C SER A 102 -17.74 -8.71 -25.74
N SER A 103 -18.54 -7.80 -26.30
CA SER A 103 -18.37 -7.38 -27.68
C SER A 103 -18.29 -5.86 -27.78
N GLY A 104 -17.55 -5.37 -28.77
CA GLY A 104 -17.41 -3.94 -28.95
C GLY A 104 -17.96 -3.47 -30.28
N GLY A 1 9.67 -35.24 7.26
CA GLY A 1 9.53 -34.87 8.67
C GLY A 1 10.65 -33.98 9.14
N SER A 2 11.50 -34.50 10.03
CA SER A 2 12.61 -33.72 10.56
C SER A 2 12.20 -32.29 10.85
N SER A 3 11.01 -32.13 11.42
CA SER A 3 10.49 -30.80 11.73
C SER A 3 10.18 -30.68 13.23
N GLY A 4 10.20 -29.45 13.73
CA GLY A 4 9.91 -29.23 15.14
C GLY A 4 9.16 -27.94 15.38
N SER A 5 8.08 -28.01 16.16
CA SER A 5 7.27 -26.84 16.46
C SER A 5 7.65 -26.25 17.82
N SER A 6 7.74 -24.92 17.88
CA SER A 6 8.10 -24.24 19.11
C SER A 6 7.44 -22.86 19.18
N GLY A 7 7.70 -22.14 20.26
CA GLY A 7 7.12 -20.82 20.43
C GLY A 7 8.04 -19.88 21.19
N LYS A 8 8.88 -19.17 20.45
CA LYS A 8 9.82 -18.23 21.06
C LYS A 8 10.04 -17.02 20.15
N GLU A 9 9.82 -15.83 20.69
CA GLU A 9 9.99 -14.60 19.93
C GLU A 9 10.85 -13.60 20.70
N ALA A 10 11.58 -12.76 19.96
CA ALA A 10 12.44 -11.75 20.58
C ALA A 10 12.19 -10.38 19.97
N LEU A 11 11.35 -9.59 20.62
CA LEU A 11 11.03 -8.24 20.14
C LEU A 11 10.74 -7.31 21.31
N GLU A 12 11.43 -6.18 21.32
CA GLU A 12 11.24 -5.19 22.39
C GLU A 12 11.18 -3.77 21.82
N ALA A 13 10.03 -3.13 21.97
CA ALA A 13 9.84 -1.78 21.47
C ALA A 13 8.52 -1.18 21.98
N LEU A 14 8.55 0.12 22.29
CA LEU A 14 7.37 0.81 22.79
C LEU A 14 6.88 1.84 21.79
N VAL A 15 7.82 2.54 21.17
CA VAL A 15 7.48 3.56 20.18
C VAL A 15 7.57 3.01 18.77
N PRO A 16 6.59 3.37 17.93
CA PRO A 16 6.52 2.91 16.54
C PRO A 16 7.61 3.55 15.68
N VAL A 17 7.65 3.18 14.40
CA VAL A 17 8.64 3.71 13.47
C VAL A 17 8.01 3.96 12.10
N THR A 18 8.68 4.80 11.31
CA THR A 18 8.20 5.13 9.97
C THR A 18 8.88 4.27 8.91
N ILE A 19 8.09 3.78 7.97
CA ILE A 19 8.61 2.95 6.90
C ILE A 19 8.41 3.60 5.53
N GLU A 20 8.78 2.88 4.47
CA GLU A 20 8.64 3.40 3.11
C GLU A 20 8.06 2.33 2.19
N VAL A 21 6.97 2.67 1.51
CA VAL A 21 6.32 1.74 0.60
C VAL A 21 6.28 2.30 -0.82
N GLU A 22 6.64 1.49 -1.80
CA GLU A 22 6.65 1.90 -3.19
C GLU A 22 5.22 1.96 -3.74
N VAL A 23 4.78 3.16 -4.10
CA VAL A 23 3.44 3.36 -4.65
C VAL A 23 3.39 4.60 -5.53
N PRO A 24 2.85 4.42 -6.75
CA PRO A 24 2.71 5.52 -7.71
C PRO A 24 1.68 6.55 -7.28
N PHE A 25 2.02 7.83 -7.43
CA PHE A 25 1.11 8.91 -7.06
C PHE A 25 -0.21 8.80 -7.82
N ASP A 26 -0.17 8.10 -8.95
CA ASP A 26 -1.37 7.92 -9.77
C ASP A 26 -2.42 7.09 -9.05
N LEU A 27 -2.01 6.48 -7.94
CA LEU A 27 -2.92 5.64 -7.15
C LEU A 27 -3.33 6.37 -5.87
N HIS A 28 -2.44 7.22 -5.36
CA HIS A 28 -2.72 7.97 -4.14
C HIS A 28 -4.15 8.50 -4.14
N ARG A 29 -4.47 9.33 -5.13
CA ARG A 29 -5.80 9.90 -5.24
C ARG A 29 -6.88 8.85 -4.98
N TYR A 30 -6.58 7.61 -5.35
CA TYR A 30 -7.52 6.51 -5.16
C TYR A 30 -7.39 5.93 -3.76
N VAL A 31 -6.16 5.86 -3.26
CA VAL A 31 -5.90 5.32 -1.92
C VAL A 31 -6.49 6.23 -0.85
N ILE A 32 -5.99 7.46 -0.78
CA ILE A 32 -6.45 8.43 0.20
C ILE A 32 -7.98 8.52 0.21
N GLY A 33 -8.53 8.89 -0.95
CA GLY A 33 -9.98 9.01 -1.07
C GLY A 33 -10.51 10.28 -0.44
N GLN A 34 -11.82 10.48 -0.52
CA GLN A 34 -12.45 11.67 0.05
C GLN A 34 -12.46 11.60 1.57
N LYS A 35 -12.44 12.76 2.21
CA LYS A 35 -12.46 12.84 3.67
C LYS A 35 -11.52 11.80 4.27
N GLY A 36 -10.43 11.50 3.56
CA GLY A 36 -9.47 10.54 4.04
C GLY A 36 -10.14 9.35 4.73
N SER A 37 -11.03 8.68 4.02
CA SER A 37 -11.74 7.53 4.57
C SER A 37 -11.08 6.22 4.14
N GLY A 38 -10.86 6.08 2.83
CA GLY A 38 -10.24 4.88 2.31
C GLY A 38 -9.11 4.38 3.18
N ILE A 39 -8.07 5.19 3.32
CA ILE A 39 -6.92 4.83 4.14
C ILE A 39 -7.32 4.61 5.59
N ARG A 40 -8.20 5.47 6.09
CA ARG A 40 -8.68 5.37 7.47
C ARG A 40 -8.95 3.93 7.85
N LYS A 41 -9.73 3.24 7.02
CA LYS A 41 -10.06 1.84 7.27
C LYS A 41 -8.84 1.05 7.73
N MET A 42 -7.71 1.29 7.06
CA MET A 42 -6.47 0.61 7.40
C MET A 42 -5.90 1.13 8.71
N MET A 43 -5.68 2.44 8.78
CA MET A 43 -5.15 3.07 9.98
C MET A 43 -5.87 2.55 11.23
N ASP A 44 -7.14 2.20 11.07
CA ASP A 44 -7.93 1.69 12.18
C ASP A 44 -7.75 0.19 12.35
N GLU A 45 -7.72 -0.53 11.22
CA GLU A 45 -7.54 -1.98 11.24
C GLU A 45 -6.13 -2.35 11.71
N PHE A 46 -5.14 -1.92 10.95
CA PHE A 46 -3.74 -2.21 11.28
C PHE A 46 -3.27 -1.32 12.44
N GLU A 47 -4.12 -0.40 12.86
CA GLU A 47 -3.79 0.50 13.96
C GLU A 47 -2.48 1.23 13.68
N VAL A 48 -2.37 1.81 12.49
CA VAL A 48 -1.17 2.54 12.10
C VAL A 48 -1.53 3.90 11.48
N ASN A 49 -0.50 4.67 11.15
CA ASN A 49 -0.71 5.99 10.55
C ASN A 49 -0.01 6.08 9.20
N ILE A 50 -0.79 6.19 8.14
CA ILE A 50 -0.25 6.30 6.78
C ILE A 50 -0.13 7.75 6.35
N HIS A 51 1.01 8.08 5.74
CA HIS A 51 1.24 9.45 5.27
C HIS A 51 1.60 9.45 3.79
N VAL A 52 0.88 10.27 3.02
CA VAL A 52 1.13 10.37 1.58
C VAL A 52 1.72 11.72 1.22
N PRO A 53 2.71 11.70 0.30
CA PRO A 53 3.39 12.93 -0.15
C PRO A 53 2.48 13.82 -0.99
N ALA A 54 2.55 15.12 -0.76
CA ALA A 54 1.73 16.08 -1.50
C ALA A 54 2.04 16.00 -2.99
N PRO A 55 1.14 16.59 -3.81
CA PRO A 55 1.30 16.62 -5.26
C PRO A 55 2.44 17.51 -5.72
N GLU A 56 2.76 18.52 -4.91
CA GLU A 56 3.83 19.45 -5.23
C GLU A 56 5.19 18.79 -5.04
N LEU A 57 5.20 17.62 -4.42
CA LEU A 57 6.43 16.88 -4.18
C LEU A 57 6.68 15.85 -5.27
N GLN A 58 5.60 15.41 -5.92
CA GLN A 58 5.70 14.43 -6.99
C GLN A 58 6.50 13.21 -6.54
N SER A 59 6.13 12.67 -5.38
CA SER A 59 6.81 11.50 -4.82
C SER A 59 5.96 10.24 -5.00
N ASP A 60 6.62 9.10 -5.16
CA ASP A 60 5.93 7.84 -5.33
C ASP A 60 6.22 6.90 -4.16
N ILE A 61 6.67 7.47 -3.06
CA ILE A 61 6.98 6.68 -1.86
C ILE A 61 6.12 7.11 -0.68
N ILE A 62 5.34 6.16 -0.16
CA ILE A 62 4.47 6.43 0.97
C ILE A 62 5.13 6.03 2.29
N ALA A 63 4.89 6.82 3.33
CA ALA A 63 5.46 6.55 4.64
C ALA A 63 4.39 6.06 5.62
N ILE A 64 4.66 4.95 6.29
CA ILE A 64 3.73 4.39 7.25
C ILE A 64 4.35 4.30 8.65
N THR A 65 3.72 4.97 9.60
CA THR A 65 4.20 4.98 10.98
C THR A 65 3.50 3.92 11.82
N GLY A 66 4.25 3.24 12.68
CA GLY A 66 3.68 2.21 13.52
C GLY A 66 4.70 1.20 13.98
N LEU A 67 4.28 0.29 14.86
CA LEU A 67 5.18 -0.74 15.39
C LEU A 67 5.59 -1.71 14.28
N ALA A 68 6.86 -2.08 14.26
CA ALA A 68 7.38 -3.01 13.27
C ALA A 68 6.35 -4.07 12.92
N ALA A 69 5.57 -4.48 13.92
CA ALA A 69 4.55 -5.49 13.72
C ALA A 69 3.38 -4.95 12.89
N ASN A 70 2.91 -3.77 13.26
CA ASN A 70 1.79 -3.13 12.57
C ASN A 70 2.20 -2.75 11.14
N LEU A 71 3.44 -2.30 10.98
CA LEU A 71 3.94 -1.90 9.68
C LEU A 71 3.93 -3.08 8.70
N ASP A 72 4.18 -4.27 9.22
CA ASP A 72 4.19 -5.47 8.40
C ASP A 72 2.78 -5.81 7.90
N ARG A 73 1.86 -5.95 8.83
CA ARG A 73 0.47 -6.26 8.49
C ARG A 73 -0.11 -5.21 7.55
N ALA A 74 0.18 -3.94 7.85
CA ALA A 74 -0.33 -2.85 7.04
C ALA A 74 0.37 -2.81 5.68
N LYS A 75 1.69 -2.72 5.68
CA LYS A 75 2.47 -2.68 4.46
C LYS A 75 2.07 -3.83 3.52
N ALA A 76 1.74 -4.97 4.11
CA ALA A 76 1.34 -6.14 3.33
C ALA A 76 0.05 -5.87 2.56
N GLY A 77 -0.87 -5.14 3.20
CA GLY A 77 -2.13 -4.82 2.56
C GLY A 77 -1.97 -3.82 1.43
N LEU A 78 -1.15 -2.81 1.65
CA LEU A 78 -0.92 -1.78 0.64
C LEU A 78 -0.27 -2.37 -0.61
N LEU A 79 0.92 -2.93 -0.44
CA LEU A 79 1.65 -3.54 -1.55
C LEU A 79 0.70 -4.30 -2.46
N GLU A 80 -0.16 -5.12 -1.87
CA GLU A 80 -1.13 -5.89 -2.63
C GLU A 80 -2.19 -5.00 -3.25
N ARG A 81 -2.60 -3.98 -2.51
CA ARG A 81 -3.62 -3.04 -2.99
C ARG A 81 -3.16 -2.35 -4.27
N VAL A 82 -1.85 -2.10 -4.36
CA VAL A 82 -1.28 -1.45 -5.53
C VAL A 82 -1.26 -2.38 -6.73
N LYS A 83 -0.82 -3.61 -6.52
CA LYS A 83 -0.76 -4.61 -7.58
C LYS A 83 -2.14 -4.85 -8.19
N GLU A 84 -3.16 -4.77 -7.34
CA GLU A 84 -4.54 -4.98 -7.80
C GLU A 84 -5.12 -3.69 -8.38
N LEU A 85 -4.88 -2.58 -7.70
CA LEU A 85 -5.38 -1.29 -8.14
C LEU A 85 -4.84 -0.93 -9.52
N GLN A 86 -3.51 -0.96 -9.66
CA GLN A 86 -2.87 -0.64 -10.92
C GLN A 86 -3.44 -1.50 -12.05
N ALA A 87 -3.86 -2.72 -11.70
CA ALA A 87 -4.42 -3.64 -12.68
C ALA A 87 -5.77 -3.14 -13.19
N GLU A 88 -6.44 -2.32 -12.39
CA GLU A 88 -7.74 -1.78 -12.75
C GLU A 88 -7.59 -0.47 -13.52
N GLN A 89 -6.99 0.53 -12.86
CA GLN A 89 -6.79 1.83 -13.47
C GLN A 89 -6.05 1.69 -14.81
N GLU A 90 -5.26 0.63 -14.93
CA GLU A 90 -4.50 0.38 -16.15
C GLU A 90 -5.37 -0.29 -17.21
N ASP A 91 -6.19 -1.26 -16.78
CA ASP A 91 -7.07 -1.98 -17.69
C ASP A 91 -7.68 -1.03 -18.71
N ARG A 92 -8.13 0.13 -18.25
CA ARG A 92 -8.75 1.12 -19.12
C ARG A 92 -7.78 1.53 -20.24
N ALA A 93 -6.65 2.10 -19.85
CA ALA A 93 -5.64 2.55 -20.80
C ALA A 93 -5.31 1.43 -21.80
N LEU A 94 -5.00 0.25 -21.27
CA LEU A 94 -4.67 -0.90 -22.11
C LEU A 94 -5.55 -0.94 -23.36
N ARG A 95 -6.86 -0.91 -23.16
CA ARG A 95 -7.80 -0.94 -24.26
C ARG A 95 -7.94 0.43 -24.90
N SER A 96 -7.39 0.57 -26.11
CA SER A 96 -7.45 1.84 -26.83
C SER A 96 -8.87 2.38 -26.88
N PHE A 97 -9.01 3.68 -26.66
CA PHE A 97 -10.32 4.33 -26.67
C PHE A 97 -10.19 5.80 -27.04
N LYS A 98 -11.16 6.30 -27.80
CA LYS A 98 -11.17 7.69 -28.23
C LYS A 98 -12.56 8.30 -28.08
N SER A 99 -12.61 9.51 -27.54
CA SER A 99 -13.88 10.21 -27.33
C SER A 99 -13.75 11.68 -27.69
N GLY A 100 -14.88 12.40 -27.64
CA GLY A 100 -14.87 13.81 -27.95
C GLY A 100 -15.42 14.66 -26.83
N PRO A 101 -14.75 14.63 -25.67
CA PRO A 101 -15.17 15.39 -24.49
C PRO A 101 -14.98 16.90 -24.67
N SER A 102 -15.77 17.69 -23.95
CA SER A 102 -15.69 19.14 -24.04
C SER A 102 -15.53 19.75 -22.65
N SER A 103 -14.76 20.84 -22.58
CA SER A 103 -14.53 21.52 -21.31
C SER A 103 -15.70 22.45 -20.97
N GLY A 104 -16.68 21.91 -20.25
CA GLY A 104 -17.84 22.69 -19.86
C GLY A 104 -17.99 22.81 -18.36
N GLY A 1 9.89 -28.57 -6.00
CA GLY A 1 9.88 -27.13 -6.23
C GLY A 1 9.80 -26.34 -4.93
N SER A 2 10.96 -26.14 -4.30
CA SER A 2 11.03 -25.40 -3.05
C SER A 2 12.44 -24.90 -2.79
N SER A 3 12.63 -23.59 -2.86
CA SER A 3 13.94 -22.99 -2.63
C SER A 3 13.83 -21.73 -1.77
N GLY A 4 14.74 -21.59 -0.82
CA GLY A 4 14.71 -20.43 0.06
C GLY A 4 14.81 -20.80 1.53
N SER A 5 15.49 -19.97 2.31
CA SER A 5 15.65 -20.23 3.73
C SER A 5 14.85 -19.22 4.55
N SER A 6 14.81 -19.45 5.86
CA SER A 6 14.07 -18.57 6.76
C SER A 6 14.96 -17.44 7.27
N GLY A 7 16.12 -17.80 7.81
CA GLY A 7 17.05 -16.80 8.31
C GLY A 7 16.92 -16.61 9.81
N LYS A 8 17.24 -15.40 10.28
CA LYS A 8 17.16 -15.08 11.70
C LYS A 8 16.96 -13.59 11.91
N GLU A 9 16.05 -13.25 12.83
CA GLU A 9 15.76 -11.85 13.12
C GLU A 9 14.87 -11.73 14.36
N ALA A 10 15.20 -10.78 15.23
CA ALA A 10 14.43 -10.56 16.44
C ALA A 10 14.70 -9.19 17.02
N LEU A 11 13.67 -8.34 17.05
CA LEU A 11 13.81 -6.98 17.58
C LEU A 11 12.53 -6.55 18.29
N GLU A 12 12.68 -6.01 19.49
CA GLU A 12 11.54 -5.55 20.27
C GLU A 12 11.70 -4.08 20.66
N ALA A 13 10.76 -3.26 20.21
CA ALA A 13 10.80 -1.83 20.51
C ALA A 13 9.40 -1.28 20.75
N LEU A 14 9.19 -0.67 21.91
CA LEU A 14 7.89 -0.10 22.25
C LEU A 14 7.54 1.06 21.32
N VAL A 15 8.53 1.88 21.00
CA VAL A 15 8.32 3.01 20.12
C VAL A 15 8.17 2.57 18.67
N PRO A 16 7.21 3.18 17.96
CA PRO A 16 6.93 2.86 16.56
C PRO A 16 8.05 3.34 15.63
N VAL A 17 7.91 3.03 14.34
CA VAL A 17 8.91 3.44 13.35
C VAL A 17 8.26 3.73 12.01
N THR A 18 8.86 4.64 11.25
CA THR A 18 8.34 5.00 9.94
C THR A 18 9.00 4.18 8.84
N ILE A 19 8.19 3.68 7.91
CA ILE A 19 8.70 2.89 6.80
C ILE A 19 8.41 3.55 5.46
N GLU A 20 8.83 2.91 4.38
CA GLU A 20 8.62 3.45 3.04
C GLU A 20 8.04 2.38 2.12
N VAL A 21 6.95 2.71 1.43
CA VAL A 21 6.31 1.79 0.52
C VAL A 21 6.28 2.35 -0.90
N GLU A 22 6.58 1.49 -1.87
CA GLU A 22 6.61 1.90 -3.27
C GLU A 22 5.19 1.95 -3.84
N VAL A 23 4.67 3.16 -4.03
CA VAL A 23 3.33 3.34 -4.57
C VAL A 23 3.27 4.57 -5.49
N PRO A 24 2.75 4.36 -6.70
CA PRO A 24 2.63 5.43 -7.71
C PRO A 24 1.56 6.45 -7.32
N PHE A 25 1.92 7.73 -7.43
CA PHE A 25 0.99 8.81 -7.09
C PHE A 25 -0.31 8.67 -7.87
N ASP A 26 -0.22 8.09 -9.07
CA ASP A 26 -1.38 7.90 -9.92
C ASP A 26 -2.46 7.12 -9.20
N LEU A 27 -2.07 6.43 -8.12
CA LEU A 27 -3.01 5.64 -7.34
C LEU A 27 -3.42 6.38 -6.07
N HIS A 28 -2.50 7.19 -5.55
CA HIS A 28 -2.77 7.96 -4.33
C HIS A 28 -4.20 8.52 -4.35
N ARG A 29 -4.49 9.31 -5.36
CA ARG A 29 -5.82 9.92 -5.49
C ARG A 29 -6.91 8.91 -5.12
N TYR A 30 -6.71 7.67 -5.51
CA TYR A 30 -7.68 6.61 -5.22
C TYR A 30 -7.51 6.09 -3.80
N VAL A 31 -6.25 5.92 -3.38
CA VAL A 31 -5.96 5.43 -2.04
C VAL A 31 -6.55 6.34 -0.98
N ILE A 32 -6.19 7.61 -1.03
CA ILE A 32 -6.70 8.58 -0.06
C ILE A 32 -8.22 8.62 -0.06
N GLY A 33 -8.80 8.82 -1.24
CA GLY A 33 -10.24 8.88 -1.36
C GLY A 33 -10.84 10.05 -0.62
N GLN A 34 -12.16 10.04 -0.46
CA GLN A 34 -12.86 11.12 0.24
C GLN A 34 -12.55 11.08 1.73
N LYS A 35 -12.26 12.25 2.30
CA LYS A 35 -11.96 12.35 3.72
C LYS A 35 -11.12 11.17 4.19
N GLY A 36 -10.05 10.89 3.45
CA GLY A 36 -9.18 9.78 3.82
C GLY A 36 -9.95 8.58 4.34
N SER A 37 -11.03 8.22 3.64
CA SER A 37 -11.85 7.10 4.05
C SER A 37 -11.14 5.78 3.78
N GLY A 38 -10.87 5.51 2.50
CA GLY A 38 -10.19 4.28 2.13
C GLY A 38 -9.01 3.97 3.03
N ILE A 39 -8.22 5.00 3.33
CA ILE A 39 -7.06 4.84 4.19
C ILE A 39 -7.46 4.71 5.65
N ARG A 40 -8.32 5.61 6.11
CA ARG A 40 -8.77 5.60 7.49
C ARG A 40 -9.12 4.18 7.93
N LYS A 41 -9.67 3.39 7.01
CA LYS A 41 -10.03 2.01 7.31
C LYS A 41 -8.84 1.23 7.84
N MET A 42 -7.69 1.43 7.22
CA MET A 42 -6.47 0.75 7.63
C MET A 42 -5.96 1.30 8.97
N MET A 43 -5.65 2.59 8.99
CA MET A 43 -5.15 3.23 10.20
C MET A 43 -5.98 2.82 11.41
N ASP A 44 -7.26 2.54 11.18
CA ASP A 44 -8.16 2.13 12.25
C ASP A 44 -8.13 0.63 12.46
N GLU A 45 -7.85 -0.09 11.37
CA GLU A 45 -7.79 -1.56 11.43
C GLU A 45 -6.43 -2.03 11.95
N PHE A 46 -5.38 -1.70 11.20
CA PHE A 46 -4.03 -2.10 11.59
C PHE A 46 -3.50 -1.19 12.70
N GLU A 47 -4.33 -0.23 13.11
CA GLU A 47 -3.94 0.70 14.17
C GLU A 47 -2.60 1.36 13.86
N VAL A 48 -2.47 1.87 12.63
CA VAL A 48 -1.24 2.53 12.20
C VAL A 48 -1.54 3.88 11.58
N ASN A 49 -0.48 4.59 11.20
CA ASN A 49 -0.63 5.91 10.58
C ASN A 49 0.04 5.95 9.22
N ILE A 50 -0.72 6.35 8.20
CA ILE A 50 -0.18 6.43 6.85
C ILE A 50 -0.11 7.88 6.37
N HIS A 51 1.05 8.27 5.85
CA HIS A 51 1.25 9.62 5.36
C HIS A 51 1.61 9.62 3.89
N VAL A 52 0.83 10.34 3.08
CA VAL A 52 1.07 10.42 1.65
C VAL A 52 1.70 11.76 1.26
N PRO A 53 2.67 11.71 0.35
CA PRO A 53 3.38 12.90 -0.12
C PRO A 53 2.49 13.80 -0.98
N ALA A 54 2.50 15.10 -0.68
CA ALA A 54 1.70 16.06 -1.42
C ALA A 54 2.03 16.01 -2.91
N PRO A 55 1.17 16.64 -3.72
CA PRO A 55 1.35 16.68 -5.18
C PRO A 55 2.53 17.55 -5.59
N GLU A 56 2.81 18.58 -4.79
CA GLU A 56 3.91 19.49 -5.08
C GLU A 56 5.25 18.77 -4.95
N LEU A 57 5.26 17.69 -4.19
CA LEU A 57 6.48 16.90 -3.99
C LEU A 57 6.65 15.86 -5.09
N GLN A 58 5.55 15.52 -5.75
CA GLN A 58 5.59 14.54 -6.82
C GLN A 58 6.38 13.29 -6.41
N SER A 59 6.03 12.75 -5.25
CA SER A 59 6.72 11.56 -4.74
C SER A 59 5.85 10.31 -4.90
N ASP A 60 6.49 9.17 -5.07
CA ASP A 60 5.78 7.91 -5.24
C ASP A 60 6.08 6.96 -4.09
N ILE A 61 6.54 7.51 -2.97
CA ILE A 61 6.87 6.71 -1.81
C ILE A 61 6.02 7.11 -0.61
N ILE A 62 5.21 6.17 -0.13
CA ILE A 62 4.34 6.42 1.02
C ILE A 62 5.02 6.03 2.32
N ALA A 63 4.85 6.86 3.35
CA ALA A 63 5.45 6.59 4.66
C ALA A 63 4.40 6.10 5.64
N ILE A 64 4.69 4.97 6.30
CA ILE A 64 3.77 4.41 7.27
C ILE A 64 4.42 4.29 8.65
N THR A 65 3.80 4.92 9.64
CA THR A 65 4.32 4.89 11.00
C THR A 65 3.59 3.85 11.85
N GLY A 66 4.33 3.18 12.72
CA GLY A 66 3.74 2.17 13.59
C GLY A 66 4.75 1.15 14.07
N LEU A 67 4.30 0.23 14.90
CA LEU A 67 5.18 -0.81 15.43
C LEU A 67 5.61 -1.79 14.34
N ALA A 68 6.89 -2.13 14.34
CA ALA A 68 7.42 -3.05 13.34
C ALA A 68 6.42 -4.15 13.01
N ALA A 69 5.74 -4.66 14.04
CA ALA A 69 4.75 -5.71 13.85
C ALA A 69 3.58 -5.23 13.01
N ASN A 70 3.06 -4.05 13.35
CA ASN A 70 1.94 -3.48 12.62
C ASN A 70 2.35 -3.10 11.20
N LEU A 71 3.51 -2.47 11.07
CA LEU A 71 4.01 -2.06 9.76
C LEU A 71 3.99 -3.22 8.78
N ASP A 72 4.36 -4.40 9.26
CA ASP A 72 4.39 -5.60 8.43
C ASP A 72 3.00 -5.90 7.87
N ARG A 73 2.01 -5.91 8.74
CA ARG A 73 0.63 -6.19 8.33
C ARG A 73 0.12 -5.08 7.40
N ALA A 74 0.18 -3.84 7.87
CA ALA A 74 -0.28 -2.70 7.09
C ALA A 74 0.37 -2.69 5.71
N LYS A 75 1.70 -2.57 5.69
CA LYS A 75 2.45 -2.55 4.45
C LYS A 75 1.96 -3.63 3.50
N ALA A 76 1.69 -4.81 4.04
CA ALA A 76 1.22 -5.94 3.23
C ALA A 76 -0.06 -5.58 2.50
N GLY A 77 -0.96 -4.86 3.18
CA GLY A 77 -2.22 -4.46 2.58
C GLY A 77 -2.03 -3.45 1.46
N LEU A 78 -1.23 -2.42 1.72
CA LEU A 78 -0.98 -1.39 0.74
C LEU A 78 -0.38 -1.97 -0.54
N LEU A 79 0.73 -2.69 -0.39
CA LEU A 79 1.40 -3.31 -1.54
C LEU A 79 0.40 -4.09 -2.38
N GLU A 80 -0.46 -4.86 -1.73
CA GLU A 80 -1.47 -5.66 -2.43
C GLU A 80 -2.46 -4.75 -3.15
N ARG A 81 -2.78 -3.62 -2.54
CA ARG A 81 -3.73 -2.67 -3.12
C ARG A 81 -3.17 -2.08 -4.41
N VAL A 82 -1.88 -1.77 -4.41
CA VAL A 82 -1.23 -1.20 -5.58
C VAL A 82 -1.13 -2.23 -6.71
N LYS A 83 -0.71 -3.44 -6.37
CA LYS A 83 -0.59 -4.51 -7.35
C LYS A 83 -1.95 -4.88 -7.94
N GLU A 84 -2.99 -4.72 -7.14
CA GLU A 84 -4.35 -5.03 -7.58
C GLU A 84 -4.96 -3.85 -8.32
N LEU A 85 -4.68 -2.64 -7.84
CA LEU A 85 -5.21 -1.43 -8.47
C LEU A 85 -4.55 -1.17 -9.81
N GLN A 86 -3.21 -1.15 -9.80
CA GLN A 86 -2.46 -0.92 -11.03
C GLN A 86 -2.82 -1.93 -12.11
N ALA A 87 -3.05 -3.18 -11.69
CA ALA A 87 -3.40 -4.24 -12.62
C ALA A 87 -4.69 -3.91 -13.36
N GLU A 88 -5.50 -3.04 -12.77
CA GLU A 88 -6.77 -2.64 -13.38
C GLU A 88 -6.56 -1.54 -14.40
N GLN A 89 -5.93 -0.44 -13.97
CA GLN A 89 -5.67 0.69 -14.85
C GLN A 89 -4.70 0.30 -15.96
N GLU A 90 -3.99 -0.81 -15.76
CA GLU A 90 -3.03 -1.29 -16.73
C GLU A 90 -3.71 -2.12 -17.81
N ASP A 91 -4.71 -2.91 -17.41
CA ASP A 91 -5.45 -3.74 -18.35
C ASP A 91 -5.97 -2.92 -19.52
N ARG A 92 -6.46 -1.73 -19.22
CA ARG A 92 -7.00 -0.84 -20.25
C ARG A 92 -5.88 -0.28 -21.12
N ALA A 93 -4.69 -0.19 -20.56
CA ALA A 93 -3.53 0.32 -21.28
C ALA A 93 -3.03 -0.69 -22.32
N LEU A 94 -2.85 -1.93 -21.87
CA LEU A 94 -2.37 -2.99 -22.75
C LEU A 94 -3.32 -3.18 -23.94
N ARG A 95 -4.60 -3.32 -23.65
CA ARG A 95 -5.60 -3.51 -24.70
C ARG A 95 -5.77 -2.24 -25.52
N SER A 96 -5.68 -2.37 -26.84
CA SER A 96 -5.81 -1.23 -27.73
C SER A 96 -6.94 -1.46 -28.75
N PHE A 97 -7.25 -0.42 -29.51
CA PHE A 97 -8.31 -0.51 -30.53
C PHE A 97 -8.29 -1.87 -31.21
N LYS A 98 -9.47 -2.45 -31.40
CA LYS A 98 -9.60 -3.75 -32.05
C LYS A 98 -10.71 -3.73 -33.10
N SER A 99 -10.46 -4.40 -34.22
CA SER A 99 -11.45 -4.46 -35.30
C SER A 99 -11.73 -3.07 -35.85
N GLY A 100 -10.67 -2.29 -36.05
CA GLY A 100 -10.84 -0.94 -36.58
C GLY A 100 -10.14 -0.74 -37.91
N PRO A 101 -8.88 -0.29 -37.86
CA PRO A 101 -8.08 -0.05 -39.06
C PRO A 101 -7.69 -1.34 -39.77
N SER A 102 -8.15 -2.47 -39.23
CA SER A 102 -7.83 -3.77 -39.80
C SER A 102 -7.93 -3.74 -41.32
N SER A 103 -6.79 -3.93 -41.98
CA SER A 103 -6.75 -3.92 -43.44
C SER A 103 -7.64 -5.01 -44.02
N GLY A 104 -7.54 -6.22 -43.46
CA GLY A 104 -8.34 -7.33 -43.94
C GLY A 104 -9.74 -6.91 -44.32
N GLY A 1 22.36 -15.18 2.78
CA GLY A 1 22.49 -16.62 2.74
C GLY A 1 23.75 -17.11 3.42
N SER A 2 23.63 -17.44 4.71
CA SER A 2 24.77 -17.92 5.48
C SER A 2 24.41 -19.18 6.27
N SER A 3 25.20 -20.23 6.09
CA SER A 3 24.97 -21.49 6.78
C SER A 3 24.85 -21.27 8.29
N GLY A 4 24.22 -22.23 8.97
CA GLY A 4 24.05 -22.12 10.41
C GLY A 4 22.90 -21.22 10.80
N SER A 5 21.72 -21.81 10.98
CA SER A 5 20.53 -21.05 11.35
C SER A 5 20.00 -21.49 12.71
N SER A 6 20.17 -20.63 13.71
CA SER A 6 19.71 -20.94 15.05
C SER A 6 18.24 -20.58 15.23
N GLY A 7 17.67 -20.94 16.37
CA GLY A 7 16.28 -20.64 16.64
C GLY A 7 16.10 -19.73 17.85
N LYS A 8 16.76 -18.58 17.84
CA LYS A 8 16.66 -17.63 18.93
C LYS A 8 15.86 -16.40 18.53
N GLU A 9 15.06 -15.89 19.45
CA GLU A 9 14.23 -14.71 19.18
C GLU A 9 13.88 -13.99 20.48
N ALA A 10 14.10 -12.69 20.50
CA ALA A 10 13.80 -11.88 21.68
C ALA A 10 14.03 -10.40 21.41
N LEU A 11 12.98 -9.60 21.55
CA LEU A 11 13.06 -8.16 21.32
C LEU A 11 11.81 -7.46 21.82
N GLU A 12 11.96 -6.19 22.19
CA GLU A 12 10.84 -5.40 22.69
C GLU A 12 10.96 -3.95 22.24
N ALA A 13 9.87 -3.41 21.70
CA ALA A 13 9.85 -2.03 21.24
C ALA A 13 8.61 -1.30 21.74
N LEU A 14 8.81 -0.09 22.26
CA LEU A 14 7.72 0.71 22.78
C LEU A 14 7.36 1.84 21.81
N VAL A 15 8.37 2.40 21.16
CA VAL A 15 8.15 3.48 20.20
C VAL A 15 8.06 2.94 18.78
N PRO A 16 7.09 3.46 18.02
CA PRO A 16 6.87 3.05 16.63
C PRO A 16 7.99 3.51 15.70
N VAL A 17 7.84 3.21 14.41
CA VAL A 17 8.84 3.60 13.42
C VAL A 17 8.19 3.88 12.06
N THR A 18 8.84 4.72 11.27
CA THR A 18 8.33 5.07 9.95
C THR A 18 8.99 4.24 8.86
N ILE A 19 8.18 3.74 7.93
CA ILE A 19 8.69 2.92 6.83
C ILE A 19 8.44 3.58 5.49
N GLU A 20 8.92 2.96 4.42
CA GLU A 20 8.74 3.49 3.07
C GLU A 20 8.11 2.44 2.16
N VAL A 21 6.99 2.81 1.53
CA VAL A 21 6.30 1.91 0.62
C VAL A 21 6.30 2.44 -0.81
N GLU A 22 6.79 1.64 -1.74
CA GLU A 22 6.86 2.03 -3.15
C GLU A 22 5.47 2.04 -3.76
N VAL A 23 4.95 3.24 -4.00
CA VAL A 23 3.62 3.38 -4.59
C VAL A 23 3.56 4.61 -5.50
N PRO A 24 2.99 4.43 -6.70
CA PRO A 24 2.86 5.51 -7.69
C PRO A 24 1.84 6.56 -7.27
N PHE A 25 2.19 7.82 -7.47
CA PHE A 25 1.32 8.93 -7.10
C PHE A 25 -0.01 8.85 -7.87
N ASP A 26 -0.01 8.06 -8.94
CA ASP A 26 -1.21 7.89 -9.75
C ASP A 26 -2.26 7.08 -9.02
N LEU A 27 -1.83 6.38 -7.96
CA LEU A 27 -2.74 5.55 -7.18
C LEU A 27 -3.13 6.27 -5.89
N HIS A 28 -2.26 7.14 -5.41
CA HIS A 28 -2.52 7.90 -4.19
C HIS A 28 -3.96 8.41 -4.16
N ARG A 29 -4.34 9.15 -5.20
CA ARG A 29 -5.69 9.70 -5.29
C ARG A 29 -6.73 8.63 -5.00
N TYR A 30 -6.43 7.40 -5.38
CA TYR A 30 -7.36 6.29 -5.16
C TYR A 30 -7.25 5.77 -3.74
N VAL A 31 -6.02 5.70 -3.23
CA VAL A 31 -5.78 5.23 -1.87
C VAL A 31 -6.41 6.16 -0.84
N ILE A 32 -6.04 7.43 -0.90
CA ILE A 32 -6.56 8.42 0.03
C ILE A 32 -8.08 8.35 0.12
N GLY A 33 -8.73 8.19 -1.04
CA GLY A 33 -10.17 8.10 -1.07
C GLY A 33 -10.83 9.43 -1.41
N GLN A 34 -12.06 9.37 -1.92
CA GLN A 34 -12.79 10.58 -2.28
C GLN A 34 -12.51 11.71 -1.30
N LYS A 35 -12.46 11.36 -0.01
CA LYS A 35 -12.19 12.34 1.04
C LYS A 35 -11.02 11.91 1.90
N GLY A 36 -11.09 10.69 2.44
CA GLY A 36 -10.02 10.19 3.27
C GLY A 36 -10.39 8.89 3.96
N SER A 37 -11.68 8.67 4.17
CA SER A 37 -12.17 7.47 4.83
C SER A 37 -11.47 6.23 4.26
N GLY A 38 -11.01 6.34 3.02
CA GLY A 38 -10.33 5.22 2.38
C GLY A 38 -9.18 4.69 3.21
N ILE A 39 -8.15 5.51 3.38
CA ILE A 39 -6.97 5.12 4.15
C ILE A 39 -7.33 4.89 5.61
N ARG A 40 -8.18 5.75 6.16
CA ARG A 40 -8.61 5.63 7.54
C ARG A 40 -8.90 4.17 7.90
N LYS A 41 -9.68 3.51 7.06
CA LYS A 41 -10.03 2.10 7.29
C LYS A 41 -8.83 1.33 7.82
N MET A 42 -7.73 1.36 7.08
CA MET A 42 -6.52 0.66 7.48
C MET A 42 -6.04 1.14 8.84
N MET A 43 -5.74 2.44 8.92
CA MET A 43 -5.26 3.03 10.17
C MET A 43 -6.09 2.56 11.35
N ASP A 44 -7.34 2.19 11.09
CA ASP A 44 -8.24 1.71 12.13
C ASP A 44 -8.15 0.19 12.27
N GLU A 45 -7.81 -0.48 11.17
CA GLU A 45 -7.69 -1.93 11.18
C GLU A 45 -6.30 -2.36 11.64
N PHE A 46 -5.28 -1.94 10.89
CA PHE A 46 -3.91 -2.28 11.21
C PHE A 46 -3.39 -1.44 12.38
N GLU A 47 -4.16 -0.41 12.74
CA GLU A 47 -3.78 0.47 13.84
C GLU A 47 -2.44 1.12 13.58
N VAL A 48 -2.31 1.77 12.43
CA VAL A 48 -1.07 2.44 12.06
C VAL A 48 -1.35 3.83 11.50
N ASN A 49 -0.28 4.55 11.16
CA ASN A 49 -0.41 5.89 10.61
C ASN A 49 0.21 5.97 9.22
N ILE A 50 -0.60 6.32 8.24
CA ILE A 50 -0.13 6.43 6.86
C ILE A 50 -0.07 7.90 6.42
N HIS A 51 1.02 8.27 5.76
CA HIS A 51 1.21 9.63 5.28
C HIS A 51 1.52 9.65 3.78
N VAL A 52 0.67 10.34 3.02
CA VAL A 52 0.85 10.42 1.58
C VAL A 52 1.44 11.77 1.19
N PRO A 53 2.47 11.74 0.31
CA PRO A 53 3.14 12.95 -0.17
C PRO A 53 2.26 13.79 -1.08
N ALA A 54 2.25 15.10 -0.85
CA ALA A 54 1.44 16.01 -1.66
C ALA A 54 1.89 15.98 -3.12
N PRO A 55 1.07 16.59 -3.99
CA PRO A 55 1.36 16.65 -5.43
C PRO A 55 2.54 17.56 -5.74
N GLU A 56 2.83 18.50 -4.84
CA GLU A 56 3.93 19.43 -5.03
C GLU A 56 5.26 18.74 -4.81
N LEU A 57 5.23 17.57 -4.19
CA LEU A 57 6.44 16.80 -3.91
C LEU A 57 6.68 15.77 -5.00
N GLN A 58 5.62 15.36 -5.68
CA GLN A 58 5.71 14.37 -6.74
C GLN A 58 6.51 13.15 -6.29
N SER A 59 6.20 12.67 -5.09
CA SER A 59 6.89 11.51 -4.53
C SER A 59 6.04 10.25 -4.70
N ASP A 60 6.71 9.14 -5.03
CA ASP A 60 6.03 7.87 -5.20
C ASP A 60 6.31 6.92 -4.04
N ILE A 61 6.67 7.49 -2.90
CA ILE A 61 6.97 6.70 -1.71
C ILE A 61 6.10 7.14 -0.53
N ILE A 62 5.28 6.22 -0.02
CA ILE A 62 4.41 6.52 1.10
C ILE A 62 5.08 6.15 2.42
N ALA A 63 4.93 7.03 3.42
CA ALA A 63 5.53 6.81 4.73
C ALA A 63 4.49 6.27 5.72
N ILE A 64 4.79 5.13 6.33
CA ILE A 64 3.89 4.52 7.29
C ILE A 64 4.54 4.41 8.67
N THR A 65 3.97 5.07 9.65
CA THR A 65 4.49 5.04 11.02
C THR A 65 3.73 4.03 11.88
N GLY A 66 4.46 3.29 12.71
CA GLY A 66 3.83 2.32 13.57
C GLY A 66 4.80 1.25 14.04
N LEU A 67 4.32 0.32 14.85
CA LEU A 67 5.15 -0.76 15.37
C LEU A 67 5.56 -1.72 14.25
N ALA A 68 6.82 -2.10 14.24
CA ALA A 68 7.34 -3.02 13.24
C ALA A 68 6.33 -4.11 12.91
N ALA A 69 5.46 -4.41 13.89
CA ALA A 69 4.45 -5.44 13.71
C ALA A 69 3.27 -4.91 12.90
N ASN A 70 2.82 -3.71 13.23
CA ASN A 70 1.70 -3.08 12.54
C ASN A 70 2.10 -2.67 11.12
N LEU A 71 3.37 -2.36 10.94
CA LEU A 71 3.88 -1.95 9.63
C LEU A 71 3.91 -3.12 8.66
N ASP A 72 4.18 -4.32 9.19
CA ASP A 72 4.23 -5.52 8.36
C ASP A 72 2.85 -5.85 7.81
N ARG A 73 1.89 -6.05 8.70
CA ARG A 73 0.53 -6.38 8.30
C ARG A 73 -0.06 -5.28 7.42
N ALA A 74 0.16 -4.02 7.79
CA ALA A 74 -0.33 -2.89 7.03
C ALA A 74 0.35 -2.81 5.67
N LYS A 75 1.68 -2.70 5.69
CA LYS A 75 2.46 -2.61 4.46
C LYS A 75 2.12 -3.76 3.52
N ALA A 76 1.84 -4.93 4.08
CA ALA A 76 1.50 -6.10 3.29
C ALA A 76 0.19 -5.91 2.55
N GLY A 77 -0.70 -5.12 3.15
CA GLY A 77 -1.99 -4.86 2.53
C GLY A 77 -1.90 -3.86 1.40
N LEU A 78 -1.11 -2.81 1.59
CA LEU A 78 -0.94 -1.78 0.58
C LEU A 78 -0.29 -2.35 -0.67
N LEU A 79 0.90 -2.92 -0.52
CA LEU A 79 1.62 -3.50 -1.65
C LEU A 79 0.68 -4.29 -2.54
N GLU A 80 -0.13 -5.16 -1.93
CA GLU A 80 -1.08 -5.98 -2.68
C GLU A 80 -2.20 -5.13 -3.24
N ARG A 81 -2.47 -4.00 -2.57
CA ARG A 81 -3.53 -3.10 -3.01
C ARG A 81 -3.11 -2.30 -4.24
N VAL A 82 -1.81 -2.00 -4.31
CA VAL A 82 -1.27 -1.25 -5.44
C VAL A 82 -1.25 -2.09 -6.71
N LYS A 83 -0.89 -3.36 -6.56
CA LYS A 83 -0.83 -4.27 -7.70
C LYS A 83 -2.23 -4.59 -8.22
N GLU A 84 -3.20 -4.62 -7.31
CA GLU A 84 -4.58 -4.90 -7.68
C GLU A 84 -5.27 -3.66 -8.22
N LEU A 85 -5.27 -2.59 -7.42
CA LEU A 85 -5.90 -1.34 -7.83
C LEU A 85 -5.49 -0.95 -9.24
N GLN A 86 -4.18 -0.93 -9.49
CA GLN A 86 -3.65 -0.57 -10.80
C GLN A 86 -4.20 -1.51 -11.88
N ALA A 87 -4.45 -2.76 -11.50
CA ALA A 87 -4.99 -3.75 -12.43
C ALA A 87 -6.34 -3.32 -12.98
N GLU A 88 -6.95 -2.34 -12.33
CA GLU A 88 -8.25 -1.83 -12.75
C GLU A 88 -8.11 -0.98 -14.01
N GLN A 89 -7.49 0.19 -13.87
CA GLN A 89 -7.30 1.09 -15.00
C GLN A 89 -6.30 0.53 -15.99
N GLU A 90 -5.46 -0.40 -15.51
CA GLU A 90 -4.45 -1.02 -16.37
C GLU A 90 -5.06 -2.16 -17.18
N ASP A 91 -6.11 -2.76 -16.64
CA ASP A 91 -6.78 -3.87 -17.31
C ASP A 91 -7.24 -3.46 -18.70
N ARG A 92 -8.06 -2.42 -18.77
CA ARG A 92 -8.58 -1.92 -20.04
C ARG A 92 -7.45 -1.47 -20.95
N ALA A 93 -6.51 -0.72 -20.39
CA ALA A 93 -5.36 -0.22 -21.14
C ALA A 93 -4.61 -1.36 -21.82
N LEU A 94 -4.67 -2.54 -21.22
CA LEU A 94 -3.99 -3.72 -21.76
C LEU A 94 -4.83 -4.36 -22.86
N ARG A 95 -5.96 -4.94 -22.46
CA ARG A 95 -6.86 -5.60 -23.41
C ARG A 95 -6.24 -6.89 -23.92
N SER A 96 -5.59 -7.63 -23.03
CA SER A 96 -4.96 -8.89 -23.40
C SER A 96 -5.45 -10.02 -22.51
N PHE A 97 -5.94 -11.09 -23.13
CA PHE A 97 -6.44 -12.24 -22.40
C PHE A 97 -5.62 -12.48 -21.13
N LYS A 98 -6.30 -12.46 -19.99
CA LYS A 98 -5.63 -12.67 -18.70
C LYS A 98 -6.38 -13.72 -17.88
N SER A 99 -5.86 -14.95 -17.90
CA SER A 99 -6.48 -16.05 -17.16
C SER A 99 -6.33 -15.83 -15.66
N GLY A 100 -7.43 -16.01 -14.93
CA GLY A 100 -7.41 -15.83 -13.49
C GLY A 100 -8.79 -15.66 -12.91
N PRO A 101 -9.25 -14.40 -12.81
CA PRO A 101 -10.58 -14.08 -12.26
C PRO A 101 -11.70 -14.52 -13.18
N SER A 102 -11.34 -15.14 -14.31
CA SER A 102 -12.32 -15.60 -15.27
C SER A 102 -13.31 -14.49 -15.63
N SER A 103 -12.80 -13.27 -15.74
CA SER A 103 -13.63 -12.12 -16.08
C SER A 103 -13.11 -11.42 -17.32
N GLY A 104 -13.98 -10.66 -17.97
CA GLY A 104 -13.60 -9.94 -19.17
C GLY A 104 -13.88 -10.73 -20.44
N GLY A 1 -6.32 -20.85 -2.03
CA GLY A 1 -5.18 -21.57 -1.50
C GLY A 1 -5.09 -21.47 0.02
N SER A 2 -4.82 -22.59 0.67
CA SER A 2 -4.70 -22.62 2.12
C SER A 2 -3.27 -22.37 2.56
N SER A 3 -3.02 -21.22 3.15
CA SER A 3 -1.69 -20.85 3.62
C SER A 3 -1.10 -21.95 4.51
N GLY A 4 0.13 -21.75 4.96
CA GLY A 4 0.78 -22.73 5.80
C GLY A 4 2.08 -22.21 6.39
N SER A 5 2.04 -21.04 7.02
CA SER A 5 3.22 -20.45 7.61
C SER A 5 2.95 -19.98 9.03
N SER A 6 3.97 -20.03 9.88
CA SER A 6 3.83 -19.61 11.27
C SER A 6 4.20 -18.14 11.43
N GLY A 7 5.21 -17.70 10.70
CA GLY A 7 5.63 -16.31 10.78
C GLY A 7 6.11 -15.93 12.17
N LYS A 8 7.38 -15.55 12.27
CA LYS A 8 7.97 -15.17 13.55
C LYS A 8 8.95 -14.00 13.36
N GLU A 9 9.25 -13.33 14.46
CA GLU A 9 10.18 -12.19 14.43
C GLU A 9 10.70 -11.87 15.82
N ALA A 10 11.86 -11.21 15.87
CA ALA A 10 12.48 -10.85 17.14
C ALA A 10 12.77 -9.35 17.20
N LEU A 11 11.84 -8.60 17.79
CA LEU A 11 12.00 -7.15 17.91
C LEU A 11 10.95 -6.57 18.85
N GLU A 12 11.41 -5.85 19.87
CA GLU A 12 10.52 -5.24 20.84
C GLU A 12 10.84 -3.76 21.03
N ALA A 13 9.89 -2.90 20.68
CA ALA A 13 10.08 -1.47 20.81
C ALA A 13 8.76 -0.77 21.12
N LEU A 14 8.69 -0.11 22.27
CA LEU A 14 7.49 0.60 22.69
C LEU A 14 7.15 1.73 21.71
N VAL A 15 8.18 2.25 21.05
CA VAL A 15 8.00 3.33 20.08
C VAL A 15 7.94 2.78 18.66
N PRO A 16 6.97 3.27 17.88
CA PRO A 16 6.78 2.85 16.49
C PRO A 16 7.89 3.36 15.58
N VAL A 17 7.79 3.04 14.29
CA VAL A 17 8.79 3.47 13.31
C VAL A 17 8.15 3.75 11.95
N THR A 18 8.77 4.62 11.18
CA THR A 18 8.26 4.98 9.86
C THR A 18 8.93 4.15 8.78
N ILE A 19 8.12 3.60 7.88
CA ILE A 19 8.65 2.78 6.78
C ILE A 19 8.42 3.46 5.44
N GLU A 20 8.85 2.80 4.36
CA GLU A 20 8.71 3.34 3.02
C GLU A 20 8.11 2.30 2.07
N VAL A 21 7.02 2.67 1.40
CA VAL A 21 6.36 1.77 0.46
C VAL A 21 6.36 2.35 -0.94
N GLU A 22 6.61 1.49 -1.93
CA GLU A 22 6.63 1.92 -3.32
C GLU A 22 5.22 1.96 -3.90
N VAL A 23 4.69 3.18 -4.08
CA VAL A 23 3.35 3.35 -4.62
C VAL A 23 3.30 4.57 -5.54
N PRO A 24 2.73 4.38 -6.74
CA PRO A 24 2.59 5.45 -7.73
C PRO A 24 1.59 6.51 -7.31
N PHE A 25 1.96 7.77 -7.45
CA PHE A 25 1.09 8.88 -7.08
C PHE A 25 -0.21 8.83 -7.87
N ASP A 26 -0.21 8.06 -8.96
CA ASP A 26 -1.39 7.92 -9.79
C ASP A 26 -2.51 7.19 -9.05
N LEU A 27 -2.14 6.49 -7.99
CA LEU A 27 -3.10 5.74 -7.18
C LEU A 27 -3.45 6.49 -5.90
N HIS A 28 -2.49 7.29 -5.42
CA HIS A 28 -2.71 8.07 -4.20
C HIS A 28 -4.13 8.60 -4.13
N ARG A 29 -4.53 9.37 -5.14
CA ARG A 29 -5.88 9.92 -5.18
C ARG A 29 -6.93 8.86 -4.88
N TYR A 30 -6.68 7.64 -5.35
CA TYR A 30 -7.60 6.53 -5.14
C TYR A 30 -7.37 5.90 -3.76
N VAL A 31 -6.15 5.99 -3.28
CA VAL A 31 -5.79 5.42 -1.98
C VAL A 31 -6.42 6.22 -0.85
N ILE A 32 -6.22 7.54 -0.88
CA ILE A 32 -6.76 8.42 0.15
C ILE A 32 -8.29 8.46 0.08
N GLY A 33 -8.80 8.78 -1.11
CA GLY A 33 -10.24 8.85 -1.29
C GLY A 33 -10.77 10.28 -1.23
N GLN A 34 -12.09 10.43 -1.25
CA GLN A 34 -12.70 11.74 -1.21
C GLN A 34 -12.60 12.35 0.19
N LYS A 35 -12.83 11.53 1.21
CA LYS A 35 -12.74 11.99 2.59
C LYS A 35 -11.77 11.14 3.39
N GLY A 36 -10.59 10.93 2.85
CA GLY A 36 -9.58 10.13 3.52
C GLY A 36 -10.19 8.97 4.29
N SER A 37 -11.09 8.24 3.63
CA SER A 37 -11.74 7.10 4.26
C SER A 37 -11.06 5.79 3.86
N GLY A 38 -10.72 5.67 2.58
CA GLY A 38 -10.07 4.47 2.09
C GLY A 38 -8.90 4.06 2.97
N ILE A 39 -8.02 5.01 3.27
CA ILE A 39 -6.86 4.74 4.11
C ILE A 39 -7.26 4.50 5.56
N ARG A 40 -8.04 5.43 6.11
CA ARG A 40 -8.50 5.32 7.48
C ARG A 40 -8.87 3.88 7.83
N LYS A 41 -9.55 3.21 6.90
CA LYS A 41 -9.97 1.83 7.09
C LYS A 41 -8.82 1.00 7.66
N MET A 42 -7.67 1.02 7.00
CA MET A 42 -6.51 0.27 7.44
C MET A 42 -5.98 0.83 8.75
N MET A 43 -5.88 2.15 8.84
CA MET A 43 -5.38 2.81 10.04
C MET A 43 -6.19 2.38 11.27
N ASP A 44 -7.47 2.08 11.05
CA ASP A 44 -8.35 1.66 12.13
C ASP A 44 -8.17 0.18 12.43
N GLU A 45 -7.69 -0.57 11.44
CA GLU A 45 -7.48 -2.00 11.60
C GLU A 45 -6.09 -2.28 12.16
N PHE A 46 -5.07 -1.89 11.41
CA PHE A 46 -3.68 -2.11 11.83
C PHE A 46 -3.29 -1.13 12.92
N GLU A 47 -4.21 -0.22 13.26
CA GLU A 47 -3.95 0.77 14.29
C GLU A 47 -2.62 1.48 14.05
N VAL A 48 -2.43 1.98 12.83
CA VAL A 48 -1.21 2.68 12.48
C VAL A 48 -1.52 4.02 11.82
N ASN A 49 -0.47 4.70 11.37
CA ASN A 49 -0.63 6.01 10.73
C ASN A 49 0.04 6.02 9.36
N ILE A 50 -0.75 6.33 8.33
CA ILE A 50 -0.21 6.38 6.97
C ILE A 50 -0.18 7.81 6.45
N HIS A 51 0.95 8.18 5.84
CA HIS A 51 1.12 9.52 5.30
C HIS A 51 1.44 9.46 3.81
N VAL A 52 0.90 10.42 3.05
CA VAL A 52 1.13 10.48 1.62
C VAL A 52 1.73 11.82 1.21
N PRO A 53 2.72 11.78 0.30
CA PRO A 53 3.40 12.99 -0.19
C PRO A 53 2.49 13.84 -1.06
N ALA A 54 2.52 15.15 -0.82
CA ALA A 54 1.69 16.09 -1.58
C ALA A 54 2.03 16.02 -3.07
N PRO A 55 1.18 16.65 -3.90
CA PRO A 55 1.37 16.68 -5.34
C PRO A 55 2.56 17.53 -5.76
N GLU A 56 2.89 18.51 -4.93
CA GLU A 56 4.02 19.42 -5.22
C GLU A 56 5.34 18.66 -5.13
N LEU A 57 5.41 17.70 -4.22
CA LEU A 57 6.62 16.91 -4.04
C LEU A 57 6.78 15.89 -5.16
N GLN A 58 5.66 15.47 -5.74
CA GLN A 58 5.68 14.50 -6.83
C GLN A 58 6.49 13.27 -6.46
N SER A 59 6.14 12.65 -5.32
CA SER A 59 6.83 11.47 -4.84
C SER A 59 5.94 10.24 -4.96
N ASP A 60 6.56 9.08 -5.15
CA ASP A 60 5.83 7.83 -5.27
C ASP A 60 6.15 6.89 -4.11
N ILE A 61 6.56 7.47 -2.99
CA ILE A 61 6.90 6.69 -1.80
C ILE A 61 6.04 7.10 -0.61
N ILE A 62 5.25 6.15 -0.10
CA ILE A 62 4.38 6.41 1.04
C ILE A 62 5.06 6.00 2.35
N ALA A 63 4.90 6.82 3.37
CA ALA A 63 5.50 6.54 4.67
C ALA A 63 4.43 6.07 5.67
N ILE A 64 4.73 4.98 6.36
CA ILE A 64 3.79 4.43 7.35
C ILE A 64 4.44 4.33 8.72
N THR A 65 3.82 4.96 9.71
CA THR A 65 4.33 4.94 11.07
C THR A 65 3.61 3.91 11.92
N GLY A 66 4.38 3.10 12.66
CA GLY A 66 3.78 2.09 13.50
C GLY A 66 4.79 1.06 13.98
N LEU A 67 4.39 0.22 14.92
CA LEU A 67 5.26 -0.81 15.46
C LEU A 67 5.66 -1.81 14.37
N ALA A 68 6.92 -2.23 14.39
CA ALA A 68 7.41 -3.19 13.41
C ALA A 68 6.35 -4.24 13.08
N ALA A 69 5.69 -4.75 14.11
CA ALA A 69 4.66 -5.76 13.93
C ALA A 69 3.52 -5.23 13.06
N ASN A 70 2.99 -4.06 13.44
CA ASN A 70 1.91 -3.43 12.71
C ASN A 70 2.32 -3.12 11.28
N LEU A 71 3.45 -2.44 11.13
CA LEU A 71 3.96 -2.07 9.81
C LEU A 71 3.89 -3.25 8.85
N ASP A 72 4.18 -4.44 9.36
CA ASP A 72 4.14 -5.65 8.54
C ASP A 72 2.74 -5.87 7.97
N ARG A 73 1.74 -5.82 8.84
CA ARG A 73 0.35 -6.02 8.41
C ARG A 73 -0.09 -4.90 7.48
N ALA A 74 0.13 -3.66 7.89
CA ALA A 74 -0.24 -2.50 7.09
C ALA A 74 0.47 -2.52 5.74
N LYS A 75 1.79 -2.44 5.77
CA LYS A 75 2.59 -2.45 4.56
C LYS A 75 2.13 -3.54 3.61
N ALA A 76 1.77 -4.70 4.16
CA ALA A 76 1.29 -5.81 3.36
C ALA A 76 0.04 -5.44 2.58
N GLY A 77 -0.85 -4.70 3.23
CA GLY A 77 -2.09 -4.29 2.59
C GLY A 77 -1.86 -3.29 1.46
N LEU A 78 -1.20 -2.18 1.79
CA LEU A 78 -0.91 -1.14 0.82
C LEU A 78 -0.34 -1.74 -0.47
N LEU A 79 0.72 -2.52 -0.32
CA LEU A 79 1.35 -3.15 -1.47
C LEU A 79 0.33 -3.79 -2.39
N GLU A 80 -0.42 -4.77 -1.85
CA GLU A 80 -1.44 -5.45 -2.62
C GLU A 80 -2.36 -4.45 -3.32
N ARG A 81 -2.82 -3.46 -2.58
CA ARG A 81 -3.71 -2.44 -3.12
C ARG A 81 -3.18 -1.91 -4.45
N VAL A 82 -1.87 -1.68 -4.51
CA VAL A 82 -1.24 -1.17 -5.72
C VAL A 82 -1.15 -2.26 -6.79
N LYS A 83 -0.94 -3.49 -6.35
CA LYS A 83 -0.84 -4.63 -7.26
C LYS A 83 -2.18 -4.95 -7.90
N GLU A 84 -3.25 -4.72 -7.14
CA GLU A 84 -4.60 -4.98 -7.63
C GLU A 84 -5.14 -3.78 -8.41
N LEU A 85 -5.08 -2.61 -7.79
CA LEU A 85 -5.55 -1.38 -8.43
C LEU A 85 -4.89 -1.18 -9.78
N GLN A 86 -3.56 -1.28 -9.81
CA GLN A 86 -2.81 -1.11 -11.04
C GLN A 86 -3.35 -2.01 -12.15
N ALA A 87 -3.80 -3.21 -11.76
CA ALA A 87 -4.34 -4.17 -12.71
C ALA A 87 -5.71 -3.72 -13.22
N GLU A 88 -6.44 -2.99 -12.38
CA GLU A 88 -7.77 -2.51 -12.74
C GLU A 88 -7.66 -1.26 -13.61
N GLN A 89 -7.09 -0.19 -13.05
CA GLN A 89 -6.94 1.06 -13.78
C GLN A 89 -6.31 0.83 -15.14
N GLU A 90 -5.41 -0.15 -15.22
CA GLU A 90 -4.74 -0.48 -16.47
C GLU A 90 -5.64 -1.31 -17.38
N ASP A 91 -6.33 -2.28 -16.79
CA ASP A 91 -7.23 -3.14 -17.54
C ASP A 91 -7.89 -2.37 -18.67
N ARG A 92 -8.72 -1.39 -18.32
CA ARG A 92 -9.42 -0.58 -19.30
C ARG A 92 -8.47 -0.13 -20.41
N ALA A 93 -7.26 0.24 -20.02
CA ALA A 93 -6.25 0.70 -20.98
C ALA A 93 -5.75 -0.46 -21.84
N LEU A 94 -5.60 -1.62 -21.23
CA LEU A 94 -5.14 -2.81 -21.94
C LEU A 94 -6.15 -3.26 -22.98
N ARG A 95 -7.42 -2.92 -22.75
CA ARG A 95 -8.49 -3.28 -23.66
C ARG A 95 -8.39 -4.75 -24.06
N SER A 96 -8.11 -5.61 -23.08
CA SER A 96 -7.98 -7.04 -23.32
C SER A 96 -8.10 -7.82 -22.02
N PHE A 97 -8.27 -9.13 -22.15
CA PHE A 97 -8.42 -10.00 -20.97
C PHE A 97 -7.30 -11.04 -20.94
N LYS A 98 -6.53 -11.04 -19.86
CA LYS A 98 -5.43 -11.99 -19.70
C LYS A 98 -5.93 -13.30 -19.11
N SER A 99 -6.78 -13.21 -18.09
CA SER A 99 -7.33 -14.39 -17.44
C SER A 99 -8.38 -14.01 -16.42
N GLY A 100 -9.46 -14.79 -16.36
CA GLY A 100 -10.52 -14.52 -15.42
C GLY A 100 -11.65 -15.53 -15.51
N PRO A 101 -12.69 -15.19 -16.29
CA PRO A 101 -13.86 -16.06 -16.46
C PRO A 101 -13.53 -17.30 -17.29
N SER A 102 -12.66 -17.14 -18.28
CA SER A 102 -12.26 -18.25 -19.14
C SER A 102 -10.95 -18.87 -18.66
N SER A 103 -10.81 -20.17 -18.87
CA SER A 103 -9.60 -20.89 -18.45
C SER A 103 -8.94 -21.57 -19.65
N GLY A 104 -7.63 -21.38 -19.77
CA GLY A 104 -6.90 -21.98 -20.87
C GLY A 104 -5.51 -21.40 -21.03
N GLY A 1 14.93 -34.14 12.18
CA GLY A 1 14.40 -35.02 13.21
C GLY A 1 13.42 -34.32 14.12
N SER A 2 12.53 -33.53 13.55
CA SER A 2 11.53 -32.81 14.33
C SER A 2 10.29 -32.50 13.49
N SER A 3 9.21 -33.23 13.76
CA SER A 3 7.96 -33.04 13.02
C SER A 3 7.61 -31.56 12.93
N GLY A 4 7.98 -30.94 11.81
CA GLY A 4 7.69 -29.53 11.62
C GLY A 4 8.88 -28.65 11.93
N SER A 5 8.63 -27.54 12.63
CA SER A 5 9.69 -26.60 12.98
C SER A 5 9.21 -25.62 14.04
N SER A 6 10.07 -25.33 15.01
CA SER A 6 9.74 -24.40 16.08
C SER A 6 10.42 -23.06 15.87
N GLY A 7 9.67 -21.98 16.05
CA GLY A 7 10.22 -20.65 15.88
C GLY A 7 10.17 -19.83 17.16
N LYS A 8 11.25 -19.12 17.45
CA LYS A 8 11.33 -18.29 18.65
C LYS A 8 11.70 -16.86 18.30
N GLU A 9 11.44 -15.94 19.22
CA GLU A 9 11.74 -14.53 19.01
C GLU A 9 11.93 -13.80 20.33
N ALA A 10 12.46 -12.59 20.27
CA ALA A 10 12.69 -11.78 21.47
C ALA A 10 13.02 -10.35 21.11
N LEU A 11 12.08 -9.44 21.39
CA LEU A 11 12.27 -8.03 21.09
C LEU A 11 11.25 -7.18 21.82
N GLU A 12 11.69 -6.03 22.34
CA GLU A 12 10.81 -5.13 23.08
C GLU A 12 10.84 -3.74 22.45
N ALA A 13 9.68 -3.31 21.95
CA ALA A 13 9.56 -1.99 21.33
C ALA A 13 8.31 -1.27 21.82
N LEU A 14 8.48 -0.07 22.35
CA LEU A 14 7.38 0.73 22.84
C LEU A 14 6.94 1.77 21.82
N VAL A 15 7.92 2.39 21.17
CA VAL A 15 7.64 3.40 20.16
C VAL A 15 7.70 2.82 18.75
N PRO A 16 6.74 3.20 17.91
CA PRO A 16 6.67 2.72 16.52
C PRO A 16 7.79 3.28 15.66
N VAL A 17 7.75 2.96 14.36
CA VAL A 17 8.75 3.45 13.43
C VAL A 17 8.14 3.77 12.07
N THR A 18 8.83 4.61 11.30
CA THR A 18 8.35 5.00 9.98
C THR A 18 9.01 4.17 8.88
N ILE A 19 8.20 3.64 7.98
CA ILE A 19 8.72 2.84 6.88
C ILE A 19 8.47 3.52 5.53
N GLU A 20 8.86 2.85 4.45
CA GLU A 20 8.68 3.38 3.11
C GLU A 20 8.03 2.35 2.19
N VAL A 21 6.99 2.78 1.48
CA VAL A 21 6.28 1.90 0.55
C VAL A 21 6.24 2.49 -0.84
N GLU A 22 6.68 1.70 -1.83
CA GLU A 22 6.68 2.14 -3.22
C GLU A 22 5.27 2.15 -3.79
N VAL A 23 4.74 3.33 -4.05
CA VAL A 23 3.41 3.47 -4.60
C VAL A 23 3.31 4.68 -5.54
N PRO A 24 2.76 4.46 -6.74
CA PRO A 24 2.60 5.52 -7.75
C PRO A 24 1.56 6.55 -7.34
N PHE A 25 1.92 7.83 -7.45
CA PHE A 25 1.02 8.91 -7.11
C PHE A 25 -0.30 8.80 -7.89
N ASP A 26 -0.25 8.09 -9.00
CA ASP A 26 -1.43 7.90 -9.83
C ASP A 26 -2.49 7.07 -9.10
N LEU A 27 -2.09 6.47 -7.99
CA LEU A 27 -3.00 5.64 -7.20
C LEU A 27 -3.42 6.36 -5.92
N HIS A 28 -2.55 7.24 -5.43
CA HIS A 28 -2.83 8.00 -4.22
C HIS A 28 -4.27 8.52 -4.22
N ARG A 29 -4.61 9.33 -5.22
CA ARG A 29 -5.95 9.89 -5.33
C ARG A 29 -7.01 8.80 -5.14
N TYR A 30 -6.65 7.57 -5.47
CA TYR A 30 -7.57 6.44 -5.34
C TYR A 30 -7.44 5.79 -3.97
N VAL A 31 -6.24 5.83 -3.41
CA VAL A 31 -5.98 5.25 -2.09
C VAL A 31 -6.58 6.12 -0.98
N ILE A 32 -6.22 7.39 -0.99
CA ILE A 32 -6.73 8.32 0.02
C ILE A 32 -8.26 8.33 0.05
N GLY A 33 -8.86 8.72 -1.07
CA GLY A 33 -10.30 8.76 -1.15
C GLY A 33 -10.84 10.18 -1.23
N GLN A 34 -11.99 10.34 -1.90
CA GLN A 34 -12.60 11.65 -2.04
C GLN A 34 -12.76 12.34 -0.69
N LYS A 35 -12.99 11.54 0.35
CA LYS A 35 -13.17 12.07 1.70
C LYS A 35 -11.95 11.75 2.57
N GLY A 36 -11.71 10.45 2.78
CA GLY A 36 -10.58 10.04 3.59
C GLY A 36 -10.89 8.82 4.44
N SER A 37 -11.67 7.90 3.87
CA SER A 37 -12.04 6.68 4.58
C SER A 37 -11.15 5.51 4.15
N GLY A 38 -10.98 5.36 2.84
CA GLY A 38 -10.15 4.28 2.32
C GLY A 38 -8.97 3.98 3.22
N ILE A 39 -7.98 4.87 3.22
CA ILE A 39 -6.79 4.68 4.04
C ILE A 39 -7.16 4.51 5.50
N ARG A 40 -8.04 5.37 5.99
CA ARG A 40 -8.47 5.33 7.39
C ARG A 40 -8.68 3.89 7.84
N LYS A 41 -9.48 3.14 7.07
CA LYS A 41 -9.76 1.74 7.40
C LYS A 41 -8.48 1.01 7.78
N MET A 42 -7.44 1.16 6.97
CA MET A 42 -6.16 0.51 7.22
C MET A 42 -5.48 1.12 8.45
N MET A 43 -5.63 2.43 8.61
CA MET A 43 -5.03 3.12 9.75
C MET A 43 -5.67 2.67 11.06
N ASP A 44 -6.95 2.37 11.02
CA ASP A 44 -7.68 1.92 12.21
C ASP A 44 -7.53 0.41 12.39
N GLU A 45 -7.56 -0.32 11.29
CA GLU A 45 -7.44 -1.78 11.33
C GLU A 45 -6.04 -2.19 11.76
N PHE A 46 -5.03 -1.60 11.13
CA PHE A 46 -3.64 -1.91 11.45
C PHE A 46 -3.11 -0.99 12.55
N GLU A 47 -4.02 -0.21 13.15
CA GLU A 47 -3.65 0.70 14.22
C GLU A 47 -2.40 1.50 13.84
N VAL A 48 -2.23 1.75 12.55
CA VAL A 48 -1.08 2.50 12.05
C VAL A 48 -1.50 3.80 11.41
N ASN A 49 -0.52 4.60 10.98
CA ASN A 49 -0.80 5.89 10.34
C ASN A 49 -0.01 6.03 9.05
N ILE A 50 -0.73 6.06 7.92
CA ILE A 50 -0.10 6.19 6.62
C ILE A 50 0.24 7.65 6.33
N HIS A 51 1.32 7.86 5.57
CA HIS A 51 1.75 9.20 5.20
C HIS A 51 2.01 9.31 3.71
N VAL A 52 1.15 10.05 3.01
CA VAL A 52 1.29 10.24 1.58
C VAL A 52 1.87 11.61 1.24
N PRO A 53 2.84 11.63 0.33
CA PRO A 53 3.51 12.88 -0.09
C PRO A 53 2.58 13.77 -0.91
N ALA A 54 2.70 15.08 -0.70
CA ALA A 54 1.87 16.04 -1.42
C ALA A 54 2.16 16.00 -2.92
N PRO A 55 1.24 16.58 -3.71
CA PRO A 55 1.38 16.61 -5.17
C PRO A 55 2.50 17.55 -5.63
N GLU A 56 2.87 18.49 -4.77
CA GLU A 56 3.92 19.44 -5.08
C GLU A 56 5.29 18.80 -4.90
N LEU A 57 5.34 17.66 -4.23
CA LEU A 57 6.58 16.94 -3.99
C LEU A 57 6.89 15.99 -5.14
N GLN A 58 5.84 15.52 -5.81
CA GLN A 58 6.01 14.61 -6.93
C GLN A 58 6.75 13.35 -6.50
N SER A 59 6.33 12.77 -5.37
CA SER A 59 6.96 11.57 -4.85
C SER A 59 6.01 10.38 -4.91
N ASP A 60 6.56 9.19 -5.10
CA ASP A 60 5.76 7.97 -5.17
C ASP A 60 6.09 7.03 -4.03
N ILE A 61 6.59 7.60 -2.93
CA ILE A 61 6.94 6.80 -1.76
C ILE A 61 6.10 7.20 -0.55
N ILE A 62 5.30 6.25 -0.06
CA ILE A 62 4.46 6.50 1.11
C ILE A 62 5.13 6.06 2.39
N ALA A 63 4.93 6.83 3.45
CA ALA A 63 5.52 6.52 4.75
C ALA A 63 4.46 6.06 5.75
N ILE A 64 4.69 4.90 6.35
CA ILE A 64 3.75 4.34 7.31
C ILE A 64 4.36 4.30 8.71
N THR A 65 3.58 4.73 9.70
CA THR A 65 4.04 4.75 11.09
C THR A 65 3.33 3.69 11.91
N GLY A 66 4.10 2.95 12.71
CA GLY A 66 3.52 1.91 13.55
C GLY A 66 4.55 0.92 14.02
N LEU A 67 4.16 0.06 14.96
CA LEU A 67 5.07 -0.95 15.50
C LEU A 67 5.51 -1.92 14.42
N ALA A 68 6.78 -2.31 14.46
CA ALA A 68 7.33 -3.25 13.48
C ALA A 68 6.29 -4.30 13.09
N ALA A 69 5.42 -4.65 14.04
CA ALA A 69 4.39 -5.65 13.79
C ALA A 69 3.24 -5.05 12.98
N ASN A 70 2.81 -3.85 13.37
CA ASN A 70 1.70 -3.18 12.68
C ASN A 70 2.14 -2.73 11.29
N LEU A 71 3.43 -2.45 11.12
CA LEU A 71 3.96 -2.02 9.84
C LEU A 71 3.90 -3.15 8.81
N ASP A 72 4.00 -4.38 9.29
CA ASP A 72 3.96 -5.55 8.42
C ASP A 72 2.55 -5.76 7.88
N ARG A 73 1.60 -6.00 8.77
CA ARG A 73 0.22 -6.22 8.38
C ARG A 73 -0.34 -5.02 7.61
N ALA A 74 0.19 -3.84 7.92
CA ALA A 74 -0.25 -2.62 7.26
C ALA A 74 0.39 -2.48 5.88
N LYS A 75 1.72 -2.57 5.84
CA LYS A 75 2.45 -2.46 4.59
C LYS A 75 1.98 -3.51 3.59
N ALA A 76 1.55 -4.67 4.10
CA ALA A 76 1.08 -5.75 3.25
C ALA A 76 -0.19 -5.34 2.49
N GLY A 77 -1.09 -4.66 3.18
CA GLY A 77 -2.32 -4.21 2.56
C GLY A 77 -2.08 -3.25 1.41
N LEU A 78 -1.30 -2.20 1.68
CA LEU A 78 -1.00 -1.20 0.66
C LEU A 78 -0.38 -1.86 -0.58
N LEU A 79 0.73 -2.54 -0.39
CA LEU A 79 1.42 -3.22 -1.49
C LEU A 79 0.42 -4.01 -2.33
N GLU A 80 -0.33 -4.89 -1.69
CA GLU A 80 -1.32 -5.71 -2.38
C GLU A 80 -2.39 -4.84 -3.04
N ARG A 81 -2.61 -3.66 -2.47
CA ARG A 81 -3.61 -2.74 -3.00
C ARG A 81 -3.16 -2.15 -4.33
N VAL A 82 -1.87 -1.82 -4.43
CA VAL A 82 -1.31 -1.25 -5.64
C VAL A 82 -1.29 -2.27 -6.77
N LYS A 83 -0.85 -3.49 -6.44
CA LYS A 83 -0.78 -4.56 -7.43
C LYS A 83 -2.16 -4.85 -8.02
N GLU A 84 -3.18 -4.80 -7.17
CA GLU A 84 -4.55 -5.05 -7.61
C GLU A 84 -5.12 -3.83 -8.33
N LEU A 85 -5.03 -2.67 -7.69
CA LEU A 85 -5.53 -1.44 -8.26
C LEU A 85 -4.96 -1.21 -9.66
N GLN A 86 -3.65 -1.23 -9.77
CA GLN A 86 -2.98 -1.02 -11.06
C GLN A 86 -3.51 -2.01 -12.10
N ALA A 87 -3.82 -3.22 -11.66
CA ALA A 87 -4.34 -4.25 -12.55
C ALA A 87 -5.67 -3.83 -13.15
N GLU A 88 -6.36 -2.92 -12.47
CA GLU A 88 -7.67 -2.44 -12.93
C GLU A 88 -7.50 -1.24 -13.86
N GLN A 89 -7.13 -0.10 -13.27
CA GLN A 89 -6.94 1.13 -14.05
C GLN A 89 -6.17 0.85 -15.33
N GLU A 90 -5.34 -0.19 -15.30
CA GLU A 90 -4.54 -0.57 -16.47
C GLU A 90 -5.29 -1.58 -17.34
N ASP A 91 -5.89 -2.58 -16.69
CA ASP A 91 -6.62 -3.61 -17.40
C ASP A 91 -7.50 -3.00 -18.50
N ARG A 92 -8.18 -1.90 -18.16
CA ARG A 92 -9.05 -1.22 -19.12
C ARG A 92 -8.23 -0.63 -20.26
N ALA A 93 -7.00 -0.25 -19.97
CA ALA A 93 -6.12 0.34 -20.97
C ALA A 93 -5.54 -0.73 -21.89
N LEU A 94 -5.06 -1.82 -21.29
CA LEU A 94 -4.47 -2.92 -22.06
C LEU A 94 -5.52 -3.56 -22.96
N ARG A 95 -6.57 -4.08 -22.35
CA ARG A 95 -7.65 -4.73 -23.10
C ARG A 95 -7.08 -5.55 -24.26
N SER A 96 -5.94 -6.19 -24.02
CA SER A 96 -5.29 -7.00 -25.05
C SER A 96 -6.05 -8.30 -25.27
N PHE A 97 -7.06 -8.25 -26.14
CA PHE A 97 -7.87 -9.43 -26.44
C PHE A 97 -8.12 -10.25 -25.19
N LYS A 98 -8.35 -9.57 -24.07
CA LYS A 98 -8.61 -10.24 -22.80
C LYS A 98 -9.95 -10.96 -22.82
N SER A 99 -9.92 -12.28 -22.76
CA SER A 99 -11.13 -13.09 -22.77
C SER A 99 -11.40 -13.67 -21.40
N GLY A 100 -11.17 -12.88 -20.36
CA GLY A 100 -11.40 -13.33 -19.00
C GLY A 100 -10.70 -14.66 -18.71
N PRO A 101 -9.36 -14.61 -18.66
CA PRO A 101 -8.55 -15.80 -18.38
C PRO A 101 -8.69 -16.28 -16.94
N SER A 102 -9.12 -15.38 -16.07
CA SER A 102 -9.29 -15.71 -14.66
C SER A 102 -10.26 -14.75 -13.99
N SER A 103 -10.75 -15.13 -12.81
CA SER A 103 -11.70 -14.31 -12.07
C SER A 103 -11.01 -13.61 -10.90
N GLY A 104 -11.48 -12.41 -10.57
CA GLY A 104 -10.89 -11.66 -9.48
C GLY A 104 -11.92 -11.26 -8.44
N GLY A 1 -10.84 -33.63 23.23
CA GLY A 1 -10.19 -32.77 22.26
C GLY A 1 -8.83 -32.28 22.75
N SER A 2 -7.85 -32.28 21.84
CA SER A 2 -6.51 -31.84 22.18
C SER A 2 -5.80 -31.26 20.96
N SER A 3 -5.52 -29.96 21.01
CA SER A 3 -4.85 -29.28 19.91
C SER A 3 -3.35 -29.20 20.14
N GLY A 4 -2.64 -28.62 19.19
CA GLY A 4 -1.19 -28.49 19.32
C GLY A 4 -0.60 -27.54 18.28
N SER A 5 -0.07 -26.42 18.75
CA SER A 5 0.51 -25.42 17.86
C SER A 5 1.51 -24.54 18.62
N SER A 6 2.62 -24.23 17.98
CA SER A 6 3.65 -23.39 18.59
C SER A 6 4.12 -22.31 17.62
N GLY A 7 4.47 -21.15 18.17
CA GLY A 7 4.93 -20.04 17.35
C GLY A 7 5.19 -18.79 18.16
N LYS A 8 5.94 -18.93 19.24
CA LYS A 8 6.27 -17.79 20.10
C LYS A 8 7.10 -16.77 19.35
N GLU A 9 6.95 -15.50 19.72
CA GLU A 9 7.69 -14.42 19.08
C GLU A 9 8.45 -13.59 20.11
N ALA A 10 9.63 -13.12 19.74
CA ALA A 10 10.45 -12.31 20.63
C ALA A 10 10.67 -10.91 20.07
N LEU A 11 9.81 -9.98 20.47
CA LEU A 11 9.90 -8.60 20.01
C LEU A 11 9.62 -7.63 21.14
N GLU A 12 10.49 -6.63 21.30
CA GLU A 12 10.34 -5.63 22.34
C GLU A 12 10.48 -4.22 21.77
N ALA A 13 9.42 -3.43 21.90
CA ALA A 13 9.42 -2.06 21.40
C ALA A 13 8.18 -1.30 21.87
N LEU A 14 8.39 -0.06 22.30
CA LEU A 14 7.29 0.77 22.79
C LEU A 14 6.96 1.87 21.77
N VAL A 15 7.99 2.43 21.15
CA VAL A 15 7.81 3.48 20.17
C VAL A 15 7.80 2.91 18.76
N PRO A 16 6.85 3.39 17.92
CA PRO A 16 6.73 2.95 16.54
C PRO A 16 7.88 3.43 15.66
N VAL A 17 7.81 3.11 14.37
CA VAL A 17 8.84 3.52 13.43
C VAL A 17 8.24 3.84 12.07
N THR A 18 8.96 4.65 11.29
CA THR A 18 8.49 5.04 9.97
C THR A 18 9.14 4.19 8.87
N ILE A 19 8.33 3.68 7.96
CA ILE A 19 8.82 2.84 6.87
C ILE A 19 8.58 3.50 5.52
N GLU A 20 8.91 2.79 4.46
CA GLU A 20 8.73 3.30 3.10
C GLU A 20 8.07 2.25 2.20
N VAL A 21 7.03 2.66 1.48
CA VAL A 21 6.31 1.78 0.59
C VAL A 21 6.27 2.33 -0.83
N GLU A 22 6.49 1.46 -1.81
CA GLU A 22 6.47 1.86 -3.21
C GLU A 22 5.03 2.01 -3.72
N VAL A 23 4.66 3.23 -4.07
CA VAL A 23 3.32 3.50 -4.58
C VAL A 23 3.31 4.74 -5.46
N PRO A 24 2.81 4.58 -6.70
CA PRO A 24 2.72 5.67 -7.67
C PRO A 24 1.69 6.72 -7.28
N PHE A 25 2.07 7.99 -7.41
CA PHE A 25 1.16 9.09 -7.06
C PHE A 25 -0.13 9.00 -7.87
N ASP A 26 -0.08 8.28 -8.99
CA ASP A 26 -1.24 8.13 -9.84
C ASP A 26 -2.33 7.30 -9.15
N LEU A 27 -1.92 6.55 -8.13
CA LEU A 27 -2.85 5.70 -7.38
C LEU A 27 -3.29 6.40 -6.10
N HIS A 28 -2.43 7.24 -5.55
CA HIS A 28 -2.73 7.96 -4.32
C HIS A 28 -4.17 8.49 -4.35
N ARG A 29 -4.50 9.22 -5.40
CA ARG A 29 -5.84 9.78 -5.53
C ARG A 29 -6.90 8.76 -5.17
N TYR A 30 -6.64 7.49 -5.51
CA TYR A 30 -7.58 6.42 -5.22
C TYR A 30 -7.35 5.87 -3.81
N VAL A 31 -6.09 5.75 -3.42
CA VAL A 31 -5.75 5.24 -2.10
C VAL A 31 -6.40 6.07 -1.00
N ILE A 32 -6.28 7.39 -1.12
CA ILE A 32 -6.87 8.29 -0.14
C ILE A 32 -8.39 8.32 -0.24
N GLY A 33 -8.90 8.11 -1.46
CA GLY A 33 -10.33 8.10 -1.68
C GLY A 33 -10.90 9.51 -1.80
N GLN A 34 -12.22 9.60 -1.92
CA GLN A 34 -12.88 10.90 -2.04
C GLN A 34 -12.29 11.91 -1.06
N LYS A 35 -12.33 11.59 0.22
CA LYS A 35 -11.80 12.48 1.25
C LYS A 35 -10.60 11.83 1.94
N GLY A 36 -10.85 10.73 2.64
CA GLY A 36 -9.78 10.03 3.34
C GLY A 36 -10.29 8.86 4.15
N SER A 37 -11.37 8.25 3.69
CA SER A 37 -11.97 7.11 4.39
C SER A 37 -11.35 5.80 3.91
N GLY A 38 -10.77 5.84 2.72
CA GLY A 38 -10.14 4.64 2.16
C GLY A 38 -8.89 4.24 2.91
N ILE A 39 -8.13 5.23 3.37
CA ILE A 39 -6.90 4.98 4.10
C ILE A 39 -7.18 4.72 5.58
N ARG A 40 -7.98 5.59 6.18
CA ARG A 40 -8.33 5.46 7.59
C ARG A 40 -8.64 4.01 7.94
N LYS A 41 -9.45 3.37 7.11
CA LYS A 41 -9.82 1.98 7.33
C LYS A 41 -8.61 1.15 7.73
N MET A 42 -7.57 1.21 6.91
CA MET A 42 -6.34 0.46 7.18
C MET A 42 -5.68 0.94 8.46
N MET A 43 -5.77 2.25 8.72
CA MET A 43 -5.18 2.84 9.91
C MET A 43 -5.85 2.31 11.17
N ASP A 44 -7.17 2.10 11.09
CA ASP A 44 -7.93 1.60 12.23
C ASP A 44 -7.82 0.09 12.33
N GLU A 45 -7.66 -0.57 11.19
CA GLU A 45 -7.54 -2.02 11.17
C GLU A 45 -6.16 -2.46 11.66
N PHE A 46 -5.11 -1.85 11.11
CA PHE A 46 -3.75 -2.17 11.49
C PHE A 46 -3.28 -1.30 12.65
N GLU A 47 -4.10 -0.31 13.00
CA GLU A 47 -3.77 0.60 14.09
C GLU A 47 -2.46 1.33 13.81
N VAL A 48 -2.31 1.82 12.58
CA VAL A 48 -1.10 2.54 12.19
C VAL A 48 -1.44 3.91 11.61
N ASN A 49 -0.41 4.61 11.12
CA ASN A 49 -0.61 5.94 10.54
C ASN A 49 0.08 6.04 9.19
N ILE A 50 -0.70 6.33 8.15
CA ILE A 50 -0.16 6.46 6.80
C ILE A 50 -0.02 7.92 6.40
N HIS A 51 1.14 8.28 5.86
CA HIS A 51 1.39 9.65 5.43
C HIS A 51 1.75 9.69 3.95
N VAL A 52 0.83 10.20 3.14
CA VAL A 52 1.05 10.30 1.70
C VAL A 52 1.65 11.64 1.33
N PRO A 53 2.63 11.63 0.41
CA PRO A 53 3.30 12.84 -0.06
C PRO A 53 2.40 13.73 -0.89
N ALA A 54 2.45 15.04 -0.64
CA ALA A 54 1.63 15.99 -1.37
C ALA A 54 1.94 15.95 -2.86
N PRO A 55 1.08 16.61 -3.66
CA PRO A 55 1.24 16.66 -5.12
C PRO A 55 2.44 17.51 -5.55
N GLU A 56 2.87 18.41 -4.66
CA GLU A 56 4.00 19.28 -4.94
C GLU A 56 5.32 18.51 -4.84
N LEU A 57 5.35 17.56 -3.92
CA LEU A 57 6.56 16.75 -3.71
C LEU A 57 6.73 15.73 -4.83
N GLN A 58 5.64 15.45 -5.54
CA GLN A 58 5.67 14.49 -6.64
C GLN A 58 6.45 13.25 -6.26
N SER A 59 6.16 12.71 -5.08
CA SER A 59 6.84 11.51 -4.59
C SER A 59 6.00 10.26 -4.84
N ASP A 60 6.67 9.14 -5.04
CA ASP A 60 5.98 7.88 -5.29
C ASP A 60 6.23 6.90 -4.15
N ILE A 61 6.66 7.42 -3.00
CA ILE A 61 6.93 6.59 -1.83
C ILE A 61 6.12 7.06 -0.63
N ILE A 62 5.33 6.15 -0.07
CA ILE A 62 4.50 6.47 1.08
C ILE A 62 5.19 6.06 2.38
N ALA A 63 5.03 6.88 3.42
CA ALA A 63 5.64 6.60 4.72
C ALA A 63 4.59 6.14 5.73
N ILE A 64 4.81 4.96 6.30
CA ILE A 64 3.89 4.41 7.28
C ILE A 64 4.53 4.36 8.67
N THR A 65 3.85 4.94 9.65
CA THR A 65 4.36 4.95 11.02
C THR A 65 3.64 3.92 11.88
N GLY A 66 4.41 3.19 12.68
CA GLY A 66 3.82 2.18 13.54
C GLY A 66 4.84 1.14 13.98
N LEU A 67 4.45 0.29 14.92
CA LEU A 67 5.33 -0.76 15.43
C LEU A 67 5.72 -1.72 14.30
N ALA A 68 6.99 -2.09 14.27
CA ALA A 68 7.50 -3.01 13.26
C ALA A 68 6.49 -4.11 12.97
N ALA A 69 5.69 -4.46 13.97
CA ALA A 69 4.67 -5.50 13.82
C ALA A 69 3.47 -4.98 13.03
N ASN A 70 3.01 -3.78 13.37
CA ASN A 70 1.87 -3.18 12.70
C ASN A 70 2.23 -2.79 11.27
N LEU A 71 3.50 -2.40 11.07
CA LEU A 71 3.97 -2.00 9.75
C LEU A 71 3.92 -3.16 8.77
N ASP A 72 4.17 -4.36 9.28
CA ASP A 72 4.14 -5.57 8.45
C ASP A 72 2.74 -5.83 7.92
N ARG A 73 1.78 -5.98 8.82
CA ARG A 73 0.40 -6.25 8.45
C ARG A 73 -0.16 -5.10 7.60
N ALA A 74 0.15 -3.87 8.01
CA ALA A 74 -0.31 -2.69 7.29
C ALA A 74 0.30 -2.61 5.90
N LYS A 75 1.63 -2.57 5.83
CA LYS A 75 2.33 -2.51 4.56
C LYS A 75 1.83 -3.57 3.60
N ALA A 76 1.49 -4.74 4.14
CA ALA A 76 0.99 -5.85 3.33
C ALA A 76 -0.29 -5.46 2.62
N GLY A 77 -1.14 -4.69 3.30
CA GLY A 77 -2.39 -4.27 2.71
C GLY A 77 -2.21 -3.29 1.56
N LEU A 78 -1.35 -2.30 1.78
CA LEU A 78 -1.08 -1.30 0.74
C LEU A 78 -0.50 -1.95 -0.51
N LEU A 79 0.66 -2.58 -0.35
CA LEU A 79 1.32 -3.23 -1.47
C LEU A 79 0.31 -3.98 -2.34
N GLU A 80 -0.51 -4.80 -1.70
CA GLU A 80 -1.52 -5.58 -2.41
C GLU A 80 -2.53 -4.66 -3.10
N ARG A 81 -2.76 -3.51 -2.49
CA ARG A 81 -3.71 -2.54 -3.04
C ARG A 81 -3.18 -1.94 -4.34
N VAL A 82 -1.87 -1.72 -4.39
CA VAL A 82 -1.24 -1.15 -5.58
C VAL A 82 -1.20 -2.16 -6.72
N LYS A 83 -0.96 -3.42 -6.37
CA LYS A 83 -0.91 -4.48 -7.37
C LYS A 83 -2.29 -4.75 -7.95
N GLU A 84 -3.30 -4.73 -7.10
CA GLU A 84 -4.67 -4.97 -7.53
C GLU A 84 -5.25 -3.74 -8.21
N LEU A 85 -5.11 -2.59 -7.57
CA LEU A 85 -5.62 -1.34 -8.11
C LEU A 85 -5.11 -1.11 -9.54
N GLN A 86 -3.79 -1.12 -9.69
CA GLN A 86 -3.18 -0.92 -11.00
C GLN A 86 -3.71 -1.94 -12.02
N ALA A 87 -4.15 -3.08 -11.51
CA ALA A 87 -4.69 -4.13 -12.38
C ALA A 87 -6.10 -3.79 -12.85
N GLU A 88 -6.77 -2.92 -12.10
CA GLU A 88 -8.13 -2.52 -12.45
C GLU A 88 -8.11 -1.28 -13.35
N GLN A 89 -7.22 -0.34 -13.04
CA GLN A 89 -7.11 0.89 -13.83
C GLN A 89 -6.39 0.62 -15.13
N GLU A 90 -5.64 -0.47 -15.19
CA GLU A 90 -4.90 -0.83 -16.39
C GLU A 90 -5.72 -1.76 -17.27
N ASP A 91 -6.65 -2.49 -16.66
CA ASP A 91 -7.50 -3.42 -17.39
C ASP A 91 -8.29 -2.70 -18.47
N ARG A 92 -9.01 -1.65 -18.07
CA ARG A 92 -9.81 -0.86 -19.00
C ARG A 92 -8.97 -0.39 -20.19
N ALA A 93 -7.67 -0.21 -19.95
CA ALA A 93 -6.76 0.23 -20.99
C ALA A 93 -6.33 -0.93 -21.87
N LEU A 94 -6.08 -2.08 -21.25
CA LEU A 94 -5.65 -3.27 -21.97
C LEU A 94 -6.79 -3.87 -22.77
N ARG A 95 -8.02 -3.65 -22.30
CA ARG A 95 -9.20 -4.17 -22.97
C ARG A 95 -9.10 -5.68 -23.16
N SER A 96 -8.83 -6.39 -22.08
CA SER A 96 -8.71 -7.85 -22.13
C SER A 96 -10.00 -8.52 -21.69
N PHE A 97 -10.26 -9.70 -22.24
CA PHE A 97 -11.47 -10.45 -21.91
C PHE A 97 -11.35 -11.10 -20.54
N LYS A 98 -11.57 -10.30 -19.49
CA LYS A 98 -11.49 -10.80 -18.13
C LYS A 98 -12.66 -10.29 -17.28
N SER A 99 -13.26 -11.18 -16.51
CA SER A 99 -14.39 -10.82 -15.66
C SER A 99 -13.92 -10.45 -14.26
N GLY A 100 -14.87 -10.05 -13.41
CA GLY A 100 -14.53 -9.68 -12.04
C GLY A 100 -15.41 -8.56 -11.52
N PRO A 101 -15.72 -8.61 -10.22
CA PRO A 101 -16.56 -7.60 -9.57
C PRO A 101 -15.86 -6.24 -9.46
N SER A 102 -16.50 -5.30 -8.77
CA SER A 102 -15.93 -3.97 -8.59
C SER A 102 -16.79 -3.14 -7.65
N SER A 103 -16.17 -2.18 -6.98
CA SER A 103 -16.87 -1.31 -6.04
C SER A 103 -16.90 0.12 -6.53
N GLY A 104 -16.62 0.31 -7.82
CA GLY A 104 -16.61 1.64 -8.40
C GLY A 104 -15.36 2.43 -8.05
N GLY A 1 8.73 -26.66 39.54
CA GLY A 1 7.54 -26.51 38.73
C GLY A 1 7.64 -27.24 37.40
N SER A 2 6.51 -27.77 36.94
CA SER A 2 6.47 -28.49 35.69
C SER A 2 5.82 -27.65 34.59
N SER A 3 4.67 -27.06 34.91
CA SER A 3 3.94 -26.23 33.96
C SER A 3 4.29 -24.76 34.13
N GLY A 4 5.30 -24.30 33.41
CA GLY A 4 5.72 -22.92 33.50
C GLY A 4 5.74 -22.22 32.15
N SER A 5 4.72 -22.49 31.33
CA SER A 5 4.63 -21.89 30.01
C SER A 5 4.29 -20.41 30.10
N SER A 6 5.19 -19.57 29.60
CA SER A 6 4.99 -18.12 29.63
C SER A 6 5.47 -17.48 28.32
N GLY A 7 4.60 -16.68 27.71
CA GLY A 7 4.96 -16.02 26.46
C GLY A 7 6.34 -15.40 26.52
N LYS A 8 7.01 -15.35 25.37
CA LYS A 8 8.35 -14.77 25.29
C LYS A 8 8.59 -14.14 23.92
N GLU A 9 9.53 -13.20 23.86
CA GLU A 9 9.86 -12.53 22.61
C GLU A 9 11.31 -12.05 22.61
N ALA A 10 11.84 -11.82 21.43
CA ALA A 10 13.22 -11.35 21.29
C ALA A 10 13.27 -9.89 20.87
N LEU A 11 12.17 -9.18 21.06
CA LEU A 11 12.08 -7.78 20.69
C LEU A 11 10.94 -7.09 21.42
N GLU A 12 11.22 -5.93 22.01
CA GLU A 12 10.21 -5.17 22.73
C GLU A 12 10.40 -3.67 22.54
N ALA A 13 9.32 -2.98 22.21
CA ALA A 13 9.37 -1.54 22.01
C ALA A 13 8.06 -0.87 22.42
N LEU A 14 8.08 0.46 22.51
CA LEU A 14 6.89 1.21 22.89
C LEU A 14 6.49 2.18 21.79
N VAL A 15 7.47 2.81 21.17
CA VAL A 15 7.21 3.76 20.09
C VAL A 15 7.35 3.10 18.73
N PRO A 16 6.41 3.41 17.81
CA PRO A 16 6.42 2.87 16.45
C PRO A 16 7.57 3.40 15.60
N VAL A 17 7.55 3.09 14.32
CA VAL A 17 8.59 3.54 13.40
C VAL A 17 8.02 3.81 12.01
N THR A 18 8.63 4.75 11.30
CA THR A 18 8.19 5.11 9.96
C THR A 18 8.89 4.26 8.91
N ILE A 19 8.13 3.79 7.92
CA ILE A 19 8.68 2.96 6.85
C ILE A 19 8.44 3.61 5.48
N GLU A 20 8.92 2.95 4.44
CA GLU A 20 8.76 3.45 3.08
C GLU A 20 8.14 2.38 2.17
N VAL A 21 7.02 2.73 1.54
CA VAL A 21 6.33 1.80 0.66
C VAL A 21 6.32 2.32 -0.78
N GLU A 22 6.50 1.42 -1.74
CA GLU A 22 6.51 1.80 -3.14
C GLU A 22 5.09 1.90 -3.69
N VAL A 23 4.64 3.13 -3.92
CA VAL A 23 3.30 3.37 -4.44
C VAL A 23 3.28 4.61 -5.34
N PRO A 24 2.77 4.43 -6.57
CA PRO A 24 2.67 5.51 -7.54
C PRO A 24 1.63 6.55 -7.16
N PHE A 25 1.98 7.83 -7.31
CA PHE A 25 1.08 8.91 -6.98
C PHE A 25 -0.25 8.77 -7.71
N ASP A 26 -0.20 8.23 -8.92
CA ASP A 26 -1.39 8.03 -9.74
C ASP A 26 -2.46 7.27 -8.95
N LEU A 27 -2.02 6.54 -7.92
CA LEU A 27 -2.94 5.76 -7.11
C LEU A 27 -3.36 6.55 -5.87
N HIS A 28 -2.44 7.37 -5.35
CA HIS A 28 -2.72 8.17 -4.17
C HIS A 28 -4.13 8.75 -4.22
N ARG A 29 -4.49 9.30 -5.37
CA ARG A 29 -5.82 9.89 -5.55
C ARG A 29 -6.91 8.91 -5.12
N TYR A 30 -6.71 7.64 -5.45
CA TYR A 30 -7.68 6.60 -5.11
C TYR A 30 -7.48 6.12 -3.68
N VAL A 31 -6.21 5.97 -3.28
CA VAL A 31 -5.88 5.52 -1.94
C VAL A 31 -6.49 6.43 -0.88
N ILE A 32 -6.15 7.71 -0.94
CA ILE A 32 -6.66 8.69 0.02
C ILE A 32 -8.19 8.73 -0.02
N GLY A 33 -8.73 9.11 -1.18
CA GLY A 33 -10.18 9.18 -1.33
C GLY A 33 -10.78 10.33 -0.53
N GLN A 34 -12.10 10.33 -0.42
CA GLN A 34 -12.80 11.38 0.31
C GLN A 34 -12.39 11.38 1.79
N LYS A 35 -12.00 12.54 2.28
CA LYS A 35 -11.58 12.69 3.67
C LYS A 35 -10.78 11.47 4.12
N GLY A 36 -9.75 11.14 3.36
CA GLY A 36 -8.91 9.99 3.70
C GLY A 36 -9.70 8.88 4.34
N SER A 37 -10.58 8.25 3.56
CA SER A 37 -11.41 7.16 4.06
C SER A 37 -10.72 5.82 3.85
N GLY A 38 -10.46 5.49 2.58
CA GLY A 38 -9.81 4.23 2.26
C GLY A 38 -8.58 3.98 3.11
N ILE A 39 -7.85 5.06 3.43
CA ILE A 39 -6.65 4.95 4.24
C ILE A 39 -6.99 4.74 5.71
N ARG A 40 -8.06 5.39 6.17
CA ARG A 40 -8.49 5.28 7.54
C ARG A 40 -8.80 3.83 7.91
N LYS A 41 -9.74 3.23 7.18
CA LYS A 41 -10.13 1.85 7.42
C LYS A 41 -8.91 0.99 7.75
N MET A 42 -7.82 1.22 7.02
CA MET A 42 -6.59 0.47 7.24
C MET A 42 -5.91 0.89 8.54
N MET A 43 -5.74 2.20 8.71
CA MET A 43 -5.10 2.73 9.92
C MET A 43 -5.80 2.21 11.17
N ASP A 44 -7.13 2.24 11.17
CA ASP A 44 -7.90 1.77 12.30
C ASP A 44 -7.78 0.26 12.46
N GLU A 45 -7.68 -0.44 11.33
CA GLU A 45 -7.56 -1.89 11.35
C GLU A 45 -6.22 -2.32 11.94
N PHE A 46 -5.14 -1.82 11.36
CA PHE A 46 -3.80 -2.15 11.83
C PHE A 46 -3.34 -1.17 12.91
N GLU A 47 -4.19 -0.20 13.22
CA GLU A 47 -3.88 0.80 14.23
C GLU A 47 -2.59 1.55 13.88
N VAL A 48 -2.37 1.76 12.58
CA VAL A 48 -1.18 2.45 12.10
C VAL A 48 -1.54 3.81 11.52
N ASN A 49 -0.51 4.55 11.09
CA ASN A 49 -0.71 5.88 10.51
C ASN A 49 0.00 5.99 9.17
N ILE A 50 -0.78 6.15 8.10
CA ILE A 50 -0.23 6.28 6.76
C ILE A 50 -0.18 7.74 6.33
N HIS A 51 0.99 8.17 5.86
CA HIS A 51 1.17 9.55 5.40
C HIS A 51 1.54 9.58 3.92
N VAL A 52 0.84 10.41 3.15
CA VAL A 52 1.09 10.54 1.73
C VAL A 52 1.77 11.87 1.41
N PRO A 53 2.76 11.85 0.50
CA PRO A 53 3.49 13.04 0.10
C PRO A 53 2.64 13.99 -0.74
N ALA A 54 2.74 15.28 -0.45
CA ALA A 54 1.98 16.29 -1.17
C ALA A 54 2.10 16.09 -2.68
N PRO A 55 1.19 16.72 -3.43
CA PRO A 55 1.17 16.63 -4.89
C PRO A 55 2.34 17.36 -5.54
N GLU A 56 2.83 18.39 -4.86
CA GLU A 56 3.95 19.17 -5.38
C GLU A 56 5.23 18.33 -5.40
N LEU A 57 5.37 17.46 -4.40
CA LEU A 57 6.54 16.60 -4.30
C LEU A 57 6.51 15.51 -5.38
N GLN A 58 5.34 15.28 -5.95
CA GLN A 58 5.18 14.27 -6.99
C GLN A 58 6.02 13.04 -6.69
N SER A 59 5.96 12.56 -5.45
CA SER A 59 6.72 11.39 -5.04
C SER A 59 5.87 10.13 -5.13
N ASP A 60 6.54 8.99 -5.19
CA ASP A 60 5.85 7.70 -5.29
C ASP A 60 6.19 6.81 -4.10
N ILE A 61 6.68 7.42 -3.03
CA ILE A 61 7.05 6.69 -1.83
C ILE A 61 6.22 7.14 -0.63
N ILE A 62 5.34 6.26 -0.16
CA ILE A 62 4.50 6.57 1.00
C ILE A 62 5.19 6.21 2.30
N ALA A 63 4.96 7.02 3.33
CA ALA A 63 5.56 6.77 4.64
C ALA A 63 4.51 6.30 5.64
N ILE A 64 4.73 5.11 6.19
CA ILE A 64 3.81 4.54 7.16
C ILE A 64 4.46 4.43 8.54
N THR A 65 3.78 4.96 9.55
CA THR A 65 4.28 4.92 10.92
C THR A 65 3.55 3.87 11.76
N GLY A 66 4.29 3.14 12.58
CA GLY A 66 3.69 2.12 13.41
C GLY A 66 4.71 1.10 13.89
N LEU A 67 4.28 0.25 14.83
CA LEU A 67 5.16 -0.78 15.38
C LEU A 67 5.59 -1.76 14.30
N ALA A 68 6.87 -2.13 14.32
CA ALA A 68 7.41 -3.07 13.34
C ALA A 68 6.39 -4.14 12.99
N ALA A 69 5.68 -4.63 13.99
CA ALA A 69 4.67 -5.66 13.79
C ALA A 69 3.51 -5.14 12.95
N ASN A 70 2.95 -4.00 13.37
CA ASN A 70 1.84 -3.39 12.66
C ASN A 70 2.23 -3.03 11.23
N LEU A 71 3.38 -2.36 11.09
CA LEU A 71 3.88 -1.96 9.79
C LEU A 71 3.80 -3.11 8.79
N ASP A 72 4.12 -4.32 9.26
CA ASP A 72 4.09 -5.50 8.41
C ASP A 72 2.69 -5.71 7.83
N ARG A 73 1.71 -5.89 8.72
CA ARG A 73 0.33 -6.12 8.30
C ARG A 73 -0.13 -5.01 7.34
N ALA A 74 -0.02 -3.77 7.81
CA ALA A 74 -0.43 -2.62 6.99
C ALA A 74 0.28 -2.62 5.65
N LYS A 75 1.60 -2.52 5.68
CA LYS A 75 2.40 -2.52 4.46
C LYS A 75 1.96 -3.62 3.50
N ALA A 76 1.70 -4.81 4.06
CA ALA A 76 1.27 -5.94 3.27
C ALA A 76 -0.04 -5.64 2.54
N GLY A 77 -0.95 -4.96 3.24
CA GLY A 77 -2.23 -4.62 2.65
C GLY A 77 -2.10 -3.66 1.50
N LEU A 78 -1.31 -2.61 1.68
CA LEU A 78 -1.10 -1.61 0.64
C LEU A 78 -0.46 -2.24 -0.59
N LEU A 79 0.69 -2.88 -0.40
CA LEU A 79 1.40 -3.53 -1.50
C LEU A 79 0.43 -4.25 -2.43
N GLU A 80 -0.43 -5.08 -1.85
CA GLU A 80 -1.42 -5.82 -2.63
C GLU A 80 -2.41 -4.89 -3.30
N ARG A 81 -2.84 -3.87 -2.57
CA ARG A 81 -3.80 -2.89 -3.08
C ARG A 81 -3.23 -2.18 -4.30
N VAL A 82 -1.93 -1.90 -4.27
CA VAL A 82 -1.27 -1.22 -5.37
C VAL A 82 -1.11 -2.14 -6.57
N LYS A 83 -0.78 -3.40 -6.30
CA LYS A 83 -0.59 -4.38 -7.35
C LYS A 83 -1.92 -4.72 -8.03
N GLU A 84 -2.99 -4.73 -7.25
CA GLU A 84 -4.31 -5.04 -7.77
C GLU A 84 -4.93 -3.80 -8.43
N LEU A 85 -4.75 -2.65 -7.79
CA LEU A 85 -5.29 -1.39 -8.31
C LEU A 85 -4.72 -1.09 -9.70
N GLN A 86 -3.40 -1.02 -9.78
CA GLN A 86 -2.74 -0.74 -11.05
C GLN A 86 -3.24 -1.67 -12.15
N ALA A 87 -3.36 -2.95 -11.83
CA ALA A 87 -3.84 -3.94 -12.78
C ALA A 87 -5.16 -3.51 -13.41
N GLU A 88 -5.97 -2.80 -12.64
CA GLU A 88 -7.27 -2.33 -13.11
C GLU A 88 -7.12 -0.99 -13.83
N GLN A 89 -6.89 0.07 -13.07
CA GLN A 89 -6.74 1.40 -13.63
C GLN A 89 -5.96 1.35 -14.94
N GLU A 90 -5.01 0.42 -15.02
CA GLU A 90 -4.19 0.27 -16.22
C GLU A 90 -4.95 -0.49 -17.31
N ASP A 91 -5.55 -1.61 -16.93
CA ASP A 91 -6.31 -2.43 -17.86
C ASP A 91 -7.20 -1.55 -18.76
N ARG A 92 -7.86 -0.58 -18.14
CA ARG A 92 -8.74 0.32 -18.88
C ARG A 92 -7.93 1.30 -19.74
N ALA A 93 -6.81 1.77 -19.19
CA ALA A 93 -5.95 2.70 -19.90
C ALA A 93 -5.46 2.10 -21.22
N LEU A 94 -5.01 0.85 -21.16
CA LEU A 94 -4.50 0.16 -22.34
C LEU A 94 -5.64 -0.19 -23.29
N ARG A 95 -6.73 -0.72 -22.73
CA ARG A 95 -7.89 -1.10 -23.53
C ARG A 95 -7.54 -2.23 -24.50
N SER A 96 -6.80 -3.22 -24.01
CA SER A 96 -6.39 -4.35 -24.83
C SER A 96 -7.46 -5.45 -24.81
N PHE A 97 -8.73 -5.03 -24.90
CA PHE A 97 -9.84 -5.97 -24.89
C PHE A 97 -10.22 -6.39 -26.31
N LYS A 98 -10.34 -7.69 -26.53
CA LYS A 98 -10.70 -8.22 -27.84
C LYS A 98 -11.93 -9.12 -27.75
N SER A 99 -12.71 -9.16 -28.81
CA SER A 99 -13.92 -9.98 -28.85
C SER A 99 -13.69 -11.30 -28.12
N GLY A 100 -12.69 -12.05 -28.56
CA GLY A 100 -12.39 -13.32 -27.92
C GLY A 100 -11.30 -14.09 -28.66
N PRO A 101 -10.73 -15.10 -27.98
CA PRO A 101 -9.67 -15.93 -28.55
C PRO A 101 -10.17 -16.82 -29.68
N SER A 102 -11.33 -17.44 -29.47
CA SER A 102 -11.91 -18.33 -30.47
C SER A 102 -13.42 -18.08 -30.60
N SER A 103 -13.91 -18.20 -31.83
CA SER A 103 -15.33 -17.99 -32.08
C SER A 103 -16.02 -19.30 -32.45
N GLY A 104 -16.54 -19.99 -31.45
CA GLY A 104 -17.22 -21.25 -31.68
C GLY A 104 -17.62 -21.94 -30.40
N GLY A 1 16.86 -26.94 5.68
CA GLY A 1 17.27 -28.33 5.71
C GLY A 1 16.71 -29.06 6.91
N SER A 2 17.36 -28.89 8.07
CA SER A 2 16.93 -29.55 9.29
C SER A 2 16.43 -28.53 10.31
N SER A 3 15.66 -27.55 9.83
CA SER A 3 15.12 -26.50 10.70
C SER A 3 13.90 -25.85 10.06
N GLY A 4 12.77 -25.96 10.74
CA GLY A 4 11.53 -25.38 10.22
C GLY A 4 11.35 -23.94 10.67
N SER A 5 12.37 -23.12 10.45
CA SER A 5 12.31 -21.71 10.84
C SER A 5 13.24 -20.87 9.97
N SER A 6 12.81 -19.65 9.65
CA SER A 6 13.60 -18.75 8.83
C SER A 6 13.69 -17.37 9.46
N GLY A 7 14.78 -16.66 9.17
CA GLY A 7 14.98 -15.35 9.73
C GLY A 7 15.39 -14.33 8.68
N LYS A 8 14.66 -13.21 8.61
CA LYS A 8 14.95 -12.17 7.65
C LYS A 8 15.14 -10.82 8.35
N GLU A 9 14.12 -10.40 9.10
CA GLU A 9 14.18 -9.14 9.82
C GLU A 9 13.82 -9.33 11.29
N ALA A 10 14.16 -8.35 12.11
CA ALA A 10 13.86 -8.41 13.54
C ALA A 10 14.06 -7.05 14.20
N LEU A 11 12.99 -6.50 14.77
CA LEU A 11 13.04 -5.20 15.43
C LEU A 11 11.96 -5.09 16.50
N GLU A 12 12.32 -4.50 17.63
CA GLU A 12 11.39 -4.33 18.73
C GLU A 12 11.68 -3.04 19.50
N ALA A 13 10.63 -2.28 19.79
CA ALA A 13 10.78 -1.03 20.51
C ALA A 13 9.41 -0.41 20.81
N LEU A 14 9.14 -0.18 22.09
CA LEU A 14 7.87 0.41 22.51
C LEU A 14 7.39 1.45 21.52
N VAL A 15 8.32 2.31 21.07
CA VAL A 15 7.99 3.35 20.10
C VAL A 15 7.94 2.79 18.68
N PRO A 16 6.95 3.24 17.91
CA PRO A 16 6.77 2.80 16.52
C PRO A 16 7.86 3.33 15.60
N VAL A 17 7.80 2.94 14.33
CA VAL A 17 8.78 3.38 13.35
C VAL A 17 8.12 3.67 12.00
N THR A 18 8.80 4.46 11.17
CA THR A 18 8.27 4.82 9.87
C THR A 18 9.00 4.06 8.76
N ILE A 19 8.23 3.49 7.84
CA ILE A 19 8.79 2.73 6.73
C ILE A 19 8.53 3.43 5.40
N GLU A 20 9.01 2.82 4.31
CA GLU A 20 8.83 3.38 2.98
C GLU A 20 8.14 2.38 2.06
N VAL A 21 7.03 2.80 1.47
CA VAL A 21 6.28 1.95 0.56
C VAL A 21 6.28 2.51 -0.86
N GLU A 22 6.50 1.64 -1.84
CA GLU A 22 6.52 2.06 -3.24
C GLU A 22 5.10 2.14 -3.81
N VAL A 23 4.55 3.35 -3.83
CA VAL A 23 3.20 3.56 -4.34
C VAL A 23 3.17 4.76 -5.29
N PRO A 24 2.66 4.53 -6.50
CA PRO A 24 2.54 5.57 -7.53
C PRO A 24 1.49 6.61 -7.18
N PHE A 25 1.85 7.88 -7.34
CA PHE A 25 0.94 8.98 -7.05
C PHE A 25 -0.37 8.82 -7.81
N ASP A 26 -0.30 8.22 -8.98
CA ASP A 26 -1.48 8.00 -9.80
C ASP A 26 -2.52 7.17 -9.05
N LEU A 27 -2.09 6.49 -7.99
CA LEU A 27 -2.98 5.66 -7.20
C LEU A 27 -3.42 6.40 -5.93
N HIS A 28 -2.53 7.24 -5.40
CA HIS A 28 -2.83 8.01 -4.20
C HIS A 28 -4.27 8.52 -4.23
N ARG A 29 -4.56 9.38 -5.20
CA ARG A 29 -5.91 9.94 -5.33
C ARG A 29 -6.97 8.88 -5.06
N TYR A 30 -6.68 7.64 -5.44
CA TYR A 30 -7.61 6.54 -5.24
C TYR A 30 -7.47 5.96 -3.83
N VAL A 31 -6.23 5.87 -3.35
CA VAL A 31 -5.96 5.34 -2.02
C VAL A 31 -6.57 6.23 -0.95
N ILE A 32 -6.22 7.51 -0.98
CA ILE A 32 -6.73 8.46 0.00
C ILE A 32 -8.26 8.44 0.04
N GLY A 33 -8.88 8.59 -1.12
CA GLY A 33 -10.33 8.59 -1.20
C GLY A 33 -10.92 9.98 -1.19
N GLN A 34 -12.24 10.07 -1.08
CA GLN A 34 -12.92 11.36 -1.07
C GLN A 34 -12.73 12.06 0.27
N LYS A 35 -13.14 11.39 1.35
CA LYS A 35 -13.03 11.95 2.69
C LYS A 35 -12.02 11.15 3.51
N GLY A 36 -10.84 10.93 2.95
CA GLY A 36 -9.81 10.18 3.64
C GLY A 36 -10.36 8.97 4.36
N SER A 37 -11.16 8.17 3.65
CA SER A 37 -11.76 6.98 4.22
C SER A 37 -10.95 5.74 3.85
N GLY A 38 -10.82 5.49 2.55
CA GLY A 38 -10.07 4.34 2.08
C GLY A 38 -8.88 4.02 2.96
N ILE A 39 -8.15 5.06 3.36
CA ILE A 39 -6.97 4.89 4.20
C ILE A 39 -7.38 4.71 5.67
N ARG A 40 -8.31 5.54 6.12
CA ARG A 40 -8.79 5.48 7.50
C ARG A 40 -9.03 4.03 7.93
N LYS A 41 -9.67 3.25 7.04
CA LYS A 41 -9.96 1.86 7.32
C LYS A 41 -8.73 1.13 7.85
N MET A 42 -7.61 1.31 7.16
CA MET A 42 -6.36 0.67 7.56
C MET A 42 -5.86 1.25 8.88
N MET A 43 -5.58 2.54 8.88
CA MET A 43 -5.08 3.22 10.07
C MET A 43 -5.90 2.83 11.29
N ASP A 44 -7.20 2.62 11.09
CA ASP A 44 -8.09 2.24 12.17
C ASP A 44 -8.06 0.73 12.40
N GLU A 45 -7.88 -0.02 11.31
CA GLU A 45 -7.84 -1.48 11.40
C GLU A 45 -6.51 -1.94 11.98
N PHE A 46 -5.42 -1.66 11.27
CA PHE A 46 -4.09 -2.05 11.71
C PHE A 46 -3.61 -1.15 12.85
N GLU A 47 -4.36 -0.09 13.11
CA GLU A 47 -4.01 0.86 14.17
C GLU A 47 -2.65 1.51 13.88
N VAL A 48 -2.48 1.97 12.65
CA VAL A 48 -1.24 2.62 12.25
C VAL A 48 -1.51 4.00 11.66
N ASN A 49 -0.44 4.65 11.18
CA ASN A 49 -0.57 5.98 10.59
C ASN A 49 0.15 6.04 9.25
N ILE A 50 -0.61 6.27 8.19
CA ILE A 50 -0.04 6.36 6.85
C ILE A 50 0.01 7.80 6.36
N HIS A 51 1.18 8.22 5.87
CA HIS A 51 1.36 9.57 5.38
C HIS A 51 1.72 9.57 3.90
N VAL A 52 0.96 10.32 3.10
CA VAL A 52 1.19 10.41 1.67
C VAL A 52 1.79 11.75 1.30
N PRO A 53 2.77 11.73 0.38
CA PRO A 53 3.44 12.95 -0.10
C PRO A 53 2.54 13.82 -0.96
N ALA A 54 2.52 15.11 -0.66
CA ALA A 54 1.69 16.06 -1.40
C ALA A 54 1.99 15.99 -2.89
N PRO A 55 1.13 16.64 -3.70
CA PRO A 55 1.28 16.67 -5.16
C PRO A 55 2.47 17.51 -5.60
N GLU A 56 2.83 18.50 -4.78
CA GLU A 56 3.96 19.37 -5.08
C GLU A 56 5.28 18.63 -4.98
N LEU A 57 5.36 17.72 -4.01
CA LEU A 57 6.57 16.92 -3.80
C LEU A 57 6.81 15.97 -4.97
N GLN A 58 5.74 15.64 -5.68
CA GLN A 58 5.83 14.74 -6.82
C GLN A 58 6.61 13.48 -6.45
N SER A 59 6.21 12.84 -5.35
CA SER A 59 6.87 11.63 -4.90
C SER A 59 5.93 10.43 -4.97
N ASP A 60 6.50 9.25 -5.11
CA ASP A 60 5.71 8.02 -5.18
C ASP A 60 6.04 7.08 -4.04
N ILE A 61 6.57 7.65 -2.95
CA ILE A 61 6.93 6.85 -1.79
C ILE A 61 6.08 7.23 -0.58
N ILE A 62 5.30 6.27 -0.08
CA ILE A 62 4.44 6.51 1.06
C ILE A 62 5.12 6.08 2.36
N ALA A 63 5.02 6.93 3.39
CA ALA A 63 5.62 6.63 4.68
C ALA A 63 4.58 6.12 5.67
N ILE A 64 4.81 4.92 6.19
CA ILE A 64 3.88 4.33 7.16
C ILE A 64 4.53 4.20 8.53
N THR A 65 3.90 4.79 9.54
CA THR A 65 4.41 4.74 10.90
C THR A 65 3.68 3.67 11.72
N GLY A 66 4.43 2.99 12.58
CA GLY A 66 3.84 1.96 13.41
C GLY A 66 4.86 0.95 13.90
N LEU A 67 4.44 0.06 14.80
CA LEU A 67 5.33 -0.96 15.34
C LEU A 67 5.72 -1.97 14.27
N ALA A 68 6.98 -2.39 14.30
CA ALA A 68 7.49 -3.35 13.33
C ALA A 68 6.43 -4.41 12.99
N ALA A 69 5.71 -4.87 14.01
CA ALA A 69 4.67 -5.87 13.82
C ALA A 69 3.55 -5.32 12.95
N ASN A 70 2.98 -4.18 13.36
CA ASN A 70 1.89 -3.56 12.62
C ASN A 70 2.33 -3.20 11.20
N LEU A 71 3.43 -2.48 11.10
CA LEU A 71 3.96 -2.06 9.81
C LEU A 71 3.89 -3.20 8.80
N ASP A 72 4.26 -4.40 9.23
CA ASP A 72 4.23 -5.57 8.38
C ASP A 72 2.82 -5.82 7.85
N ARG A 73 1.86 -5.95 8.76
CA ARG A 73 0.47 -6.20 8.40
C ARG A 73 -0.05 -5.09 7.48
N ALA A 74 0.05 -3.85 7.96
CA ALA A 74 -0.41 -2.70 7.19
C ALA A 74 0.25 -2.65 5.81
N LYS A 75 1.58 -2.51 5.80
CA LYS A 75 2.34 -2.46 4.56
C LYS A 75 1.85 -3.53 3.58
N ALA A 76 1.61 -4.72 4.10
CA ALA A 76 1.14 -5.83 3.28
C ALA A 76 -0.13 -5.45 2.52
N GLY A 77 -1.05 -4.80 3.21
CA GLY A 77 -2.30 -4.39 2.59
C GLY A 77 -2.08 -3.44 1.43
N LEU A 78 -1.33 -2.37 1.68
CA LEU A 78 -1.06 -1.37 0.64
C LEU A 78 -0.39 -2.02 -0.57
N LEU A 79 0.73 -2.68 -0.33
CA LEU A 79 1.48 -3.34 -1.40
C LEU A 79 0.53 -4.10 -2.33
N GLU A 80 -0.30 -4.96 -1.74
CA GLU A 80 -1.26 -5.74 -2.52
C GLU A 80 -2.24 -4.83 -3.26
N ARG A 81 -2.71 -3.79 -2.56
CA ARG A 81 -3.65 -2.85 -3.14
C ARG A 81 -3.07 -2.22 -4.41
N VAL A 82 -1.79 -1.86 -4.35
CA VAL A 82 -1.12 -1.25 -5.49
C VAL A 82 -1.00 -2.22 -6.66
N LYS A 83 -0.70 -3.48 -6.33
CA LYS A 83 -0.56 -4.51 -7.35
C LYS A 83 -1.91 -4.84 -7.99
N GLU A 84 -2.94 -4.93 -7.16
CA GLU A 84 -4.28 -5.23 -7.64
C GLU A 84 -4.86 -4.05 -8.41
N LEU A 85 -4.88 -2.88 -7.77
CA LEU A 85 -5.41 -1.68 -8.39
C LEU A 85 -4.86 -1.50 -9.81
N GLN A 86 -3.54 -1.40 -9.90
CA GLN A 86 -2.88 -1.23 -11.20
C GLN A 86 -3.36 -2.28 -12.19
N ALA A 87 -3.46 -3.52 -11.73
CA ALA A 87 -3.91 -4.62 -12.59
C ALA A 87 -5.21 -4.27 -13.28
N GLU A 88 -6.03 -3.45 -12.64
CA GLU A 88 -7.31 -3.04 -13.19
C GLU A 88 -7.17 -1.74 -14.00
N GLN A 89 -6.96 -0.64 -13.28
CA GLN A 89 -6.80 0.66 -13.92
C GLN A 89 -5.88 0.57 -15.12
N GLU A 90 -5.01 -0.43 -15.13
CA GLU A 90 -4.07 -0.62 -16.22
C GLU A 90 -4.68 -1.50 -17.32
N ASP A 91 -5.43 -2.52 -16.90
CA ASP A 91 -6.07 -3.43 -17.84
C ASP A 91 -6.69 -2.65 -19.01
N ARG A 92 -7.54 -1.69 -18.69
CA ARG A 92 -8.20 -0.89 -19.72
C ARG A 92 -7.17 -0.20 -20.62
N ALA A 93 -6.02 0.12 -20.03
CA ALA A 93 -4.95 0.77 -20.78
C ALA A 93 -4.24 -0.21 -21.71
N LEU A 94 -3.93 -1.40 -21.19
CA LEU A 94 -3.25 -2.42 -21.97
C LEU A 94 -3.93 -2.60 -23.33
N ARG A 95 -5.22 -2.28 -23.39
CA ARG A 95 -5.98 -2.41 -24.63
C ARG A 95 -5.41 -1.50 -25.71
N SER A 96 -5.35 -2.01 -26.93
CA SER A 96 -4.82 -1.24 -28.06
C SER A 96 -3.58 -0.47 -27.65
N PHE A 97 -2.74 -1.09 -26.83
CA PHE A 97 -1.51 -0.46 -26.37
C PHE A 97 -0.35 -1.45 -26.38
N LYS A 98 0.76 -1.03 -26.97
CA LYS A 98 1.95 -1.88 -27.05
C LYS A 98 2.47 -2.23 -25.66
N SER A 99 2.73 -3.51 -25.44
CA SER A 99 3.23 -3.97 -24.14
C SER A 99 4.76 -3.94 -24.11
N GLY A 100 5.38 -4.63 -25.06
CA GLY A 100 6.83 -4.67 -25.12
C GLY A 100 7.36 -6.05 -25.46
N PRO A 101 8.48 -6.08 -26.20
CA PRO A 101 9.11 -7.35 -26.61
C PRO A 101 9.74 -8.09 -25.43
N SER A 102 9.58 -7.54 -24.24
CA SER A 102 10.14 -8.15 -23.03
C SER A 102 10.10 -9.68 -23.13
N SER A 103 8.91 -10.22 -23.34
CA SER A 103 8.74 -11.67 -23.44
C SER A 103 8.72 -12.10 -24.91
N GLY A 104 7.92 -11.41 -25.71
CA GLY A 104 7.83 -11.75 -27.13
C GLY A 104 6.41 -11.74 -27.64
N GLY A 1 18.19 -30.86 -2.13
CA GLY A 1 17.88 -29.67 -1.37
C GLY A 1 18.48 -29.68 0.02
N SER A 2 19.65 -29.08 0.15
CA SER A 2 20.34 -29.03 1.44
C SER A 2 20.31 -27.63 2.02
N SER A 3 19.25 -27.32 2.75
CA SER A 3 19.09 -26.01 3.38
C SER A 3 18.11 -26.07 4.54
N GLY A 4 18.61 -25.80 5.74
CA GLY A 4 17.76 -25.82 6.92
C GLY A 4 17.32 -24.45 7.34
N SER A 5 16.00 -24.24 7.42
CA SER A 5 15.44 -22.96 7.81
C SER A 5 15.43 -22.81 9.33
N SER A 6 16.43 -22.11 9.85
CA SER A 6 16.53 -21.90 11.30
C SER A 6 17.01 -20.48 11.60
N GLY A 7 16.14 -19.68 12.21
CA GLY A 7 16.49 -18.32 12.55
C GLY A 7 15.75 -17.81 13.76
N LYS A 8 16.42 -16.99 14.57
CA LYS A 8 15.82 -16.44 15.77
C LYS A 8 15.81 -14.92 15.73
N GLU A 9 14.84 -14.31 16.41
CA GLU A 9 14.71 -12.86 16.43
C GLU A 9 13.97 -12.41 17.69
N ALA A 10 14.52 -11.40 18.37
CA ALA A 10 13.92 -10.87 19.58
C ALA A 10 14.15 -9.37 19.70
N LEU A 11 13.08 -8.60 19.52
CA LEU A 11 13.16 -7.14 19.61
C LEU A 11 11.87 -6.55 20.16
N GLU A 12 12.00 -5.63 21.11
CA GLU A 12 10.85 -4.99 21.72
C GLU A 12 10.98 -3.47 21.68
N ALA A 13 10.04 -2.82 20.99
CA ALA A 13 10.06 -1.37 20.88
C ALA A 13 8.66 -0.79 21.03
N LEU A 14 8.46 0.02 22.06
CA LEU A 14 7.16 0.63 22.32
C LEU A 14 6.84 1.70 21.27
N VAL A 15 7.80 2.58 21.03
CA VAL A 15 7.63 3.65 20.04
C VAL A 15 7.66 3.08 18.62
N PRO A 16 6.73 3.56 17.78
CA PRO A 16 6.63 3.13 16.38
C PRO A 16 7.81 3.64 15.54
N VAL A 17 7.74 3.37 14.24
CA VAL A 17 8.78 3.81 13.32
C VAL A 17 8.21 4.14 11.95
N THR A 18 8.91 5.00 11.21
CA THR A 18 8.47 5.42 9.88
C THR A 18 9.07 4.51 8.81
N ILE A 19 8.21 3.90 8.00
CA ILE A 19 8.65 3.02 6.93
C ILE A 19 8.36 3.63 5.57
N GLU A 20 8.93 3.02 4.52
CA GLU A 20 8.73 3.50 3.16
C GLU A 20 8.04 2.44 2.31
N VAL A 21 6.93 2.83 1.67
CA VAL A 21 6.18 1.92 0.82
C VAL A 21 6.22 2.36 -0.64
N GLU A 22 6.41 1.40 -1.54
CA GLU A 22 6.46 1.70 -2.97
C GLU A 22 5.07 1.82 -3.55
N VAL A 23 4.67 3.06 -3.87
CA VAL A 23 3.35 3.31 -4.44
C VAL A 23 3.36 4.57 -5.30
N PRO A 24 2.89 4.43 -6.55
CA PRO A 24 2.83 5.55 -7.49
C PRO A 24 1.79 6.59 -7.11
N PHE A 25 2.16 7.87 -7.23
CA PHE A 25 1.26 8.96 -6.90
C PHE A 25 -0.03 8.88 -7.71
N ASP A 26 0.02 8.14 -8.81
CA ASP A 26 -1.13 7.98 -9.68
C ASP A 26 -2.24 7.19 -8.99
N LEU A 27 -1.87 6.52 -7.89
CA LEU A 27 -2.83 5.72 -7.12
C LEU A 27 -3.28 6.45 -5.87
N HIS A 28 -2.38 7.26 -5.31
CA HIS A 28 -2.68 8.03 -4.10
C HIS A 28 -4.10 8.59 -4.16
N ARG A 29 -4.38 9.37 -5.19
CA ARG A 29 -5.70 9.97 -5.36
C ARG A 29 -6.80 8.95 -5.07
N TYR A 30 -6.57 7.71 -5.47
CA TYR A 30 -7.54 6.64 -5.26
C TYR A 30 -7.41 6.05 -3.85
N VAL A 31 -6.18 6.02 -3.34
CA VAL A 31 -5.92 5.48 -2.01
C VAL A 31 -6.53 6.38 -0.94
N ILE A 32 -6.14 7.64 -0.94
CA ILE A 32 -6.65 8.61 0.04
C ILE A 32 -8.17 8.63 0.04
N GLY A 33 -8.75 9.00 -1.10
CA GLY A 33 -10.20 9.06 -1.22
C GLY A 33 -10.72 10.48 -1.23
N GLN A 34 -12.04 10.63 -1.31
CA GLN A 34 -12.66 11.94 -1.33
C GLN A 34 -12.66 12.57 0.06
N LYS A 35 -12.80 11.73 1.08
CA LYS A 35 -12.80 12.20 2.47
C LYS A 35 -11.83 11.39 3.32
N GLY A 36 -10.64 11.15 2.78
CA GLY A 36 -9.64 10.39 3.50
C GLY A 36 -10.24 9.27 4.33
N SER A 37 -11.18 8.54 3.74
CA SER A 37 -11.83 7.44 4.42
C SER A 37 -11.22 6.10 4.02
N GLY A 38 -11.06 5.91 2.70
CA GLY A 38 -10.48 4.68 2.21
C GLY A 38 -9.25 4.25 2.99
N ILE A 39 -8.39 5.22 3.31
CA ILE A 39 -7.18 4.93 4.07
C ILE A 39 -7.49 4.65 5.53
N ARG A 40 -8.33 5.51 6.13
CA ARG A 40 -8.71 5.34 7.52
C ARG A 40 -9.00 3.88 7.85
N LYS A 41 -9.72 3.22 6.96
CA LYS A 41 -10.08 1.82 7.14
C LYS A 41 -8.89 1.02 7.64
N MET A 42 -7.75 1.16 6.96
CA MET A 42 -6.53 0.45 7.34
C MET A 42 -6.01 0.96 8.68
N MET A 43 -5.68 2.24 8.75
CA MET A 43 -5.17 2.84 9.98
C MET A 43 -5.92 2.30 11.20
N ASP A 44 -7.18 1.96 11.00
CA ASP A 44 -8.01 1.43 12.08
C ASP A 44 -7.88 -0.09 12.17
N GLU A 45 -7.72 -0.74 11.02
CA GLU A 45 -7.59 -2.19 10.97
C GLU A 45 -6.24 -2.63 11.57
N PHE A 46 -5.17 -1.99 11.12
CA PHE A 46 -3.83 -2.32 11.60
C PHE A 46 -3.44 -1.42 12.78
N GLU A 47 -4.28 -0.42 13.05
CA GLU A 47 -4.01 0.51 14.15
C GLU A 47 -2.71 1.27 13.92
N VAL A 48 -2.53 1.77 12.69
CA VAL A 48 -1.33 2.51 12.34
C VAL A 48 -1.69 3.86 11.74
N ASN A 49 -0.67 4.60 11.31
CA ASN A 49 -0.87 5.92 10.71
C ASN A 49 -0.12 6.03 9.38
N ILE A 50 -0.88 6.14 8.30
CA ILE A 50 -0.30 6.25 6.97
C ILE A 50 -0.18 7.72 6.54
N HIS A 51 0.97 8.09 6.00
CA HIS A 51 1.21 9.45 5.56
C HIS A 51 1.57 9.49 4.07
N VAL A 52 0.88 10.34 3.32
CA VAL A 52 1.13 10.47 1.89
C VAL A 52 1.79 11.80 1.57
N PRO A 53 2.79 11.76 0.66
CA PRO A 53 3.53 12.95 0.25
C PRO A 53 2.68 13.89 -0.59
N ALA A 54 2.83 15.19 -0.35
CA ALA A 54 2.08 16.20 -1.09
C ALA A 54 2.22 16.01 -2.59
N PRO A 55 1.34 16.66 -3.36
CA PRO A 55 1.35 16.58 -4.83
C PRO A 55 2.57 17.27 -5.44
N GLU A 56 3.04 18.33 -4.78
CA GLU A 56 4.19 19.07 -5.26
C GLU A 56 5.44 18.20 -5.26
N LEU A 57 5.54 17.31 -4.27
CA LEU A 57 6.68 16.42 -4.16
C LEU A 57 6.61 15.30 -5.18
N GLN A 58 5.41 15.03 -5.68
CA GLN A 58 5.20 13.98 -6.67
C GLN A 58 6.09 12.78 -6.38
N SER A 59 6.03 12.28 -5.16
CA SER A 59 6.84 11.14 -4.75
C SER A 59 6.03 9.85 -4.83
N ASP A 60 6.70 8.74 -5.13
CA ASP A 60 6.05 7.45 -5.24
C ASP A 60 6.36 6.58 -4.02
N ILE A 61 6.78 7.22 -2.94
CA ILE A 61 7.12 6.50 -1.71
C ILE A 61 6.28 7.01 -0.54
N ILE A 62 5.33 6.19 -0.11
CA ILE A 62 4.46 6.55 1.01
C ILE A 62 5.11 6.20 2.34
N ALA A 63 4.96 7.09 3.31
CA ALA A 63 5.53 6.88 4.64
C ALA A 63 4.47 6.41 5.63
N ILE A 64 4.71 5.25 6.24
CA ILE A 64 3.77 4.69 7.21
C ILE A 64 4.40 4.59 8.58
N THR A 65 3.70 5.10 9.59
CA THR A 65 4.19 5.06 10.96
C THR A 65 3.49 3.98 11.77
N GLY A 66 4.25 3.27 12.59
CA GLY A 66 3.69 2.21 13.40
C GLY A 66 4.74 1.25 13.92
N LEU A 67 4.31 0.27 14.70
CA LEU A 67 5.23 -0.73 15.27
C LEU A 67 5.74 -1.66 14.18
N ALA A 68 7.04 -1.94 14.21
CA ALA A 68 7.65 -2.82 13.24
C ALA A 68 6.73 -3.97 12.88
N ALA A 69 5.93 -4.40 13.84
CA ALA A 69 4.99 -5.50 13.63
C ALA A 69 3.80 -5.06 12.78
N ASN A 70 3.17 -3.96 13.19
CA ASN A 70 2.03 -3.42 12.46
C ASN A 70 2.42 -2.98 11.06
N LEU A 71 3.56 -2.29 10.96
CA LEU A 71 4.05 -1.81 9.68
C LEU A 71 4.10 -2.94 8.66
N ASP A 72 4.51 -4.12 9.10
CA ASP A 72 4.60 -5.28 8.23
C ASP A 72 3.23 -5.64 7.67
N ARG A 73 2.25 -5.78 8.55
CA ARG A 73 0.89 -6.13 8.15
C ARG A 73 0.29 -5.04 7.26
N ALA A 74 0.27 -3.81 7.78
CA ALA A 74 -0.27 -2.68 7.05
C ALA A 74 0.39 -2.55 5.68
N LYS A 75 1.72 -2.48 5.66
CA LYS A 75 2.46 -2.36 4.43
C LYS A 75 2.05 -3.45 3.43
N ALA A 76 1.85 -4.66 3.93
CA ALA A 76 1.46 -5.78 3.10
C ALA A 76 0.13 -5.50 2.40
N GLY A 77 -0.80 -4.91 3.14
CA GLY A 77 -2.11 -4.60 2.57
C GLY A 77 -2.03 -3.62 1.42
N LEU A 78 -1.30 -2.53 1.63
CA LEU A 78 -1.15 -1.50 0.60
C LEU A 78 -0.49 -2.08 -0.64
N LEU A 79 0.61 -2.79 -0.44
CA LEU A 79 1.34 -3.40 -1.55
C LEU A 79 0.40 -4.20 -2.45
N GLU A 80 -0.42 -5.06 -1.84
CA GLU A 80 -1.36 -5.88 -2.58
C GLU A 80 -2.44 -5.01 -3.22
N ARG A 81 -2.83 -3.95 -2.54
CA ARG A 81 -3.85 -3.04 -3.05
C ARG A 81 -3.35 -2.29 -4.27
N VAL A 82 -2.04 -2.00 -4.30
CA VAL A 82 -1.44 -1.29 -5.42
C VAL A 82 -1.31 -2.20 -6.64
N LYS A 83 -1.03 -3.47 -6.41
CA LYS A 83 -0.88 -4.44 -7.48
C LYS A 83 -2.24 -4.78 -8.10
N GLU A 84 -3.27 -4.80 -7.27
CA GLU A 84 -4.63 -5.10 -7.73
C GLU A 84 -5.30 -3.85 -8.29
N LEU A 85 -4.89 -2.69 -7.80
CA LEU A 85 -5.46 -1.43 -8.24
C LEU A 85 -5.04 -1.12 -9.68
N GLN A 86 -3.73 -1.06 -9.91
CA GLN A 86 -3.21 -0.77 -11.24
C GLN A 86 -3.63 -1.86 -12.23
N ALA A 87 -3.52 -3.12 -11.82
CA ALA A 87 -3.88 -4.23 -12.68
C ALA A 87 -5.26 -4.01 -13.32
N GLU A 88 -6.10 -3.25 -12.63
CA GLU A 88 -7.44 -2.95 -13.13
C GLU A 88 -7.42 -1.77 -14.10
N GLN A 89 -7.22 -0.57 -13.56
CA GLN A 89 -7.18 0.64 -14.38
C GLN A 89 -6.29 0.43 -15.60
N GLU A 90 -5.37 -0.51 -15.51
CA GLU A 90 -4.46 -0.80 -16.61
C GLU A 90 -5.02 -1.90 -17.50
N ASP A 91 -5.75 -2.83 -16.90
CA ASP A 91 -6.35 -3.93 -17.65
C ASP A 91 -6.97 -3.43 -18.94
N ARG A 92 -7.58 -2.24 -18.88
CA ARG A 92 -8.22 -1.65 -20.05
C ARG A 92 -7.19 -1.29 -21.12
N ALA A 93 -6.25 -0.42 -20.75
CA ALA A 93 -5.20 0.00 -21.67
C ALA A 93 -4.47 -1.20 -22.27
N LEU A 94 -4.52 -2.32 -21.57
CA LEU A 94 -3.87 -3.54 -22.02
C LEU A 94 -4.67 -4.21 -23.13
N ARG A 95 -5.96 -4.41 -22.88
CA ARG A 95 -6.84 -5.05 -23.85
C ARG A 95 -7.00 -4.17 -25.09
N SER A 96 -6.85 -2.85 -24.90
CA SER A 96 -6.98 -1.91 -26.01
C SER A 96 -5.61 -1.54 -26.56
N PHE A 97 -5.32 -2.00 -27.77
CA PHE A 97 -4.04 -1.72 -28.42
C PHE A 97 -4.23 -1.50 -29.91
N LYS A 98 -3.18 -1.05 -30.58
CA LYS A 98 -3.22 -0.80 -32.02
C LYS A 98 -3.75 -2.03 -32.77
N SER A 99 -4.58 -1.79 -33.77
CA SER A 99 -5.14 -2.87 -34.57
C SER A 99 -4.10 -3.95 -34.83
N GLY A 100 -4.39 -5.17 -34.41
CA GLY A 100 -3.46 -6.28 -34.62
C GLY A 100 -4.01 -7.32 -35.58
N PRO A 101 -3.85 -7.06 -36.89
CA PRO A 101 -4.33 -7.97 -37.93
C PRO A 101 -3.52 -9.26 -38.00
N SER A 102 -2.55 -9.38 -37.09
CA SER A 102 -1.70 -10.57 -37.04
C SER A 102 -2.51 -11.80 -36.66
N SER A 103 -1.89 -12.97 -36.75
CA SER A 103 -2.55 -14.23 -36.41
C SER A 103 -2.84 -14.31 -34.91
N GLY A 104 -3.96 -14.92 -34.58
CA GLY A 104 -4.34 -15.06 -33.18
C GLY A 104 -5.60 -14.29 -32.84
N GLY A 1 3.53 -12.44 2.27
CA GLY A 1 4.76 -11.67 2.35
C GLY A 1 5.43 -11.78 3.71
N SER A 2 6.39 -12.68 3.82
CA SER A 2 7.10 -12.88 5.07
C SER A 2 7.51 -11.54 5.69
N SER A 3 7.57 -11.51 7.02
CA SER A 3 7.93 -10.28 7.73
C SER A 3 9.42 -10.00 7.58
N GLY A 4 9.76 -8.74 7.32
CA GLY A 4 11.14 -8.36 7.15
C GLY A 4 11.86 -8.22 8.48
N SER A 5 12.92 -9.01 8.66
CA SER A 5 13.69 -8.98 9.90
C SER A 5 14.93 -9.86 9.77
N SER A 6 16.11 -9.26 9.93
CA SER A 6 17.37 -9.99 9.85
C SER A 6 17.54 -10.92 11.03
N GLY A 7 17.36 -10.38 12.24
CA GLY A 7 17.50 -11.19 13.45
C GLY A 7 17.36 -10.37 14.70
N LYS A 8 16.33 -9.52 14.75
CA LYS A 8 16.10 -8.67 15.92
C LYS A 8 15.96 -9.51 17.18
N GLU A 9 16.99 -9.47 18.02
CA GLU A 9 16.98 -10.23 19.27
C GLU A 9 17.77 -9.48 20.35
N ALA A 10 17.34 -9.67 21.60
CA ALA A 10 18.00 -9.02 22.73
C ALA A 10 17.67 -7.53 22.77
N LEU A 11 16.55 -7.15 22.19
CA LEU A 11 16.12 -5.76 22.16
C LEU A 11 14.61 -5.65 22.19
N GLU A 12 14.11 -4.65 22.91
CA GLU A 12 12.67 -4.43 23.01
C GLU A 12 12.34 -2.94 23.06
N ALA A 13 11.40 -2.52 22.22
CA ALA A 13 10.99 -1.12 22.16
C ALA A 13 9.47 -0.99 22.22
N LEU A 14 9.01 0.24 22.43
CA LEU A 14 7.57 0.50 22.52
C LEU A 14 7.14 1.54 21.48
N VAL A 15 8.03 2.48 21.19
CA VAL A 15 7.74 3.52 20.21
C VAL A 15 7.72 2.95 18.80
N PRO A 16 6.76 3.39 17.98
CA PRO A 16 6.61 2.94 16.60
C PRO A 16 7.73 3.45 15.70
N VAL A 17 7.69 3.07 14.43
CA VAL A 17 8.71 3.49 13.46
C VAL A 17 8.10 3.73 12.09
N THR A 18 8.73 4.59 11.31
CA THR A 18 8.24 4.91 9.97
C THR A 18 8.94 4.05 8.92
N ILE A 19 8.22 3.74 7.85
CA ILE A 19 8.77 2.93 6.77
C ILE A 19 8.52 3.58 5.42
N GLU A 20 8.93 2.88 4.35
CA GLU A 20 8.75 3.39 3.00
C GLU A 20 8.11 2.33 2.11
N VAL A 21 6.98 2.67 1.51
CA VAL A 21 6.27 1.75 0.62
C VAL A 21 6.17 2.32 -0.79
N GLU A 22 6.53 1.50 -1.78
CA GLU A 22 6.47 1.91 -3.17
C GLU A 22 5.03 2.01 -3.66
N VAL A 23 4.58 3.24 -3.91
CA VAL A 23 3.22 3.47 -4.38
C VAL A 23 3.16 4.68 -5.31
N PRO A 24 2.65 4.46 -6.53
CA PRO A 24 2.52 5.51 -7.54
C PRO A 24 1.47 6.55 -7.17
N PHE A 25 1.83 7.83 -7.29
CA PHE A 25 0.92 8.91 -6.97
C PHE A 25 -0.40 8.76 -7.73
N ASP A 26 -0.32 8.18 -8.92
CA ASP A 26 -1.51 7.98 -9.75
C ASP A 26 -2.58 7.21 -8.99
N LEU A 27 -2.17 6.53 -7.93
CA LEU A 27 -3.09 5.75 -7.11
C LEU A 27 -3.52 6.55 -5.88
N HIS A 28 -2.61 7.35 -5.34
CA HIS A 28 -2.90 8.17 -4.17
C HIS A 28 -4.34 8.65 -4.19
N ARG A 29 -4.71 9.38 -5.23
CA ARG A 29 -6.06 9.90 -5.37
C ARG A 29 -7.09 8.86 -4.98
N TYR A 30 -6.88 7.62 -5.44
CA TYR A 30 -7.80 6.53 -5.14
C TYR A 30 -7.60 6.03 -3.71
N VAL A 31 -6.33 5.94 -3.30
CA VAL A 31 -6.00 5.46 -1.96
C VAL A 31 -6.63 6.36 -0.89
N ILE A 32 -6.22 7.63 -0.88
CA ILE A 32 -6.75 8.57 0.09
C ILE A 32 -8.28 8.54 0.13
N GLY A 33 -8.89 8.48 -1.05
CA GLY A 33 -10.34 8.44 -1.12
C GLY A 33 -10.97 9.81 -1.04
N GLN A 34 -12.29 9.85 -1.04
CA GLN A 34 -13.02 11.12 -0.97
C GLN A 34 -12.54 11.95 0.22
N LYS A 35 -12.71 11.41 1.43
CA LYS A 35 -12.29 12.10 2.64
C LYS A 35 -11.47 11.17 3.53
N GLY A 36 -10.19 11.01 3.20
CA GLY A 36 -9.32 10.16 3.98
C GLY A 36 -10.05 8.95 4.55
N SER A 37 -10.87 8.31 3.72
CA SER A 37 -11.63 7.15 4.14
C SER A 37 -10.91 5.85 3.78
N GLY A 38 -10.66 5.67 2.47
CA GLY A 38 -9.98 4.48 2.01
C GLY A 38 -8.80 4.12 2.88
N ILE A 39 -8.04 5.13 3.29
CA ILE A 39 -6.87 4.91 4.13
C ILE A 39 -7.26 4.70 5.59
N ARG A 40 -8.24 5.49 6.05
CA ARG A 40 -8.71 5.39 7.43
C ARG A 40 -8.98 3.93 7.80
N LYS A 41 -9.66 3.21 6.92
CA LYS A 41 -9.98 1.81 7.16
C LYS A 41 -8.75 1.03 7.63
N MET A 42 -7.67 1.15 6.86
CA MET A 42 -6.43 0.47 7.19
C MET A 42 -5.88 0.95 8.53
N MET A 43 -5.52 2.23 8.58
CA MET A 43 -4.99 2.82 9.81
C MET A 43 -5.75 2.33 11.03
N ASP A 44 -7.07 2.36 10.95
CA ASP A 44 -7.92 1.90 12.06
C ASP A 44 -7.79 0.40 12.26
N GLU A 45 -7.53 -0.32 11.17
CA GLU A 45 -7.39 -1.77 11.23
C GLU A 45 -6.03 -2.16 11.82
N PHE A 46 -4.96 -1.78 11.13
CA PHE A 46 -3.61 -2.09 11.58
C PHE A 46 -3.17 -1.11 12.67
N GLU A 47 -4.08 -0.23 13.07
CA GLU A 47 -3.78 0.75 14.10
C GLU A 47 -2.46 1.47 13.81
N VAL A 48 -2.33 1.96 12.58
CA VAL A 48 -1.12 2.67 12.17
C VAL A 48 -1.45 4.02 11.56
N ASN A 49 -0.41 4.75 11.14
CA ASN A 49 -0.60 6.06 10.54
C ASN A 49 0.07 6.13 9.17
N ILE A 50 -0.71 6.45 8.15
CA ILE A 50 -0.19 6.55 6.79
C ILE A 50 -0.07 8.01 6.36
N HIS A 51 1.10 8.36 5.82
CA HIS A 51 1.35 9.73 5.37
C HIS A 51 1.72 9.74 3.90
N VAL A 52 0.91 10.41 3.08
CA VAL A 52 1.16 10.50 1.65
C VAL A 52 1.76 11.85 1.28
N PRO A 53 2.77 11.83 0.40
CA PRO A 53 3.45 13.05 -0.06
C PRO A 53 2.57 13.92 -0.94
N ALA A 54 2.56 15.21 -0.67
CA ALA A 54 1.76 16.15 -1.46
C ALA A 54 2.09 16.05 -2.94
N PRO A 55 1.22 16.65 -3.78
CA PRO A 55 1.39 16.64 -5.23
C PRO A 55 2.57 17.50 -5.68
N GLU A 56 2.89 18.51 -4.89
CA GLU A 56 4.01 19.40 -5.21
C GLU A 56 5.35 18.70 -5.00
N LEU A 57 5.31 17.55 -4.34
CA LEU A 57 6.52 16.78 -4.07
C LEU A 57 6.77 15.76 -5.19
N GLN A 58 5.70 15.40 -5.90
CA GLN A 58 5.81 14.43 -6.98
C GLN A 58 6.59 13.20 -6.55
N SER A 59 6.19 12.62 -5.41
CA SER A 59 6.85 11.44 -4.87
C SER A 59 5.95 10.22 -4.99
N ASP A 60 6.56 9.05 -5.11
CA ASP A 60 5.81 7.80 -5.22
C ASP A 60 6.11 6.88 -4.04
N ILE A 61 6.62 7.45 -2.96
CA ILE A 61 6.95 6.69 -1.77
C ILE A 61 6.11 7.13 -0.58
N ILE A 62 5.29 6.24 -0.07
CA ILE A 62 4.44 6.53 1.08
C ILE A 62 5.11 6.14 2.39
N ALA A 63 5.01 7.01 3.39
CA ALA A 63 5.62 6.76 4.68
C ALA A 63 4.57 6.26 5.69
N ILE A 64 4.78 5.05 6.19
CA ILE A 64 3.86 4.45 7.15
C ILE A 64 4.50 4.33 8.52
N THR A 65 3.85 4.91 9.53
CA THR A 65 4.36 4.87 10.90
C THR A 65 3.62 3.83 11.73
N GLY A 66 4.36 3.09 12.54
CA GLY A 66 3.76 2.08 13.37
C GLY A 66 4.76 1.05 13.85
N LEU A 67 4.35 0.21 14.81
CA LEU A 67 5.22 -0.82 15.35
C LEU A 67 5.64 -1.81 14.28
N ALA A 68 6.90 -2.21 14.30
CA ALA A 68 7.42 -3.17 13.32
C ALA A 68 6.38 -4.22 12.97
N ALA A 69 5.63 -4.66 13.98
CA ALA A 69 4.60 -5.67 13.78
C ALA A 69 3.45 -5.12 12.93
N ASN A 70 2.97 -3.93 13.29
CA ASN A 70 1.87 -3.30 12.58
C ASN A 70 2.30 -2.93 11.16
N LEU A 71 3.49 -2.33 11.03
CA LEU A 71 4.00 -1.93 9.73
C LEU A 71 3.92 -3.08 8.73
N ASP A 72 4.15 -4.29 9.21
CA ASP A 72 4.10 -5.48 8.36
C ASP A 72 2.68 -5.73 7.88
N ARG A 73 1.79 -6.03 8.80
CA ARG A 73 0.39 -6.30 8.47
C ARG A 73 -0.18 -5.19 7.59
N ALA A 74 0.12 -3.94 7.96
CA ALA A 74 -0.36 -2.78 7.21
C ALA A 74 0.26 -2.74 5.82
N LYS A 75 1.59 -2.69 5.77
CA LYS A 75 2.31 -2.64 4.50
C LYS A 75 1.86 -3.77 3.58
N ALA A 76 1.55 -4.92 4.17
CA ALA A 76 1.11 -6.07 3.40
C ALA A 76 -0.18 -5.77 2.64
N GLY A 77 -1.07 -5.02 3.29
CA GLY A 77 -2.34 -4.68 2.66
C GLY A 77 -2.16 -3.71 1.51
N LEU A 78 -1.34 -2.68 1.72
CA LEU A 78 -1.10 -1.68 0.69
C LEU A 78 -0.46 -2.31 -0.54
N LEU A 79 0.71 -2.91 -0.36
CA LEU A 79 1.43 -3.55 -1.46
C LEU A 79 0.45 -4.26 -2.39
N GLU A 80 -0.44 -5.06 -1.81
CA GLU A 80 -1.43 -5.80 -2.58
C GLU A 80 -2.43 -4.86 -3.25
N ARG A 81 -2.82 -3.81 -2.51
CA ARG A 81 -3.77 -2.84 -3.03
C ARG A 81 -3.22 -2.16 -4.28
N VAL A 82 -1.93 -1.86 -4.27
CA VAL A 82 -1.28 -1.21 -5.40
C VAL A 82 -1.17 -2.16 -6.59
N LYS A 83 -0.56 -3.32 -6.35
CA LYS A 83 -0.39 -4.32 -7.41
C LYS A 83 -1.72 -4.67 -8.05
N GLU A 84 -2.76 -4.76 -7.23
CA GLU A 84 -4.09 -5.10 -7.72
C GLU A 84 -4.74 -3.88 -8.40
N LEU A 85 -4.65 -2.73 -7.75
CA LEU A 85 -5.23 -1.50 -8.29
C LEU A 85 -4.70 -1.22 -9.68
N GLN A 86 -3.38 -1.10 -9.81
CA GLN A 86 -2.76 -0.83 -11.10
C GLN A 86 -3.23 -1.83 -12.15
N ALA A 87 -3.24 -3.11 -11.78
CA ALA A 87 -3.67 -4.16 -12.69
C ALA A 87 -5.06 -3.87 -13.25
N GLU A 88 -5.86 -3.16 -12.47
CA GLU A 88 -7.22 -2.81 -12.89
C GLU A 88 -7.24 -1.49 -13.64
N GLN A 89 -7.05 -0.40 -12.90
CA GLN A 89 -7.04 0.94 -13.50
C GLN A 89 -6.32 0.92 -14.84
N GLU A 90 -5.39 -0.01 -15.00
CA GLU A 90 -4.63 -0.12 -16.24
C GLU A 90 -5.40 -0.92 -17.29
N ASP A 91 -5.97 -2.04 -16.86
CA ASP A 91 -6.74 -2.90 -17.76
C ASP A 91 -7.50 -2.05 -18.78
N ARG A 92 -8.04 -0.93 -18.33
CA ARG A 92 -8.80 -0.03 -19.21
C ARG A 92 -7.92 0.48 -20.35
N ALA A 93 -6.87 1.20 -19.99
CA ALA A 93 -5.94 1.76 -20.97
C ALA A 93 -5.48 0.68 -21.96
N LEU A 94 -4.95 -0.42 -21.43
CA LEU A 94 -4.48 -1.51 -22.26
C LEU A 94 -5.43 -1.77 -23.42
N ARG A 95 -6.73 -1.70 -23.14
CA ARG A 95 -7.75 -1.91 -24.16
C ARG A 95 -8.06 -0.63 -24.90
N SER A 96 -7.46 -0.46 -26.08
CA SER A 96 -7.67 0.74 -26.89
C SER A 96 -8.05 0.36 -28.32
N PHE A 97 -8.97 1.11 -28.90
CA PHE A 97 -9.44 0.87 -30.26
C PHE A 97 -8.27 0.45 -31.15
N LYS A 98 -8.27 -0.82 -31.55
CA LYS A 98 -7.21 -1.36 -32.41
C LYS A 98 -7.57 -1.20 -33.88
N SER A 99 -6.57 -0.87 -34.70
CA SER A 99 -6.79 -0.68 -36.13
C SER A 99 -7.59 -1.84 -36.71
N GLY A 100 -8.91 -1.69 -36.74
CA GLY A 100 -9.77 -2.73 -37.28
C GLY A 100 -9.42 -4.10 -36.76
N PRO A 101 -9.98 -4.46 -35.60
CA PRO A 101 -9.72 -5.76 -34.96
C PRO A 101 -10.35 -6.91 -35.73
N SER A 102 -9.52 -7.65 -36.47
CA SER A 102 -9.99 -8.78 -37.26
C SER A 102 -10.81 -9.74 -36.40
N SER A 103 -11.96 -10.15 -36.91
CA SER A 103 -12.84 -11.06 -36.20
C SER A 103 -12.04 -12.20 -35.56
N GLY A 104 -12.55 -12.72 -34.45
CA GLY A 104 -11.87 -13.80 -33.77
C GLY A 104 -12.06 -15.13 -34.45
N GLY A 1 21.61 -27.20 -4.81
CA GLY A 1 22.30 -25.92 -4.73
C GLY A 1 22.24 -25.32 -3.34
N SER A 2 21.26 -24.45 -3.11
CA SER A 2 21.10 -23.80 -1.82
C SER A 2 19.63 -23.57 -1.50
N SER A 3 19.14 -24.27 -0.48
CA SER A 3 17.74 -24.15 -0.07
C SER A 3 17.43 -22.74 0.40
N GLY A 4 18.36 -22.16 1.15
CA GLY A 4 18.17 -20.81 1.66
C GLY A 4 16.82 -20.62 2.33
N SER A 5 16.71 -21.09 3.56
CA SER A 5 15.46 -20.98 4.31
C SER A 5 15.67 -20.24 5.63
N SER A 6 15.47 -18.93 5.61
CA SER A 6 15.64 -18.11 6.80
C SER A 6 14.34 -17.40 7.17
N GLY A 7 13.79 -17.76 8.33
CA GLY A 7 12.54 -17.14 8.77
C GLY A 7 12.60 -16.73 10.24
N LYS A 8 13.53 -15.86 10.56
CA LYS A 8 13.69 -15.39 11.94
C LYS A 8 13.33 -13.91 12.05
N GLU A 9 12.90 -13.50 13.24
CA GLU A 9 12.52 -12.11 13.48
C GLU A 9 12.30 -11.85 14.97
N ALA A 10 13.23 -11.11 15.57
CA ALA A 10 13.15 -10.80 16.99
C ALA A 10 13.45 -9.32 17.23
N LEU A 11 12.40 -8.53 17.44
CA LEU A 11 12.55 -7.10 17.70
C LEU A 11 11.36 -6.55 18.47
N GLU A 12 11.65 -5.76 19.50
CA GLU A 12 10.60 -5.17 20.33
C GLU A 12 10.92 -3.72 20.66
N ALA A 13 10.01 -2.82 20.31
CA ALA A 13 10.19 -1.39 20.58
C ALA A 13 8.87 -0.73 20.92
N LEU A 14 8.81 -0.08 22.08
CA LEU A 14 7.61 0.60 22.52
C LEU A 14 7.17 1.65 21.50
N VAL A 15 8.12 2.47 21.07
CA VAL A 15 7.83 3.52 20.09
C VAL A 15 7.84 2.96 18.67
N PRO A 16 6.88 3.42 17.86
CA PRO A 16 6.75 2.98 16.46
C PRO A 16 7.88 3.50 15.59
N VAL A 17 7.81 3.20 14.29
CA VAL A 17 8.82 3.65 13.35
C VAL A 17 8.21 3.95 11.98
N THR A 18 8.87 4.81 11.21
CA THR A 18 8.39 5.18 9.89
C THR A 18 9.00 4.28 8.81
N ILE A 19 8.16 3.80 7.90
CA ILE A 19 8.61 2.94 6.82
C ILE A 19 8.36 3.57 5.46
N GLU A 20 8.92 2.97 4.41
CA GLU A 20 8.75 3.48 3.06
C GLU A 20 8.12 2.43 2.16
N VAL A 21 6.99 2.77 1.55
CA VAL A 21 6.29 1.85 0.66
C VAL A 21 6.24 2.39 -0.76
N GLU A 22 6.67 1.57 -1.71
CA GLU A 22 6.69 1.96 -3.12
C GLU A 22 5.27 2.02 -3.68
N VAL A 23 4.83 3.23 -4.04
CA VAL A 23 3.50 3.43 -4.59
C VAL A 23 3.43 4.71 -5.42
N PRO A 24 2.98 4.57 -6.67
CA PRO A 24 2.85 5.70 -7.60
C PRO A 24 1.74 6.66 -7.20
N PHE A 25 2.02 7.95 -7.29
CA PHE A 25 1.04 8.98 -6.94
C PHE A 25 -0.23 8.81 -7.75
N ASP A 26 -0.12 8.15 -8.90
CA ASP A 26 -1.26 7.93 -9.78
C ASP A 26 -2.35 7.15 -9.06
N LEU A 27 -1.97 6.44 -8.00
CA LEU A 27 -2.92 5.66 -7.22
C LEU A 27 -3.32 6.38 -5.94
N HIS A 28 -2.40 7.20 -5.43
CA HIS A 28 -2.66 7.96 -4.21
C HIS A 28 -4.09 8.48 -4.19
N ARG A 29 -4.45 9.25 -5.20
CA ARG A 29 -5.80 9.82 -5.29
C ARG A 29 -6.86 8.75 -4.99
N TYR A 30 -6.59 7.53 -5.43
CA TYR A 30 -7.52 6.42 -5.22
C TYR A 30 -7.34 5.82 -3.83
N VAL A 31 -6.12 5.94 -3.29
CA VAL A 31 -5.82 5.41 -1.97
C VAL A 31 -6.43 6.28 -0.87
N ILE A 32 -6.12 7.57 -0.90
CA ILE A 32 -6.63 8.51 0.09
C ILE A 32 -8.15 8.63 -0.02
N GLY A 33 -8.66 8.61 -1.25
CA GLY A 33 -10.09 8.72 -1.45
C GLY A 33 -10.58 10.15 -1.39
N GLN A 34 -11.86 10.32 -1.09
CA GLN A 34 -12.45 11.65 -1.01
C GLN A 34 -12.36 12.21 0.42
N LYS A 35 -12.70 11.38 1.39
CA LYS A 35 -12.66 11.78 2.79
C LYS A 35 -11.74 10.85 3.59
N GLY A 36 -10.52 10.67 3.12
CA GLY A 36 -9.57 9.82 3.80
C GLY A 36 -10.24 8.62 4.45
N SER A 37 -11.19 8.02 3.75
CA SER A 37 -11.91 6.87 4.26
C SER A 37 -11.20 5.58 3.89
N GLY A 38 -10.87 5.44 2.61
CA GLY A 38 -10.19 4.24 2.14
C GLY A 38 -8.92 3.96 2.92
N ILE A 39 -8.27 5.01 3.40
CA ILE A 39 -7.04 4.87 4.17
C ILE A 39 -7.33 4.61 5.65
N ARG A 40 -8.43 5.19 6.13
CA ARG A 40 -8.82 5.02 7.53
C ARG A 40 -9.06 3.54 7.85
N LYS A 41 -9.86 2.89 7.02
CA LYS A 41 -10.16 1.48 7.21
C LYS A 41 -8.92 0.69 7.63
N MET A 42 -7.78 1.07 7.05
CA MET A 42 -6.51 0.41 7.36
C MET A 42 -5.92 0.96 8.66
N MET A 43 -5.99 2.28 8.83
CA MET A 43 -5.47 2.92 10.03
C MET A 43 -6.19 2.41 11.28
N ASP A 44 -7.45 2.05 11.12
CA ASP A 44 -8.25 1.56 12.23
C ASP A 44 -8.02 0.06 12.44
N GLU A 45 -7.65 -0.64 11.38
CA GLU A 45 -7.41 -2.07 11.45
C GLU A 45 -6.01 -2.36 12.00
N PHE A 46 -5.00 -1.78 11.36
CA PHE A 46 -3.62 -1.97 11.78
C PHE A 46 -3.25 -0.96 12.86
N GLU A 47 -4.20 -0.12 13.26
CA GLU A 47 -3.96 0.89 14.28
C GLU A 47 -2.71 1.69 13.97
N VAL A 48 -2.38 1.81 12.69
CA VAL A 48 -1.21 2.55 12.26
C VAL A 48 -1.59 3.89 11.64
N ASN A 49 -0.59 4.63 11.16
CA ASN A 49 -0.83 5.92 10.55
C ASN A 49 -0.11 6.03 9.21
N ILE A 50 -0.88 6.23 8.14
CA ILE A 50 -0.31 6.35 6.81
C ILE A 50 -0.22 7.81 6.37
N HIS A 51 0.94 8.19 5.84
CA HIS A 51 1.15 9.56 5.39
C HIS A 51 1.54 9.59 3.91
N VAL A 52 0.82 10.40 3.13
CA VAL A 52 1.09 10.52 1.71
C VAL A 52 1.81 11.82 1.39
N PRO A 53 2.81 11.75 0.50
CA PRO A 53 3.59 12.91 0.08
C PRO A 53 2.78 13.90 -0.75
N ALA A 54 2.93 15.18 -0.45
CA ALA A 54 2.21 16.23 -1.17
C ALA A 54 2.39 16.07 -2.68
N PRO A 55 1.40 16.56 -3.44
CA PRO A 55 1.42 16.50 -4.91
C PRO A 55 2.48 17.40 -5.52
N GLU A 56 3.04 18.29 -4.69
CA GLU A 56 4.06 19.21 -5.15
C GLU A 56 5.45 18.58 -5.03
N LEU A 57 5.52 17.41 -4.42
CA LEU A 57 6.78 16.71 -4.24
C LEU A 57 6.96 15.63 -5.31
N GLN A 58 5.86 15.19 -5.90
CA GLN A 58 5.89 14.17 -6.93
C GLN A 58 6.57 12.91 -6.42
N SER A 59 6.39 12.63 -5.14
CA SER A 59 7.00 11.44 -4.52
C SER A 59 6.14 10.21 -4.75
N ASP A 60 6.79 9.10 -5.10
CA ASP A 60 6.08 7.85 -5.35
C ASP A 60 6.29 6.86 -4.20
N ILE A 61 6.67 7.39 -3.04
CA ILE A 61 6.91 6.56 -1.87
C ILE A 61 6.08 7.04 -0.68
N ILE A 62 5.22 6.17 -0.17
CA ILE A 62 4.37 6.50 0.97
C ILE A 62 5.05 6.14 2.29
N ALA A 63 4.87 7.00 3.29
CA ALA A 63 5.47 6.77 4.60
C ALA A 63 4.42 6.30 5.59
N ILE A 64 4.66 5.14 6.21
CA ILE A 64 3.74 4.57 7.18
C ILE A 64 4.39 4.47 8.55
N THR A 65 3.70 4.98 9.58
CA THR A 65 4.21 4.94 10.94
C THR A 65 3.48 3.89 11.77
N GLY A 66 4.24 3.15 12.57
CA GLY A 66 3.65 2.13 13.41
C GLY A 66 4.67 1.13 13.92
N LEU A 67 4.25 0.24 14.80
CA LEU A 67 5.13 -0.77 15.36
C LEU A 67 5.59 -1.76 14.30
N ALA A 68 6.85 -2.15 14.35
CA ALA A 68 7.40 -3.10 13.39
C ALA A 68 6.36 -4.16 13.01
N ALA A 69 5.66 -4.67 14.01
CA ALA A 69 4.64 -5.69 13.78
C ALA A 69 3.51 -5.15 12.90
N ASN A 70 3.00 -3.98 13.25
CA ASN A 70 1.92 -3.36 12.49
C ASN A 70 2.39 -3.00 11.08
N LEU A 71 3.53 -2.32 11.00
CA LEU A 71 4.08 -1.92 9.71
C LEU A 71 4.10 -3.08 8.73
N ASP A 72 4.33 -4.28 9.25
CA ASP A 72 4.37 -5.48 8.42
C ASP A 72 2.99 -5.80 7.87
N ARG A 73 1.98 -5.72 8.74
CA ARG A 73 0.60 -6.01 8.35
C ARG A 73 0.07 -4.93 7.41
N ALA A 74 0.15 -3.68 7.84
CA ALA A 74 -0.32 -2.56 7.05
C ALA A 74 0.37 -2.53 5.68
N LYS A 75 1.70 -2.47 5.69
CA LYS A 75 2.47 -2.44 4.46
C LYS A 75 2.01 -3.53 3.50
N ALA A 76 1.86 -4.75 4.02
CA ALA A 76 1.43 -5.87 3.21
C ALA A 76 0.12 -5.56 2.48
N GLY A 77 -0.78 -4.85 3.17
CA GLY A 77 -2.05 -4.51 2.57
C GLY A 77 -1.91 -3.48 1.45
N LEU A 78 -1.29 -2.34 1.77
CA LEU A 78 -1.09 -1.29 0.79
C LEU A 78 -0.50 -1.84 -0.50
N LEU A 79 0.64 -2.52 -0.38
CA LEU A 79 1.30 -3.11 -1.54
C LEU A 79 0.31 -3.86 -2.42
N GLU A 80 -0.32 -4.88 -1.84
CA GLU A 80 -1.31 -5.68 -2.56
C GLU A 80 -2.39 -4.79 -3.18
N ARG A 81 -2.71 -3.71 -2.49
CA ARG A 81 -3.74 -2.78 -2.96
C ARG A 81 -3.30 -2.12 -4.27
N VAL A 82 -2.01 -1.81 -4.37
CA VAL A 82 -1.47 -1.18 -5.57
C VAL A 82 -1.48 -2.14 -6.75
N LYS A 83 -1.13 -3.40 -6.50
CA LYS A 83 -1.09 -4.42 -7.54
C LYS A 83 -2.49 -4.66 -8.09
N GLU A 84 -3.47 -4.76 -7.20
CA GLU A 84 -4.85 -5.00 -7.61
C GLU A 84 -5.47 -3.74 -8.22
N LEU A 85 -5.08 -2.58 -7.68
CA LEU A 85 -5.59 -1.30 -8.17
C LEU A 85 -5.06 -1.01 -9.57
N GLN A 86 -3.81 -1.37 -9.81
CA GLN A 86 -3.18 -1.14 -11.12
C GLN A 86 -3.68 -2.15 -12.14
N ALA A 87 -4.10 -3.32 -11.66
CA ALA A 87 -4.60 -4.37 -12.53
C ALA A 87 -6.07 -4.15 -12.87
N GLU A 88 -6.79 -3.51 -11.96
CA GLU A 88 -8.21 -3.24 -12.16
C GLU A 88 -8.41 -1.99 -13.02
N GLN A 89 -7.65 -0.94 -12.71
CA GLN A 89 -7.75 0.31 -13.45
C GLN A 89 -7.18 0.15 -14.86
N GLU A 90 -6.31 -0.83 -15.04
CA GLU A 90 -5.70 -1.09 -16.33
C GLU A 90 -6.52 -2.11 -17.13
N ASP A 91 -7.05 -3.10 -16.43
CA ASP A 91 -7.85 -4.13 -17.07
C ASP A 91 -8.73 -3.54 -18.17
N ARG A 92 -9.55 -2.57 -17.80
CA ARG A 92 -10.45 -1.93 -18.75
C ARG A 92 -9.68 -1.43 -19.97
N ALA A 93 -8.45 -0.97 -19.76
CA ALA A 93 -7.62 -0.48 -20.83
C ALA A 93 -7.08 -1.63 -21.69
N LEU A 94 -6.66 -2.70 -21.02
CA LEU A 94 -6.12 -3.86 -21.71
C LEU A 94 -7.14 -4.43 -22.69
N ARG A 95 -8.37 -4.61 -22.21
CA ARG A 95 -9.45 -5.15 -23.04
C ARG A 95 -8.95 -6.34 -23.87
N SER A 96 -8.39 -7.32 -23.19
CA SER A 96 -7.87 -8.51 -23.86
C SER A 96 -8.31 -9.79 -23.13
N PHE A 97 -9.52 -10.24 -23.45
CA PHE A 97 -10.06 -11.44 -22.83
C PHE A 97 -8.97 -12.49 -22.61
N LYS A 98 -9.02 -13.16 -21.46
CA LYS A 98 -8.04 -14.18 -21.14
C LYS A 98 -8.70 -15.55 -20.98
N SER A 99 -8.49 -16.41 -21.97
CA SER A 99 -9.08 -17.74 -21.95
C SER A 99 -8.14 -18.73 -21.25
N GLY A 100 -8.73 -19.63 -20.46
CA GLY A 100 -7.94 -20.61 -19.75
C GLY A 100 -8.36 -22.04 -20.06
N PRO A 101 -7.40 -22.97 -19.98
CA PRO A 101 -7.64 -24.39 -20.26
C PRO A 101 -8.53 -25.05 -19.21
N SER A 102 -9.30 -26.04 -19.61
CA SER A 102 -10.19 -26.75 -18.70
C SER A 102 -9.55 -28.06 -18.24
N SER A 103 -9.75 -28.40 -16.97
CA SER A 103 -9.20 -29.62 -16.40
C SER A 103 -10.27 -30.70 -16.29
N GLY A 104 -11.44 -30.31 -15.79
CA GLY A 104 -12.53 -31.26 -15.64
C GLY A 104 -13.10 -31.28 -14.23
N GLY A 1 5.02 -19.22 -7.11
CA GLY A 1 4.58 -18.21 -6.15
C GLY A 1 4.56 -18.74 -4.73
N SER A 2 5.32 -18.10 -3.85
CA SER A 2 5.39 -18.52 -2.46
C SER A 2 4.62 -17.55 -1.56
N SER A 3 3.78 -18.10 -0.70
CA SER A 3 2.96 -17.29 0.21
C SER A 3 3.50 -17.38 1.64
N GLY A 4 3.42 -16.27 2.36
CA GLY A 4 3.90 -16.25 3.73
C GLY A 4 5.37 -15.91 3.84
N SER A 5 5.67 -14.75 4.41
CA SER A 5 7.05 -14.30 4.56
C SER A 5 7.48 -14.35 6.03
N SER A 6 8.78 -14.25 6.25
CA SER A 6 9.33 -14.28 7.60
C SER A 6 9.32 -12.89 8.23
N GLY A 7 9.72 -12.82 9.49
CA GLY A 7 9.74 -11.54 10.19
C GLY A 7 10.22 -11.67 11.62
N LYS A 8 11.38 -11.09 11.92
CA LYS A 8 11.95 -11.15 13.26
C LYS A 8 12.77 -9.90 13.55
N GLU A 9 13.03 -9.65 14.83
CA GLU A 9 13.82 -8.50 15.24
C GLU A 9 14.24 -8.62 16.70
N ALA A 10 15.54 -8.44 16.95
CA ALA A 10 16.07 -8.53 18.30
C ALA A 10 15.93 -7.20 19.04
N LEU A 11 15.01 -6.37 18.57
CA LEU A 11 14.78 -5.07 19.18
C LEU A 11 13.32 -4.93 19.64
N GLU A 12 13.14 -4.59 20.92
CA GLU A 12 11.81 -4.43 21.48
C GLU A 12 11.59 -3.01 21.98
N ALA A 13 10.66 -2.29 21.36
CA ALA A 13 10.36 -0.93 21.75
C ALA A 13 8.86 -0.66 21.72
N LEU A 14 8.43 0.37 22.43
CA LEU A 14 7.02 0.73 22.50
C LEU A 14 6.67 1.74 21.40
N VAL A 15 7.59 2.67 21.15
CA VAL A 15 7.37 3.69 20.13
C VAL A 15 7.46 3.10 18.73
N PRO A 16 6.52 3.50 17.86
CA PRO A 16 6.47 3.02 16.47
C PRO A 16 7.62 3.56 15.63
N VAL A 17 7.64 3.18 14.35
CA VAL A 17 8.68 3.63 13.44
C VAL A 17 8.12 3.92 12.05
N THR A 18 8.75 4.86 11.35
CA THR A 18 8.30 5.22 10.01
C THR A 18 9.00 4.38 8.95
N ILE A 19 8.23 3.89 8.00
CA ILE A 19 8.78 3.07 6.92
C ILE A 19 8.53 3.71 5.56
N GLU A 20 8.89 2.99 4.50
CA GLU A 20 8.71 3.50 3.14
C GLU A 20 8.07 2.44 2.25
N VAL A 21 7.06 2.85 1.48
CA VAL A 21 6.36 1.93 0.59
C VAL A 21 6.33 2.47 -0.84
N GLU A 22 6.57 1.57 -1.79
CA GLU A 22 6.57 1.96 -3.20
C GLU A 22 5.15 2.04 -3.76
N VAL A 23 4.71 3.25 -4.09
CA VAL A 23 3.38 3.46 -4.62
C VAL A 23 3.34 4.69 -5.53
N PRO A 24 2.75 4.52 -6.71
CA PRO A 24 2.62 5.61 -7.70
C PRO A 24 1.65 6.68 -7.26
N PHE A 25 2.07 7.94 -7.37
CA PHE A 25 1.23 9.06 -6.97
C PHE A 25 -0.09 9.05 -7.75
N ASP A 26 -0.14 8.24 -8.81
CA ASP A 26 -1.34 8.14 -9.63
C ASP A 26 -2.42 7.33 -8.92
N LEU A 27 -2.03 6.65 -7.84
CA LEU A 27 -2.96 5.83 -7.09
C LEU A 27 -3.38 6.54 -5.79
N HIS A 28 -2.52 7.42 -5.31
CA HIS A 28 -2.79 8.17 -4.08
C HIS A 28 -4.25 8.62 -4.04
N ARG A 29 -4.64 9.43 -5.01
CA ARG A 29 -6.01 9.94 -5.09
C ARG A 29 -7.02 8.81 -4.89
N TYR A 30 -6.65 7.61 -5.32
CA TYR A 30 -7.53 6.45 -5.18
C TYR A 30 -7.35 5.79 -3.82
N VAL A 31 -6.17 5.98 -3.23
CA VAL A 31 -5.88 5.40 -1.92
C VAL A 31 -6.52 6.21 -0.80
N ILE A 32 -6.29 7.51 -0.81
CA ILE A 32 -6.86 8.39 0.21
C ILE A 32 -8.38 8.34 0.20
N GLY A 33 -8.96 8.45 -1.00
CA GLY A 33 -10.41 8.40 -1.12
C GLY A 33 -11.01 9.79 -1.27
N GLN A 34 -12.33 9.88 -1.08
CA GLN A 34 -13.02 11.15 -1.18
C GLN A 34 -13.07 11.86 0.16
N LYS A 35 -13.32 11.11 1.22
CA LYS A 35 -13.39 11.66 2.57
C LYS A 35 -12.31 11.05 3.47
N GLY A 36 -11.08 11.02 2.97
CA GLY A 36 -9.99 10.47 3.74
C GLY A 36 -10.40 9.25 4.54
N SER A 37 -11.28 8.43 3.96
CA SER A 37 -11.75 7.23 4.62
C SER A 37 -10.96 6.01 4.18
N GLY A 38 -10.76 5.87 2.88
CA GLY A 38 -10.01 4.75 2.35
C GLY A 38 -8.86 4.35 3.24
N ILE A 39 -7.82 5.17 3.29
CA ILE A 39 -6.65 4.90 4.12
C ILE A 39 -7.05 4.72 5.57
N ARG A 40 -8.01 5.53 6.03
CA ARG A 40 -8.47 5.45 7.41
C ARG A 40 -8.79 4.02 7.81
N LYS A 41 -9.50 3.31 6.94
CA LYS A 41 -9.86 1.92 7.19
C LYS A 41 -8.65 1.11 7.65
N MET A 42 -7.53 1.32 6.98
CA MET A 42 -6.29 0.61 7.31
C MET A 42 -5.72 1.13 8.63
N MET A 43 -5.71 2.45 8.80
CA MET A 43 -5.19 3.06 10.02
C MET A 43 -5.94 2.56 11.25
N ASP A 44 -7.17 2.11 11.03
CA ASP A 44 -8.01 1.61 12.12
C ASP A 44 -7.90 0.09 12.24
N GLU A 45 -7.74 -0.57 11.09
CA GLU A 45 -7.62 -2.03 11.07
C GLU A 45 -6.21 -2.46 11.48
N PHE A 46 -5.21 -1.99 10.74
CA PHE A 46 -3.82 -2.32 11.03
C PHE A 46 -3.29 -1.52 12.21
N GLU A 47 -4.14 -0.63 12.74
CA GLU A 47 -3.75 0.20 13.88
C GLU A 47 -2.43 0.92 13.59
N VAL A 48 -2.38 1.61 12.47
CA VAL A 48 -1.18 2.35 12.09
C VAL A 48 -1.53 3.71 11.47
N ASN A 49 -0.51 4.49 11.17
CA ASN A 49 -0.71 5.81 10.58
C ASN A 49 0.00 5.93 9.23
N ILE A 50 -0.75 6.31 8.21
CA ILE A 50 -0.19 6.46 6.87
C ILE A 50 -0.06 7.93 6.49
N HIS A 51 1.08 8.28 5.89
CA HIS A 51 1.33 9.66 5.47
C HIS A 51 1.61 9.73 3.98
N VAL A 52 0.80 10.52 3.27
CA VAL A 52 0.96 10.68 1.83
C VAL A 52 1.56 12.03 1.49
N PRO A 53 2.61 12.02 0.65
CA PRO A 53 3.29 13.24 0.23
C PRO A 53 2.43 14.10 -0.70
N ALA A 54 2.66 15.41 -0.66
CA ALA A 54 1.90 16.33 -1.50
C ALA A 54 2.23 16.13 -2.97
N PRO A 55 1.40 16.71 -3.85
CA PRO A 55 1.57 16.60 -5.31
C PRO A 55 2.79 17.37 -5.80
N GLU A 56 3.11 18.46 -5.10
CA GLU A 56 4.26 19.28 -5.46
C GLU A 56 5.56 18.52 -5.31
N LEU A 57 5.53 17.46 -4.52
CA LEU A 57 6.71 16.63 -4.28
C LEU A 57 6.78 15.49 -5.28
N GLN A 58 5.66 15.23 -5.96
CA GLN A 58 5.60 14.16 -6.96
C GLN A 58 6.37 12.94 -6.48
N SER A 59 6.20 12.57 -5.22
CA SER A 59 6.89 11.43 -4.64
C SER A 59 6.05 10.16 -4.78
N ASP A 60 6.71 9.04 -5.03
CA ASP A 60 6.03 7.76 -5.18
C ASP A 60 6.35 6.83 -4.02
N ILE A 61 6.86 7.40 -2.93
CA ILE A 61 7.20 6.63 -1.74
C ILE A 61 6.41 7.11 -0.52
N ILE A 62 5.43 6.32 -0.10
CA ILE A 62 4.61 6.66 1.05
C ILE A 62 5.30 6.26 2.35
N ALA A 63 5.03 7.04 3.40
CA ALA A 63 5.63 6.77 4.70
C ALA A 63 4.57 6.31 5.70
N ILE A 64 4.81 5.14 6.30
CA ILE A 64 3.87 4.58 7.27
C ILE A 64 4.51 4.48 8.66
N THR A 65 3.81 5.01 9.66
CA THR A 65 4.32 4.98 11.03
C THR A 65 3.55 3.98 11.87
N GLY A 66 4.27 3.26 12.72
CA GLY A 66 3.65 2.26 13.57
C GLY A 66 4.63 1.21 14.06
N LEU A 67 4.14 0.30 14.90
CA LEU A 67 4.99 -0.77 15.44
C LEU A 67 5.40 -1.74 14.34
N ALA A 68 6.68 -2.10 14.34
CA ALA A 68 7.20 -3.04 13.35
C ALA A 68 6.19 -4.12 13.02
N ALA A 69 5.47 -4.58 14.03
CA ALA A 69 4.46 -5.61 13.85
C ALA A 69 3.31 -5.11 12.97
N ASN A 70 2.87 -3.89 13.24
CA ASN A 70 1.77 -3.29 12.48
C ASN A 70 2.25 -2.88 11.08
N LEU A 71 3.44 -2.32 11.02
CA LEU A 71 4.00 -1.88 9.75
C LEU A 71 4.05 -3.03 8.74
N ASP A 72 4.24 -4.24 9.25
CA ASP A 72 4.30 -5.43 8.39
C ASP A 72 2.93 -5.73 7.79
N ARG A 73 1.96 -6.00 8.66
CA ARG A 73 0.60 -6.31 8.21
C ARG A 73 0.02 -5.15 7.40
N ALA A 74 0.37 -3.93 7.80
CA ALA A 74 -0.12 -2.75 7.11
C ALA A 74 0.54 -2.59 5.74
N LYS A 75 1.86 -2.69 5.71
CA LYS A 75 2.60 -2.56 4.46
C LYS A 75 2.20 -3.66 3.47
N ALA A 76 2.06 -4.88 3.98
CA ALA A 76 1.68 -6.01 3.14
C ALA A 76 0.31 -5.78 2.51
N GLY A 77 -0.53 -5.01 3.18
CA GLY A 77 -1.86 -4.73 2.66
C GLY A 77 -1.83 -3.77 1.49
N LEU A 78 -1.14 -2.64 1.67
CA LEU A 78 -1.04 -1.62 0.63
C LEU A 78 -0.47 -2.21 -0.65
N LEU A 79 0.68 -2.87 -0.53
CA LEU A 79 1.33 -3.50 -1.67
C LEU A 79 0.34 -4.28 -2.52
N GLU A 80 -0.38 -5.20 -1.88
CA GLU A 80 -1.37 -6.01 -2.58
C GLU A 80 -2.47 -5.13 -3.17
N ARG A 81 -2.79 -4.05 -2.49
CA ARG A 81 -3.82 -3.13 -2.94
C ARG A 81 -3.37 -2.37 -4.19
N VAL A 82 -2.07 -2.08 -4.25
CA VAL A 82 -1.50 -1.36 -5.38
C VAL A 82 -1.50 -2.22 -6.64
N LYS A 83 -0.92 -3.41 -6.54
CA LYS A 83 -0.85 -4.33 -7.67
C LYS A 83 -2.25 -4.60 -8.23
N GLU A 84 -3.19 -4.85 -7.34
CA GLU A 84 -4.57 -5.12 -7.75
C GLU A 84 -5.20 -3.89 -8.39
N LEU A 85 -5.13 -2.77 -7.70
CA LEU A 85 -5.68 -1.52 -8.20
C LEU A 85 -5.24 -1.26 -9.64
N GLN A 86 -3.93 -1.21 -9.85
CA GLN A 86 -3.37 -0.96 -11.17
C GLN A 86 -3.81 -2.05 -12.15
N ALA A 87 -4.10 -3.24 -11.62
CA ALA A 87 -4.53 -4.36 -12.43
C ALA A 87 -5.99 -4.21 -12.86
N GLU A 88 -6.78 -3.57 -12.00
CA GLU A 88 -8.20 -3.37 -12.29
C GLU A 88 -8.39 -2.17 -13.23
N GLN A 89 -7.92 -1.01 -12.80
CA GLN A 89 -8.04 0.20 -13.60
C GLN A 89 -7.51 -0.02 -15.01
N GLU A 90 -6.49 -0.88 -15.13
CA GLU A 90 -5.89 -1.18 -16.43
C GLU A 90 -6.71 -2.21 -17.19
N ASP A 91 -7.10 -3.27 -16.49
CA ASP A 91 -7.90 -4.33 -17.10
C ASP A 91 -9.15 -3.75 -17.77
N ARG A 92 -9.89 -2.94 -17.03
CA ARG A 92 -11.10 -2.32 -17.56
C ARG A 92 -10.79 -1.45 -18.77
N ALA A 93 -9.59 -0.88 -18.79
CA ALA A 93 -9.17 -0.03 -19.91
C ALA A 93 -8.54 -0.86 -21.03
N LEU A 94 -8.07 -2.04 -20.67
CA LEU A 94 -7.44 -2.94 -21.65
C LEU A 94 -8.32 -3.12 -22.87
N ARG A 95 -9.63 -3.01 -22.67
CA ARG A 95 -10.59 -3.17 -23.75
C ARG A 95 -10.34 -4.47 -24.51
N SER A 96 -10.17 -5.55 -23.78
CA SER A 96 -9.92 -6.86 -24.38
C SER A 96 -11.23 -7.60 -24.66
N PHE A 97 -11.32 -8.20 -25.84
CA PHE A 97 -12.52 -8.93 -26.22
C PHE A 97 -12.72 -10.15 -25.33
N LYS A 98 -13.86 -10.82 -25.49
CA LYS A 98 -14.18 -12.00 -24.71
C LYS A 98 -14.36 -13.22 -25.60
N SER A 99 -14.27 -14.40 -25.00
CA SER A 99 -14.42 -15.66 -25.74
C SER A 99 -15.88 -15.88 -26.15
N GLY A 100 -16.76 -15.91 -25.14
CA GLY A 100 -18.18 -16.11 -25.42
C GLY A 100 -18.87 -16.87 -24.31
N PRO A 101 -20.21 -16.84 -24.31
CA PRO A 101 -21.02 -17.53 -23.30
C PRO A 101 -20.97 -19.04 -23.45
N SER A 102 -20.93 -19.52 -24.69
CA SER A 102 -20.88 -20.94 -24.96
C SER A 102 -19.78 -21.62 -24.15
N SER A 103 -20.18 -22.46 -23.21
CA SER A 103 -19.24 -23.16 -22.35
C SER A 103 -18.03 -22.28 -22.03
N GLY A 104 -18.29 -21.03 -21.66
CA GLY A 104 -17.22 -20.12 -21.35
C GLY A 104 -17.54 -19.23 -20.15
N GLY A 1 10.38 -9.71 -12.59
CA GLY A 1 11.45 -10.66 -12.37
C GLY A 1 10.99 -11.86 -11.55
N SER A 2 11.93 -12.76 -11.25
CA SER A 2 11.62 -13.96 -10.48
C SER A 2 12.54 -14.07 -9.27
N SER A 3 12.07 -13.58 -8.13
CA SER A 3 12.85 -13.63 -6.90
C SER A 3 11.95 -13.47 -5.68
N GLY A 4 12.53 -13.68 -4.49
CA GLY A 4 11.76 -13.57 -3.27
C GLY A 4 11.57 -14.91 -2.58
N SER A 5 11.78 -14.93 -1.26
CA SER A 5 11.64 -16.16 -0.49
C SER A 5 11.34 -15.84 0.97
N SER A 6 10.60 -16.73 1.62
CA SER A 6 10.24 -16.55 3.03
C SER A 6 11.48 -16.21 3.86
N GLY A 7 11.24 -15.59 5.01
CA GLY A 7 12.34 -15.21 5.89
C GLY A 7 11.96 -15.25 7.35
N LYS A 8 12.87 -14.81 8.21
CA LYS A 8 12.62 -14.80 9.65
C LYS A 8 12.78 -13.39 10.22
N GLU A 9 12.17 -13.15 11.37
CA GLU A 9 12.25 -11.84 12.02
C GLU A 9 11.71 -11.91 13.44
N ALA A 10 12.25 -11.04 14.31
CA ALA A 10 11.82 -11.01 15.71
C ALA A 10 12.39 -9.77 16.41
N LEU A 11 11.50 -8.89 16.83
CA LEU A 11 11.90 -7.67 17.52
C LEU A 11 10.75 -7.07 18.32
N GLU A 12 11.06 -6.54 19.49
CA GLU A 12 10.05 -5.94 20.35
C GLU A 12 10.46 -4.54 20.81
N ALA A 13 9.84 -3.52 20.24
CA ALA A 13 10.15 -2.15 20.59
C ALA A 13 8.90 -1.40 21.03
N LEU A 14 9.03 -0.60 22.08
CA LEU A 14 7.91 0.18 22.60
C LEU A 14 7.60 1.37 21.71
N VAL A 15 8.65 1.98 21.17
CA VAL A 15 8.50 3.14 20.29
C VAL A 15 8.34 2.70 18.84
N PRO A 16 7.33 3.28 18.15
CA PRO A 16 7.05 2.96 16.75
C PRO A 16 8.13 3.49 15.81
N VAL A 17 7.97 3.20 14.52
CA VAL A 17 8.93 3.64 13.52
C VAL A 17 8.24 3.94 12.19
N THR A 18 8.95 4.63 11.30
CA THR A 18 8.41 4.97 9.99
C THR A 18 9.02 4.10 8.90
N ILE A 19 8.19 3.68 7.96
CA ILE A 19 8.64 2.84 6.85
C ILE A 19 8.42 3.52 5.51
N GLU A 20 8.78 2.84 4.43
CA GLU A 20 8.61 3.39 3.09
C GLU A 20 7.97 2.36 2.16
N VAL A 21 6.91 2.78 1.47
CA VAL A 21 6.20 1.89 0.56
C VAL A 21 6.25 2.43 -0.87
N GLU A 22 6.52 1.54 -1.82
CA GLU A 22 6.60 1.94 -3.23
C GLU A 22 5.21 2.00 -3.85
N VAL A 23 4.68 3.22 -3.98
CA VAL A 23 3.36 3.43 -4.56
C VAL A 23 3.34 4.66 -5.44
N PRO A 24 2.76 4.52 -6.65
CA PRO A 24 2.66 5.61 -7.62
C PRO A 24 1.67 6.69 -7.17
N PHE A 25 2.04 7.95 -7.40
CA PHE A 25 1.20 9.07 -7.02
C PHE A 25 -0.16 8.99 -7.72
N ASP A 26 -0.18 8.37 -8.89
CA ASP A 26 -1.41 8.23 -9.66
C ASP A 26 -2.44 7.41 -8.89
N LEU A 27 -1.95 6.49 -8.06
CA LEU A 27 -2.84 5.64 -7.26
C LEU A 27 -3.21 6.32 -5.95
N HIS A 28 -2.37 7.25 -5.51
CA HIS A 28 -2.62 7.97 -4.27
C HIS A 28 -4.04 8.51 -4.23
N ARG A 29 -4.44 9.18 -5.31
CA ARG A 29 -5.79 9.75 -5.39
C ARG A 29 -6.85 8.67 -5.19
N TYR A 30 -6.49 7.42 -5.48
CA TYR A 30 -7.41 6.30 -5.33
C TYR A 30 -7.28 5.67 -3.95
N VAL A 31 -6.06 5.72 -3.40
CA VAL A 31 -5.80 5.16 -2.08
C VAL A 31 -6.42 6.02 -0.98
N ILE A 32 -6.12 7.31 -1.01
CA ILE A 32 -6.64 8.24 -0.02
C ILE A 32 -8.16 8.24 0.00
N GLY A 33 -8.76 8.47 -1.17
CA GLY A 33 -10.20 8.48 -1.27
C GLY A 33 -10.78 9.88 -1.24
N GLN A 34 -12.09 9.99 -1.37
CA GLN A 34 -12.76 11.29 -1.36
C GLN A 34 -12.68 11.92 0.03
N LYS A 35 -13.19 11.21 1.02
CA LYS A 35 -13.18 11.70 2.39
C LYS A 35 -12.23 10.88 3.27
N GLY A 36 -11.03 10.62 2.75
CA GLY A 36 -10.06 9.85 3.50
C GLY A 36 -10.68 8.66 4.19
N SER A 37 -11.59 7.97 3.50
CA SER A 37 -12.26 6.81 4.06
C SER A 37 -11.55 5.52 3.65
N GLY A 38 -10.88 5.57 2.51
CA GLY A 38 -10.16 4.40 2.02
C GLY A 38 -8.97 4.06 2.88
N ILE A 39 -8.20 5.06 3.27
CA ILE A 39 -7.02 4.86 4.09
C ILE A 39 -7.39 4.76 5.57
N ARG A 40 -8.37 5.56 5.98
CA ARG A 40 -8.82 5.58 7.37
C ARG A 40 -9.19 4.16 7.82
N LYS A 41 -9.78 3.39 6.91
CA LYS A 41 -10.19 2.03 7.23
C LYS A 41 -9.01 1.20 7.72
N MET A 42 -7.92 1.23 6.95
CA MET A 42 -6.71 0.48 7.30
C MET A 42 -6.11 1.02 8.60
N MET A 43 -5.76 2.30 8.60
CA MET A 43 -5.17 2.93 9.77
C MET A 43 -5.87 2.48 11.05
N ASP A 44 -7.15 2.13 10.92
CA ASP A 44 -7.93 1.68 12.07
C ASP A 44 -7.84 0.17 12.21
N GLU A 45 -7.70 -0.53 11.09
CA GLU A 45 -7.60 -1.99 11.11
C GLU A 45 -6.24 -2.44 11.63
N PHE A 46 -5.18 -1.84 11.10
CA PHE A 46 -3.82 -2.18 11.53
C PHE A 46 -3.39 -1.30 12.70
N GLU A 47 -4.12 -0.22 12.94
CA GLU A 47 -3.82 0.68 14.04
C GLU A 47 -2.48 1.39 13.79
N VAL A 48 -2.26 1.81 12.56
CA VAL A 48 -1.02 2.50 12.19
C VAL A 48 -1.32 3.87 11.60
N ASN A 49 -0.27 4.56 11.14
CA ASN A 49 -0.42 5.89 10.55
C ASN A 49 0.21 5.94 9.17
N ILE A 50 -0.59 6.30 8.18
CA ILE A 50 -0.11 6.39 6.80
C ILE A 50 -0.09 7.83 6.31
N HIS A 51 1.04 8.25 5.74
CA HIS A 51 1.19 9.61 5.23
C HIS A 51 1.57 9.60 3.76
N VAL A 52 0.83 10.36 2.96
CA VAL A 52 1.08 10.44 1.52
C VAL A 52 1.70 11.78 1.14
N PRO A 53 2.70 11.74 0.26
CA PRO A 53 3.39 12.95 -0.20
C PRO A 53 2.51 13.83 -1.08
N ALA A 54 2.51 15.13 -0.80
CA ALA A 54 1.71 16.08 -1.56
C ALA A 54 2.10 16.08 -3.03
N PRO A 55 1.28 16.72 -3.87
CA PRO A 55 1.52 16.81 -5.31
C PRO A 55 2.72 17.70 -5.65
N GLU A 56 3.01 18.65 -4.77
CA GLU A 56 4.13 19.56 -4.97
C GLU A 56 5.46 18.84 -4.76
N LEU A 57 5.40 17.67 -4.15
CA LEU A 57 6.60 16.89 -3.88
C LEU A 57 6.83 15.85 -4.99
N GLN A 58 5.75 15.43 -5.63
CA GLN A 58 5.83 14.46 -6.71
C GLN A 58 6.64 13.24 -6.28
N SER A 59 6.25 12.64 -5.16
CA SER A 59 6.93 11.47 -4.63
C SER A 59 6.06 10.23 -4.74
N ASP A 60 6.67 9.10 -5.09
CA ASP A 60 5.95 7.85 -5.23
C ASP A 60 6.24 6.92 -4.05
N ILE A 61 6.73 7.49 -2.96
CA ILE A 61 7.05 6.72 -1.77
C ILE A 61 6.21 7.17 -0.58
N ILE A 62 5.36 6.28 -0.08
CA ILE A 62 4.50 6.58 1.05
C ILE A 62 5.17 6.16 2.36
N ALA A 63 5.06 7.03 3.37
CA ALA A 63 5.65 6.74 4.67
C ALA A 63 4.58 6.28 5.67
N ILE A 64 4.86 5.17 6.35
CA ILE A 64 3.92 4.63 7.32
C ILE A 64 4.57 4.50 8.70
N THR A 65 3.95 5.10 9.71
CA THR A 65 4.47 5.04 11.07
C THR A 65 3.73 3.99 11.89
N GLY A 66 4.48 3.27 12.73
CA GLY A 66 3.89 2.25 13.56
C GLY A 66 4.89 1.19 13.99
N LEU A 67 4.47 0.32 14.89
CA LEU A 67 5.34 -0.75 15.39
C LEU A 67 5.75 -1.69 14.27
N ALA A 68 7.02 -2.08 14.24
CA ALA A 68 7.52 -2.98 13.22
C ALA A 68 6.52 -4.08 12.90
N ALA A 69 5.79 -4.52 13.91
CA ALA A 69 4.78 -5.56 13.74
C ALA A 69 3.60 -5.06 12.93
N ASN A 70 3.10 -3.89 13.29
CA ASN A 70 1.96 -3.29 12.60
C ASN A 70 2.35 -2.89 11.17
N LEU A 71 3.54 -2.32 11.03
CA LEU A 71 4.04 -1.89 9.73
C LEU A 71 3.99 -3.04 8.72
N ASP A 72 4.27 -4.24 9.19
CA ASP A 72 4.25 -5.42 8.33
C ASP A 72 2.84 -5.70 7.82
N ARG A 73 1.93 -5.96 8.75
CA ARG A 73 0.54 -6.26 8.39
C ARG A 73 -0.04 -5.14 7.53
N ALA A 74 0.17 -3.90 7.95
CA ALA A 74 -0.33 -2.75 7.22
C ALA A 74 0.28 -2.68 5.81
N LYS A 75 1.60 -2.57 5.75
CA LYS A 75 2.31 -2.50 4.48
C LYS A 75 1.82 -3.59 3.52
N ALA A 76 1.47 -4.74 4.09
CA ALA A 76 0.99 -5.86 3.29
C ALA A 76 -0.33 -5.52 2.59
N GLY A 77 -1.19 -4.79 3.29
CA GLY A 77 -2.46 -4.40 2.72
C GLY A 77 -2.31 -3.38 1.61
N LEU A 78 -1.38 -2.46 1.77
CA LEU A 78 -1.13 -1.42 0.76
C LEU A 78 -0.52 -2.02 -0.50
N LEU A 79 0.57 -2.77 -0.32
CA LEU A 79 1.25 -3.39 -1.45
C LEU A 79 0.27 -4.16 -2.33
N GLU A 80 -0.57 -4.98 -1.69
CA GLU A 80 -1.57 -5.76 -2.42
C GLU A 80 -2.59 -4.86 -3.08
N ARG A 81 -2.79 -3.67 -2.52
CA ARG A 81 -3.74 -2.71 -3.06
C ARG A 81 -3.20 -2.06 -4.32
N VAL A 82 -1.89 -1.82 -4.35
CA VAL A 82 -1.25 -1.19 -5.50
C VAL A 82 -1.16 -2.16 -6.68
N LYS A 83 -0.98 -3.44 -6.36
CA LYS A 83 -0.87 -4.47 -7.39
C LYS A 83 -2.25 -4.82 -7.95
N GLU A 84 -3.26 -4.79 -7.08
CA GLU A 84 -4.62 -5.10 -7.48
C GLU A 84 -5.28 -3.90 -8.16
N LEU A 85 -5.04 -2.72 -7.61
CA LEU A 85 -5.61 -1.49 -8.16
C LEU A 85 -5.11 -1.25 -9.58
N GLN A 86 -3.79 -1.19 -9.74
CA GLN A 86 -3.19 -0.98 -11.04
C GLN A 86 -3.68 -1.99 -12.06
N ALA A 87 -3.81 -3.25 -11.62
CA ALA A 87 -4.28 -4.31 -12.49
C ALA A 87 -5.63 -3.97 -13.10
N GLU A 88 -6.35 -3.05 -12.47
CA GLU A 88 -7.65 -2.63 -12.96
C GLU A 88 -7.53 -1.43 -13.90
N GLN A 89 -7.23 -0.27 -13.33
CA GLN A 89 -7.09 0.95 -14.12
C GLN A 89 -6.32 0.68 -15.41
N GLU A 90 -5.46 -0.33 -15.38
CA GLU A 90 -4.66 -0.69 -16.55
C GLU A 90 -5.45 -1.61 -17.48
N ASP A 91 -6.20 -2.54 -16.89
CA ASP A 91 -7.00 -3.48 -17.67
C ASP A 91 -7.79 -2.75 -18.76
N ARG A 92 -8.31 -1.58 -18.41
CA ARG A 92 -9.08 -0.78 -19.36
C ARG A 92 -8.17 -0.07 -20.36
N ALA A 93 -6.96 0.26 -19.90
CA ALA A 93 -5.99 0.94 -20.76
C ALA A 93 -5.43 -0.01 -21.82
N LEU A 94 -5.31 -1.28 -21.47
CA LEU A 94 -4.79 -2.29 -22.39
C LEU A 94 -5.68 -2.39 -23.63
N ARG A 95 -6.99 -2.35 -23.41
CA ARG A 95 -7.95 -2.45 -24.50
C ARG A 95 -7.45 -1.68 -25.74
N SER A 96 -7.49 -2.35 -26.88
CA SER A 96 -7.03 -1.74 -28.13
C SER A 96 -5.55 -1.39 -28.06
N PHE A 97 -4.77 -2.26 -27.43
CA PHE A 97 -3.33 -2.03 -27.29
C PHE A 97 -2.65 -1.96 -28.65
N LYS A 98 -2.77 -3.03 -29.42
CA LYS A 98 -2.16 -3.09 -30.74
C LYS A 98 -3.24 -3.18 -31.82
N SER A 99 -2.83 -2.99 -33.07
CA SER A 99 -3.75 -3.07 -34.20
C SER A 99 -4.26 -4.49 -34.39
N GLY A 100 -3.34 -5.44 -34.46
CA GLY A 100 -3.72 -6.83 -34.65
C GLY A 100 -3.69 -7.61 -33.34
N PRO A 101 -4.53 -8.66 -33.27
CA PRO A 101 -4.62 -9.52 -32.08
C PRO A 101 -3.38 -10.37 -31.89
N SER A 102 -3.15 -10.80 -30.65
CA SER A 102 -2.00 -11.63 -30.34
C SER A 102 -2.08 -12.15 -28.90
N SER A 103 -2.16 -13.47 -28.75
CA SER A 103 -2.24 -14.08 -27.43
C SER A 103 -1.20 -15.18 -27.28
N GLY A 104 -1.03 -15.66 -26.05
CA GLY A 104 -0.07 -16.72 -25.80
C GLY A 104 -0.16 -17.26 -24.38
#